data_5QOT
# 
_entry.id   5QOT 
# 
_audit_conform.dict_name       mmcif_pdbx.dic 
_audit_conform.dict_version    5.387 
_audit_conform.dict_location   http://mmcif.pdb.org/dictionaries/ascii/mmcif_pdbx.dic 
# 
loop_
_database_2.database_id 
_database_2.database_code 
_database_2.pdbx_database_accession 
_database_2.pdbx_DOI 
PDB   5QOT         pdb_00005qot 10.2210/pdb5qot/pdb 
WWPDB D_1001402218 ?            ?                   
# 
loop_
_pdbx_audit_revision_history.ordinal 
_pdbx_audit_revision_history.data_content_type 
_pdbx_audit_revision_history.major_revision 
_pdbx_audit_revision_history.minor_revision 
_pdbx_audit_revision_history.revision_date 
1 'Structure model' 1 0 2019-05-08 
2 'Structure model' 1 1 2019-11-20 
3 'Structure model' 1 2 2024-03-06 
# 
_pdbx_audit_revision_details.ordinal             1 
_pdbx_audit_revision_details.revision_ordinal    1 
_pdbx_audit_revision_details.data_content_type   'Structure model' 
_pdbx_audit_revision_details.provider            repository 
_pdbx_audit_revision_details.type                'Initial release' 
_pdbx_audit_revision_details.description         ? 
_pdbx_audit_revision_details.details             ? 
# 
loop_
_pdbx_audit_revision_group.ordinal 
_pdbx_audit_revision_group.revision_ordinal 
_pdbx_audit_revision_group.data_content_type 
_pdbx_audit_revision_group.group 
1 2 'Structure model' 'Data collection'     
2 3 'Structure model' 'Data collection'     
3 3 'Structure model' 'Database references' 
# 
loop_
_pdbx_audit_revision_category.ordinal 
_pdbx_audit_revision_category.revision_ordinal 
_pdbx_audit_revision_category.data_content_type 
_pdbx_audit_revision_category.category 
1 2 'Structure model' diffrn_source  
2 3 'Structure model' chem_comp_atom 
3 3 'Structure model' chem_comp_bond 
4 3 'Structure model' database_2     
# 
loop_
_pdbx_audit_revision_item.ordinal 
_pdbx_audit_revision_item.revision_ordinal 
_pdbx_audit_revision_item.data_content_type 
_pdbx_audit_revision_item.item 
1 2 'Structure model' '_diffrn_source.pdbx_synchrotron_beamline' 
2 2 'Structure model' '_diffrn_source.type'                      
3 3 'Structure model' '_database_2.pdbx_DOI'                     
4 3 'Structure model' '_database_2.pdbx_database_accession'      
# 
_pdbx_database_status.entry_id                        5QOT 
_pdbx_database_status.status_code                     REL 
_pdbx_database_status.status_code_sf                  REL 
_pdbx_database_status.status_code_mr                  ? 
_pdbx_database_status.status_code_cs                  ? 
_pdbx_database_status.recvd_initial_deposition_date   2019-02-22 
_pdbx_database_status.deposit_site                    RCSB 
_pdbx_database_status.process_site                    RCSB 
_pdbx_database_status.SG_entry                        ? 
_pdbx_database_status.pdb_format_compatible           Y 
_pdbx_database_status.methods_development_category    ? 
_pdbx_database_status.status_code_nmr_data            ? 
# 
loop_
_audit_author.name 
_audit_author.pdbx_ordinal 
_audit_author.identifier_ORCID 
'Nelson, E.R.'      1  ? 
'Velupillai, S.'    2  ? 
'Talon, R.'         3  ? 
'Collins, P.M.'     4  ? 
'Krojer, T.'        5  ? 
'Wang, D.'          6  ? 
'Brandao-Neto, J.'  7  ? 
'Douangamath, A.'   8  ? 
'Burgess-Brown, N.' 9  ? 
'Arrowsmith, C.H.'  10 ? 
'Bountra, C.'       11 ? 
'Huber, K.'         12 ? 
'von Delft, F.'     13 ? 
# 
_citation.id                        primary 
_citation.title                     'PanDDA analysis group deposition' 
_citation.journal_abbrev            'To Be Published' 
_citation.journal_volume            ? 
_citation.page_first                ? 
_citation.page_last                 ? 
_citation.year                      ? 
_citation.journal_id_ASTM           ? 
_citation.country                   ? 
_citation.journal_id_ISSN           ? 
_citation.journal_id_CSD            0353 
_citation.book_publisher            ? 
_citation.pdbx_database_id_PubMed   ? 
_citation.pdbx_database_id_DOI      ? 
# 
loop_
_citation_author.citation_id 
_citation_author.name 
_citation_author.identifier_ORCID 
_citation_author.ordinal 
primary 'Nelson, E.R.'      ? 1  
primary 'Velupillai, S.'    ? 2  
primary 'Talon, R.'         ? 3  
primary 'Collins, P.M.'     ? 4  
primary 'Krojer, T.'        ? 5  
primary 'Wang, D.'          ? 6  
primary 'Brandao-Neto, J.'  ? 7  
primary 'Douangamath, A.'   ? 8  
primary 'Burgess-Brown, N.' ? 9  
primary 'Arrowsmith, C.H.'  ? 10 
primary 'Bountra, C.'       ? 11 
primary 'Huber, K.'         ? 12 
primary 'von Delft, F.'     ? 13 
# 
loop_
_entity.id 
_entity.type 
_entity.src_method 
_entity.pdbx_description 
_entity.formula_weight 
_entity.pdbx_number_of_molecules 
_entity.pdbx_ec 
_entity.pdbx_mutation 
_entity.pdbx_fragment 
_entity.details 
1 polymer     man 'DCP2 (NUDT20)'                                                           19073.738 1  3.6.1.62 ? 
'UNP residues 95-260' ? 
2 non-polymer syn 1,2-ETHANEDIOL                                                            62.068    2  ?        ? ? ? 
3 non-polymer syn 'DIMETHYL SULFOXIDE'                                                      78.133    1  ?        ? ? ? 
4 non-polymer syn 'ACETATE ION'                                                             59.044    2  ?        ? ? ? 
5 non-polymer syn '1-(difluoromethyl)-N-[(4-fluorophenyl)methyl]-1H-pyrazole-3-carboxamide' 269.223   1  ?        ? ? ? 
6 water       nat water                                                                     18.015    86 ?        ? ? ? 
# 
_entity_name_com.entity_id   1 
_entity_name_com.name        
'Nucleoside diphosphate-linked moiety X motif 20, Nudix motif 20, mRNA-decapping enzyme 2, hDpc, m7GpppN-mRNA hydrolase' 
# 
_entity_poly.entity_id                      1 
_entity_poly.type                           'polypeptide(L)' 
_entity_poly.nstd_linkage                   no 
_entity_poly.nstd_monomer                   no 
_entity_poly.pdbx_seq_one_letter_code       
;SMGVPTYGAIILDETLENVLLVQGYLAKSGWGFPKGKVNKEEAPHDCAAREVFEETGFDIKDYICKDDYIELRINDQLAR
LYIIPGIPKDTKFNPKTRREIRNIEWFSIEKLPCHRNDMTPKSKLGLAPNKFFMAIPFIRPLRDWLSRRFGDSSDSDNGF
SSTGSTP
;
_entity_poly.pdbx_seq_one_letter_code_can   
;SMGVPTYGAIILDETLENVLLVQGYLAKSGWGFPKGKVNKEEAPHDCAAREVFEETGFDIKDYICKDDYIELRINDQLAR
LYIIPGIPKDTKFNPKTRREIRNIEWFSIEKLPCHRNDMTPKSKLGLAPNKFFMAIPFIRPLRDWLSRRFGDSSDSDNGF
SSTGSTP
;
_entity_poly.pdbx_strand_id                 A 
_entity_poly.pdbx_target_identifier         ? 
# 
loop_
_pdbx_entity_nonpoly.entity_id 
_pdbx_entity_nonpoly.name 
_pdbx_entity_nonpoly.comp_id 
2 1,2-ETHANEDIOL                                                            EDO 
3 'DIMETHYL SULFOXIDE'                                                      DMS 
4 'ACETATE ION'                                                             ACT 
5 '1-(difluoromethyl)-N-[(4-fluorophenyl)methyl]-1H-pyrazole-3-carboxamide' LEJ 
6 water                                                                     HOH 
# 
loop_
_entity_poly_seq.entity_id 
_entity_poly_seq.num 
_entity_poly_seq.mon_id 
_entity_poly_seq.hetero 
1 1   SER n 
1 2   MET n 
1 3   GLY n 
1 4   VAL n 
1 5   PRO n 
1 6   THR n 
1 7   TYR n 
1 8   GLY n 
1 9   ALA n 
1 10  ILE n 
1 11  ILE n 
1 12  LEU n 
1 13  ASP n 
1 14  GLU n 
1 15  THR n 
1 16  LEU n 
1 17  GLU n 
1 18  ASN n 
1 19  VAL n 
1 20  LEU n 
1 21  LEU n 
1 22  VAL n 
1 23  GLN n 
1 24  GLY n 
1 25  TYR n 
1 26  LEU n 
1 27  ALA n 
1 28  LYS n 
1 29  SER n 
1 30  GLY n 
1 31  TRP n 
1 32  GLY n 
1 33  PHE n 
1 34  PRO n 
1 35  LYS n 
1 36  GLY n 
1 37  LYS n 
1 38  VAL n 
1 39  ASN n 
1 40  LYS n 
1 41  GLU n 
1 42  GLU n 
1 43  ALA n 
1 44  PRO n 
1 45  HIS n 
1 46  ASP n 
1 47  CYS n 
1 48  ALA n 
1 49  ALA n 
1 50  ARG n 
1 51  GLU n 
1 52  VAL n 
1 53  PHE n 
1 54  GLU n 
1 55  GLU n 
1 56  THR n 
1 57  GLY n 
1 58  PHE n 
1 59  ASP n 
1 60  ILE n 
1 61  LYS n 
1 62  ASP n 
1 63  TYR n 
1 64  ILE n 
1 65  CYS n 
1 66  LYS n 
1 67  ASP n 
1 68  ASP n 
1 69  TYR n 
1 70  ILE n 
1 71  GLU n 
1 72  LEU n 
1 73  ARG n 
1 74  ILE n 
1 75  ASN n 
1 76  ASP n 
1 77  GLN n 
1 78  LEU n 
1 79  ALA n 
1 80  ARG n 
1 81  LEU n 
1 82  TYR n 
1 83  ILE n 
1 84  ILE n 
1 85  PRO n 
1 86  GLY n 
1 87  ILE n 
1 88  PRO n 
1 89  LYS n 
1 90  ASP n 
1 91  THR n 
1 92  LYS n 
1 93  PHE n 
1 94  ASN n 
1 95  PRO n 
1 96  LYS n 
1 97  THR n 
1 98  ARG n 
1 99  ARG n 
1 100 GLU n 
1 101 ILE n 
1 102 ARG n 
1 103 ASN n 
1 104 ILE n 
1 105 GLU n 
1 106 TRP n 
1 107 PHE n 
1 108 SER n 
1 109 ILE n 
1 110 GLU n 
1 111 LYS n 
1 112 LEU n 
1 113 PRO n 
1 114 CYS n 
1 115 HIS n 
1 116 ARG n 
1 117 ASN n 
1 118 ASP n 
1 119 MET n 
1 120 THR n 
1 121 PRO n 
1 122 LYS n 
1 123 SER n 
1 124 LYS n 
1 125 LEU n 
1 126 GLY n 
1 127 LEU n 
1 128 ALA n 
1 129 PRO n 
1 130 ASN n 
1 131 LYS n 
1 132 PHE n 
1 133 PHE n 
1 134 MET n 
1 135 ALA n 
1 136 ILE n 
1 137 PRO n 
1 138 PHE n 
1 139 ILE n 
1 140 ARG n 
1 141 PRO n 
1 142 LEU n 
1 143 ARG n 
1 144 ASP n 
1 145 TRP n 
1 146 LEU n 
1 147 SER n 
1 148 ARG n 
1 149 ARG n 
1 150 PHE n 
1 151 GLY n 
1 152 ASP n 
1 153 SER n 
1 154 SER n 
1 155 ASP n 
1 156 SER n 
1 157 ASP n 
1 158 ASN n 
1 159 GLY n 
1 160 PHE n 
1 161 SER n 
1 162 SER n 
1 163 THR n 
1 164 GLY n 
1 165 SER n 
1 166 THR n 
1 167 PRO n 
# 
_entity_src_gen.entity_id                          1 
_entity_src_gen.pdbx_src_id                        1 
_entity_src_gen.pdbx_alt_source_flag               sample 
_entity_src_gen.pdbx_seq_type                      'Biological sequence' 
_entity_src_gen.pdbx_beg_seq_num                   1 
_entity_src_gen.pdbx_end_seq_num                   167 
_entity_src_gen.gene_src_common_name               Human 
_entity_src_gen.gene_src_genus                     ? 
_entity_src_gen.pdbx_gene_src_gene                 'DCP2, NUDT20' 
_entity_src_gen.gene_src_species                   ? 
_entity_src_gen.gene_src_strain                    ? 
_entity_src_gen.gene_src_tissue                    ? 
_entity_src_gen.gene_src_tissue_fraction           ? 
_entity_src_gen.gene_src_details                   ? 
_entity_src_gen.pdbx_gene_src_fragment             ? 
_entity_src_gen.pdbx_gene_src_scientific_name      'Homo sapiens' 
_entity_src_gen.pdbx_gene_src_ncbi_taxonomy_id     9606 
_entity_src_gen.pdbx_gene_src_variant              ? 
_entity_src_gen.pdbx_gene_src_cell_line            ? 
_entity_src_gen.pdbx_gene_src_atcc                 ? 
_entity_src_gen.pdbx_gene_src_organ                ? 
_entity_src_gen.pdbx_gene_src_organelle            ? 
_entity_src_gen.pdbx_gene_src_cell                 ? 
_entity_src_gen.pdbx_gene_src_cellular_location    ? 
_entity_src_gen.host_org_common_name               ? 
_entity_src_gen.pdbx_host_org_scientific_name      'Escherichia coli' 
_entity_src_gen.pdbx_host_org_ncbi_taxonomy_id     562 
_entity_src_gen.host_org_genus                     ? 
_entity_src_gen.pdbx_host_org_gene                 ? 
_entity_src_gen.pdbx_host_org_organ                ? 
_entity_src_gen.host_org_species                   ? 
_entity_src_gen.pdbx_host_org_tissue               ? 
_entity_src_gen.pdbx_host_org_tissue_fraction      ? 
_entity_src_gen.pdbx_host_org_strain               ? 
_entity_src_gen.pdbx_host_org_variant              ? 
_entity_src_gen.pdbx_host_org_cell_line            ? 
_entity_src_gen.pdbx_host_org_atcc                 ? 
_entity_src_gen.pdbx_host_org_culture_collection   ? 
_entity_src_gen.pdbx_host_org_cell                 ? 
_entity_src_gen.pdbx_host_org_organelle            ? 
_entity_src_gen.pdbx_host_org_cellular_location    ? 
_entity_src_gen.pdbx_host_org_vector_type          ? 
_entity_src_gen.pdbx_host_org_vector               ? 
_entity_src_gen.host_org_details                   ? 
_entity_src_gen.expression_system_id               ? 
_entity_src_gen.plasmid_name                       ? 
_entity_src_gen.plasmid_details                    ? 
_entity_src_gen.pdbx_description                   ? 
# 
loop_
_chem_comp.id 
_chem_comp.type 
_chem_comp.mon_nstd_flag 
_chem_comp.name 
_chem_comp.pdbx_synonyms 
_chem_comp.formula 
_chem_comp.formula_weight 
ACT non-polymer         . 'ACETATE ION'                                                             ?                 
'C2 H3 O2 -1'     59.044  
ALA 'L-peptide linking' y ALANINE                                                                   ?                 'C3 H7 N O2' 
89.093  
ARG 'L-peptide linking' y ARGININE                                                                  ?                 
'C6 H15 N4 O2 1'  175.209 
ASN 'L-peptide linking' y ASPARAGINE                                                                ?                 
'C4 H8 N2 O3'     132.118 
ASP 'L-peptide linking' y 'ASPARTIC ACID'                                                           ?                 'C4 H7 N O4' 
133.103 
CYS 'L-peptide linking' y CYSTEINE                                                                  ?                 
'C3 H7 N O2 S'    121.158 
DMS non-polymer         . 'DIMETHYL SULFOXIDE'                                                      ?                 'C2 H6 O S' 
78.133  
EDO non-polymer         . 1,2-ETHANEDIOL                                                            'ETHYLENE GLYCOL' 'C2 H6 O2' 
62.068  
GLN 'L-peptide linking' y GLUTAMINE                                                                 ?                 
'C5 H10 N2 O3'    146.144 
GLU 'L-peptide linking' y 'GLUTAMIC ACID'                                                           ?                 'C5 H9 N O4' 
147.129 
GLY 'peptide linking'   y GLYCINE                                                                   ?                 'C2 H5 N O2' 
75.067  
HIS 'L-peptide linking' y HISTIDINE                                                                 ?                 
'C6 H10 N3 O2 1'  156.162 
HOH non-polymer         . WATER                                                                     ?                 'H2 O' 
18.015  
ILE 'L-peptide linking' y ISOLEUCINE                                                                ?                 
'C6 H13 N O2'     131.173 
LEJ non-polymer         . '1-(difluoromethyl)-N-[(4-fluorophenyl)methyl]-1H-pyrazole-3-carboxamide' ?                 
'C12 H10 F3 N3 O' 269.223 
LEU 'L-peptide linking' y LEUCINE                                                                   ?                 
'C6 H13 N O2'     131.173 
LYS 'L-peptide linking' y LYSINE                                                                    ?                 
'C6 H15 N2 O2 1'  147.195 
MET 'L-peptide linking' y METHIONINE                                                                ?                 
'C5 H11 N O2 S'   149.211 
PHE 'L-peptide linking' y PHENYLALANINE                                                             ?                 
'C9 H11 N O2'     165.189 
PRO 'L-peptide linking' y PROLINE                                                                   ?                 'C5 H9 N O2' 
115.130 
SER 'L-peptide linking' y SERINE                                                                    ?                 'C3 H7 N O3' 
105.093 
THR 'L-peptide linking' y THREONINE                                                                 ?                 'C4 H9 N O3' 
119.119 
TRP 'L-peptide linking' y TRYPTOPHAN                                                                ?                 
'C11 H12 N2 O2'   204.225 
TYR 'L-peptide linking' y TYROSINE                                                                  ?                 
'C9 H11 N O3'     181.189 
VAL 'L-peptide linking' y VALINE                                                                    ?                 
'C5 H11 N O2'     117.146 
# 
loop_
_pdbx_poly_seq_scheme.asym_id 
_pdbx_poly_seq_scheme.entity_id 
_pdbx_poly_seq_scheme.seq_id 
_pdbx_poly_seq_scheme.mon_id 
_pdbx_poly_seq_scheme.ndb_seq_num 
_pdbx_poly_seq_scheme.pdb_seq_num 
_pdbx_poly_seq_scheme.auth_seq_num 
_pdbx_poly_seq_scheme.pdb_mon_id 
_pdbx_poly_seq_scheme.auth_mon_id 
_pdbx_poly_seq_scheme.pdb_strand_id 
_pdbx_poly_seq_scheme.pdb_ins_code 
_pdbx_poly_seq_scheme.hetero 
A 1 1   SER 1   94  ?   ?   ?   A . n 
A 1 2   MET 2   95  ?   ?   ?   A . n 
A 1 3   GLY 3   96  96  GLY GLY A . n 
A 1 4   VAL 4   97  97  VAL VAL A . n 
A 1 5   PRO 5   98  98  PRO PRO A . n 
A 1 6   THR 6   99  99  THR THR A . n 
A 1 7   TYR 7   100 100 TYR TYR A . n 
A 1 8   GLY 8   101 101 GLY GLY A . n 
A 1 9   ALA 9   102 102 ALA ALA A . n 
A 1 10  ILE 10  103 103 ILE ILE A . n 
A 1 11  ILE 11  104 104 ILE ILE A . n 
A 1 12  LEU 12  105 105 LEU LEU A . n 
A 1 13  ASP 13  106 106 ASP ASP A . n 
A 1 14  GLU 14  107 107 GLU GLU A . n 
A 1 15  THR 15  108 108 THR THR A . n 
A 1 16  LEU 16  109 109 LEU LEU A . n 
A 1 17  GLU 17  110 110 GLU GLU A . n 
A 1 18  ASN 18  111 111 ASN ASN A . n 
A 1 19  VAL 19  112 112 VAL VAL A . n 
A 1 20  LEU 20  113 113 LEU LEU A . n 
A 1 21  LEU 21  114 114 LEU LEU A . n 
A 1 22  VAL 22  115 115 VAL VAL A . n 
A 1 23  GLN 23  116 116 GLN GLN A . n 
A 1 24  GLY 24  117 117 GLY GLY A . n 
A 1 25  TYR 25  118 118 TYR TYR A . n 
A 1 26  LEU 26  119 119 LEU LEU A . n 
A 1 27  ALA 27  120 120 ALA ALA A . n 
A 1 28  LYS 28  121 121 LYS LYS A . n 
A 1 29  SER 29  122 122 SER SER A . n 
A 1 30  GLY 30  123 123 GLY GLY A . n 
A 1 31  TRP 31  124 124 TRP TRP A . n 
A 1 32  GLY 32  125 125 GLY GLY A . n 
A 1 33  PHE 33  126 126 PHE PHE A . n 
A 1 34  PRO 34  127 127 PRO PRO A . n 
A 1 35  LYS 35  128 128 LYS LYS A . n 
A 1 36  GLY 36  129 129 GLY GLY A . n 
A 1 37  LYS 37  130 130 LYS LYS A . n 
A 1 38  VAL 38  131 131 VAL VAL A . n 
A 1 39  ASN 39  132 132 ASN ASN A . n 
A 1 40  LYS 40  133 133 LYS LYS A . n 
A 1 41  GLU 41  134 134 GLU GLU A . n 
A 1 42  GLU 42  135 135 GLU GLU A . n 
A 1 43  ALA 43  136 136 ALA ALA A . n 
A 1 44  PRO 44  137 137 PRO PRO A . n 
A 1 45  HIS 45  138 138 HIS HIS A . n 
A 1 46  ASP 46  139 139 ASP ASP A . n 
A 1 47  CYS 47  140 140 CYS CYS A . n 
A 1 48  ALA 48  141 141 ALA ALA A . n 
A 1 49  ALA 49  142 142 ALA ALA A . n 
A 1 50  ARG 50  143 143 ARG ARG A . n 
A 1 51  GLU 51  144 144 GLU GLU A . n 
A 1 52  VAL 52  145 145 VAL VAL A . n 
A 1 53  PHE 53  146 146 PHE PHE A . n 
A 1 54  GLU 54  147 147 GLU GLU A . n 
A 1 55  GLU 55  148 148 GLU GLU A . n 
A 1 56  THR 56  149 149 THR THR A . n 
A 1 57  GLY 57  150 150 GLY GLY A . n 
A 1 58  PHE 58  151 151 PHE PHE A . n 
A 1 59  ASP 59  152 152 ASP ASP A . n 
A 1 60  ILE 60  153 153 ILE ILE A . n 
A 1 61  LYS 61  154 154 LYS LYS A . n 
A 1 62  ASP 62  155 155 ASP ASP A . n 
A 1 63  TYR 63  156 156 TYR TYR A . n 
A 1 64  ILE 64  157 157 ILE ILE A . n 
A 1 65  CYS 65  158 158 CYS CYS A . n 
A 1 66  LYS 66  159 159 LYS LYS A . n 
A 1 67  ASP 67  160 160 ASP ASP A . n 
A 1 68  ASP 68  161 161 ASP ASP A . n 
A 1 69  TYR 69  162 162 TYR TYR A . n 
A 1 70  ILE 70  163 163 ILE ILE A . n 
A 1 71  GLU 71  164 164 GLU GLU A . n 
A 1 72  LEU 72  165 165 LEU LEU A . n 
A 1 73  ARG 73  166 166 ARG ARG A . n 
A 1 74  ILE 74  167 167 ILE ILE A . n 
A 1 75  ASN 75  168 168 ASN ASN A . n 
A 1 76  ASP 76  169 169 ASP ASP A . n 
A 1 77  GLN 77  170 170 GLN GLN A . n 
A 1 78  LEU 78  171 171 LEU LEU A . n 
A 1 79  ALA 79  172 172 ALA ALA A . n 
A 1 80  ARG 80  173 173 ARG ARG A . n 
A 1 81  LEU 81  174 174 LEU LEU A . n 
A 1 82  TYR 82  175 175 TYR TYR A . n 
A 1 83  ILE 83  176 176 ILE ILE A . n 
A 1 84  ILE 84  177 177 ILE ILE A . n 
A 1 85  PRO 85  178 178 PRO PRO A . n 
A 1 86  GLY 86  179 179 GLY GLY A . n 
A 1 87  ILE 87  180 180 ILE ILE A . n 
A 1 88  PRO 88  181 181 PRO PRO A . n 
A 1 89  LYS 89  182 182 LYS LYS A . n 
A 1 90  ASP 90  183 183 ASP ASP A . n 
A 1 91  THR 91  184 184 THR THR A . n 
A 1 92  LYS 92  185 185 LYS LYS A . n 
A 1 93  PHE 93  186 186 PHE PHE A . n 
A 1 94  ASN 94  187 187 ASN ASN A . n 
A 1 95  PRO 95  188 188 PRO PRO A . n 
A 1 96  LYS 96  189 189 LYS LYS A . n 
A 1 97  THR 97  190 190 THR THR A . n 
A 1 98  ARG 98  191 191 ARG ARG A . n 
A 1 99  ARG 99  192 192 ARG ARG A . n 
A 1 100 GLU 100 193 193 GLU GLU A . n 
A 1 101 ILE 101 194 194 ILE ILE A . n 
A 1 102 ARG 102 195 195 ARG ARG A . n 
A 1 103 ASN 103 196 196 ASN ASN A . n 
A 1 104 ILE 104 197 197 ILE ILE A . n 
A 1 105 GLU 105 198 198 GLU GLU A . n 
A 1 106 TRP 106 199 199 TRP TRP A . n 
A 1 107 PHE 107 200 200 PHE PHE A . n 
A 1 108 SER 108 201 201 SER SER A . n 
A 1 109 ILE 109 202 202 ILE ILE A . n 
A 1 110 GLU 110 203 203 GLU GLU A . n 
A 1 111 LYS 111 204 204 LYS LYS A . n 
A 1 112 LEU 112 205 205 LEU LEU A . n 
A 1 113 PRO 113 206 206 PRO PRO A . n 
A 1 114 CYS 114 207 207 CYS CYS A . n 
A 1 115 HIS 115 208 208 HIS HIS A . n 
A 1 116 ARG 116 209 209 ARG ARG A . n 
A 1 117 ASN 117 210 210 ASN ASN A . n 
A 1 118 ASP 118 211 211 ASP ASP A . n 
A 1 119 MET 119 212 212 MET MET A . n 
A 1 120 THR 120 213 213 THR THR A . n 
A 1 121 PRO 121 214 214 PRO PRO A . n 
A 1 122 LYS 122 215 215 LYS LYS A . n 
A 1 123 SER 123 216 216 SER SER A . n 
A 1 124 LYS 124 217 217 LYS LYS A . n 
A 1 125 LEU 125 218 218 LEU LEU A . n 
A 1 126 GLY 126 219 219 GLY GLY A . n 
A 1 127 LEU 127 220 220 LEU LEU A . n 
A 1 128 ALA 128 221 221 ALA ALA A . n 
A 1 129 PRO 129 222 222 PRO PRO A . n 
A 1 130 ASN 130 223 223 ASN ASN A . n 
A 1 131 LYS 131 224 224 LYS LYS A . n 
A 1 132 PHE 132 225 225 PHE PHE A . n 
A 1 133 PHE 133 226 226 PHE PHE A . n 
A 1 134 MET 134 227 227 MET MET A . n 
A 1 135 ALA 135 228 228 ALA ALA A . n 
A 1 136 ILE 136 229 229 ILE ILE A . n 
A 1 137 PRO 137 230 230 PRO PRO A . n 
A 1 138 PHE 138 231 231 PHE PHE A . n 
A 1 139 ILE 139 232 232 ILE ILE A . n 
A 1 140 ARG 140 233 233 ARG ARG A . n 
A 1 141 PRO 141 234 234 PRO PRO A . n 
A 1 142 LEU 142 235 235 LEU LEU A . n 
A 1 143 ARG 143 236 236 ARG ARG A . n 
A 1 144 ASP 144 237 237 ASP ASP A . n 
A 1 145 TRP 145 238 238 TRP TRP A . n 
A 1 146 LEU 146 239 239 LEU LEU A . n 
A 1 147 SER 147 240 240 SER SER A . n 
A 1 148 ARG 148 241 241 ARG ARG A . n 
A 1 149 ARG 149 242 242 ARG ARG A . n 
A 1 150 PHE 150 243 243 PHE PHE A . n 
A 1 151 GLY 151 244 244 GLY GLY A . n 
A 1 152 ASP 152 245 ?   ?   ?   A . n 
A 1 153 SER 153 246 ?   ?   ?   A . n 
A 1 154 SER 154 247 ?   ?   ?   A . n 
A 1 155 ASP 155 248 ?   ?   ?   A . n 
A 1 156 SER 156 249 ?   ?   ?   A . n 
A 1 157 ASP 157 250 ?   ?   ?   A . n 
A 1 158 ASN 158 251 ?   ?   ?   A . n 
A 1 159 GLY 159 252 ?   ?   ?   A . n 
A 1 160 PHE 160 253 ?   ?   ?   A . n 
A 1 161 SER 161 254 ?   ?   ?   A . n 
A 1 162 SER 162 255 ?   ?   ?   A . n 
A 1 163 THR 163 256 ?   ?   ?   A . n 
A 1 164 GLY 164 257 ?   ?   ?   A . n 
A 1 165 SER 165 258 ?   ?   ?   A . n 
A 1 166 THR 166 259 ?   ?   ?   A . n 
A 1 167 PRO 167 260 ?   ?   ?   A . n 
# 
loop_
_pdbx_nonpoly_scheme.asym_id 
_pdbx_nonpoly_scheme.entity_id 
_pdbx_nonpoly_scheme.mon_id 
_pdbx_nonpoly_scheme.ndb_seq_num 
_pdbx_nonpoly_scheme.pdb_seq_num 
_pdbx_nonpoly_scheme.auth_seq_num 
_pdbx_nonpoly_scheme.pdb_mon_id 
_pdbx_nonpoly_scheme.auth_mon_id 
_pdbx_nonpoly_scheme.pdb_strand_id 
_pdbx_nonpoly_scheme.pdb_ins_code 
B 2 EDO 1  301 2   EDO EDO A . 
C 2 EDO 1  302 3   EDO EDO A . 
D 3 DMS 1  303 1   DMS DMS A . 
E 4 ACT 1  304 1   ACT ACT A . 
F 4 ACT 1  305 2   ACT ACT A . 
G 5 LEJ 1  306 1   LEJ LIG A . 
H 6 HOH 1  401 83  HOH HOH A . 
H 6 HOH 2  402 19  HOH HOH A . 
H 6 HOH 3  403 70  HOH HOH A . 
H 6 HOH 4  404 12  HOH HOH A . 
H 6 HOH 5  405 66  HOH HOH A . 
H 6 HOH 6  406 60  HOH HOH A . 
H 6 HOH 7  407 96  HOH HOH A . 
H 6 HOH 8  408 17  HOH HOH A . 
H 6 HOH 9  409 8   HOH HOH A . 
H 6 HOH 10 410 23  HOH HOH A . 
H 6 HOH 11 411 90  HOH HOH A . 
H 6 HOH 12 412 16  HOH HOH A . 
H 6 HOH 13 413 67  HOH HOH A . 
H 6 HOH 14 414 68  HOH HOH A . 
H 6 HOH 15 415 10  HOH HOH A . 
H 6 HOH 16 416 38  HOH HOH A . 
H 6 HOH 17 417 101 HOH HOH A . 
H 6 HOH 18 418 95  HOH HOH A . 
H 6 HOH 19 419 71  HOH HOH A . 
H 6 HOH 20 420 39  HOH HOH A . 
H 6 HOH 21 421 78  HOH HOH A . 
H 6 HOH 22 422 88  HOH HOH A . 
H 6 HOH 23 423 13  HOH HOH A . 
H 6 HOH 24 424 31  HOH HOH A . 
H 6 HOH 25 425 14  HOH HOH A . 
H 6 HOH 26 426 46  HOH HOH A . 
H 6 HOH 27 427 15  HOH HOH A . 
H 6 HOH 28 428 81  HOH HOH A . 
H 6 HOH 29 429 85  HOH HOH A . 
H 6 HOH 30 430 76  HOH HOH A . 
H 6 HOH 31 431 1   HOH HOH A . 
H 6 HOH 32 432 32  HOH HOH A . 
H 6 HOH 33 433 2   HOH HOH A . 
H 6 HOH 34 434 100 HOH HOH A . 
H 6 HOH 35 435 24  HOH HOH A . 
H 6 HOH 36 436 79  HOH HOH A . 
H 6 HOH 37 437 4   HOH HOH A . 
H 6 HOH 38 438 35  HOH HOH A . 
H 6 HOH 39 439 103 HOH HOH A . 
H 6 HOH 40 440 29  HOH HOH A . 
H 6 HOH 41 441 5   HOH HOH A . 
H 6 HOH 42 442 3   HOH HOH A . 
H 6 HOH 43 443 80  HOH HOH A . 
H 6 HOH 44 444 106 HOH HOH A . 
H 6 HOH 45 445 18  HOH HOH A . 
H 6 HOH 46 446 94  HOH HOH A . 
H 6 HOH 47 447 6   HOH HOH A . 
H 6 HOH 48 448 27  HOH HOH A . 
H 6 HOH 49 449 7   HOH HOH A . 
H 6 HOH 50 450 55  HOH HOH A . 
H 6 HOH 51 451 65  HOH HOH A . 
H 6 HOH 52 452 50  HOH HOH A . 
H 6 HOH 53 453 59  HOH HOH A . 
H 6 HOH 54 454 9   HOH HOH A . 
H 6 HOH 55 455 84  HOH HOH A . 
H 6 HOH 56 456 57  HOH HOH A . 
H 6 HOH 57 457 74  HOH HOH A . 
H 6 HOH 58 458 11  HOH HOH A . 
H 6 HOH 59 459 43  HOH HOH A . 
H 6 HOH 60 460 42  HOH HOH A . 
H 6 HOH 61 461 102 HOH HOH A . 
H 6 HOH 62 462 33  HOH HOH A . 
H 6 HOH 63 463 21  HOH HOH A . 
H 6 HOH 64 464 28  HOH HOH A . 
H 6 HOH 65 465 47  HOH HOH A . 
H 6 HOH 66 466 36  HOH HOH A . 
H 6 HOH 67 467 69  HOH HOH A . 
H 6 HOH 68 468 62  HOH HOH A . 
H 6 HOH 69 469 97  HOH HOH A . 
H 6 HOH 70 470 72  HOH HOH A . 
H 6 HOH 71 471 105 HOH HOH A . 
H 6 HOH 72 472 30  HOH HOH A . 
H 6 HOH 73 473 22  HOH HOH A . 
H 6 HOH 74 474 25  HOH HOH A . 
H 6 HOH 75 475 75  HOH HOH A . 
H 6 HOH 76 476 52  HOH HOH A . 
H 6 HOH 77 477 92  HOH HOH A . 
H 6 HOH 78 478 40  HOH HOH A . 
H 6 HOH 79 479 26  HOH HOH A . 
H 6 HOH 80 480 86  HOH HOH A . 
H 6 HOH 81 481 51  HOH HOH A . 
H 6 HOH 82 482 98  HOH HOH A . 
H 6 HOH 83 483 20  HOH HOH A . 
H 6 HOH 84 484 56  HOH HOH A . 
H 6 HOH 85 485 93  HOH HOH A . 
H 6 HOH 86 486 41  HOH HOH A . 
# 
loop_
_pdbx_unobs_or_zero_occ_atoms.id 
_pdbx_unobs_or_zero_occ_atoms.PDB_model_num 
_pdbx_unobs_or_zero_occ_atoms.polymer_flag 
_pdbx_unobs_or_zero_occ_atoms.occupancy_flag 
_pdbx_unobs_or_zero_occ_atoms.auth_asym_id 
_pdbx_unobs_or_zero_occ_atoms.auth_comp_id 
_pdbx_unobs_or_zero_occ_atoms.auth_seq_id 
_pdbx_unobs_or_zero_occ_atoms.PDB_ins_code 
_pdbx_unobs_or_zero_occ_atoms.auth_atom_id 
_pdbx_unobs_or_zero_occ_atoms.label_alt_id 
_pdbx_unobs_or_zero_occ_atoms.label_asym_id 
_pdbx_unobs_or_zero_occ_atoms.label_comp_id 
_pdbx_unobs_or_zero_occ_atoms.label_seq_id 
_pdbx_unobs_or_zero_occ_atoms.label_atom_id 
1  1 Y 1 A LYS 130 ? CE  ? A LYS 37  CE  
2  1 Y 1 A LYS 130 ? NZ  ? A LYS 37  NZ  
3  1 Y 1 A LYS 133 ? CG  ? A LYS 40  CG  
4  1 Y 1 A LYS 133 ? CD  ? A LYS 40  CD  
5  1 Y 1 A LYS 133 ? CE  ? A LYS 40  CE  
6  1 Y 1 A LYS 133 ? NZ  ? A LYS 40  NZ  
7  1 Y 1 A GLU 134 ? CG  ? A GLU 41  CG  
8  1 Y 1 A GLU 134 ? CD  ? A GLU 41  CD  
9  1 Y 1 A GLU 134 ? OE1 ? A GLU 41  OE1 
10 1 Y 1 A GLU 134 ? OE2 ? A GLU 41  OE2 
11 1 Y 1 A LYS 159 ? CD  ? A LYS 66  CD  
12 1 Y 1 A LYS 159 ? CE  ? A LYS 66  CE  
13 1 Y 1 A LYS 159 ? NZ  ? A LYS 66  NZ  
14 1 Y 1 A LYS 185 ? CE  ? A LYS 92  CE  
15 1 Y 1 A LYS 185 ? NZ  ? A LYS 92  NZ  
16 1 Y 1 A LYS 215 ? CD  ? A LYS 122 CD  
17 1 Y 1 A LYS 215 ? CE  ? A LYS 122 CE  
18 1 Y 1 A LYS 215 ? NZ  ? A LYS 122 NZ  
19 1 Y 1 A LYS 217 ? CE  ? A LYS 124 CE  
20 1 Y 1 A LYS 217 ? NZ  ? A LYS 124 NZ  
21 1 Y 1 A ARG 241 ? CD  ? A ARG 148 CD  
22 1 Y 1 A ARG 241 ? NE  ? A ARG 148 NE  
23 1 Y 1 A ARG 241 ? CZ  ? A ARG 148 CZ  
24 1 Y 1 A ARG 241 ? NH1 ? A ARG 148 NH1 
25 1 Y 1 A ARG 241 ? NH2 ? A ARG 148 NH2 
# 
loop_
_software.pdbx_ordinal 
_software.name 
_software.version 
_software.date 
_software.type 
_software.contact_author 
_software.contact_author_email 
_software.classification 
_software.location 
_software.language 
_software.citation_id 
1 REFMAC      5.8.0158 ?               program 'Garib N. Murshudov' garib@ysbl.york.ac.uk    refinement        
http://www.ccp4.ac.uk/dist/html/refmac5.html        Fortran_77 ? 
2 Aimless     0.5.32   29/03/17        program 'Phil Evans'         ?                        'data scaling'    
http://www.mrc-lmb.cam.ac.uk/harry/pre/aimless.html ?          ? 
3 PDB_EXTRACT 3.23     'SEP. 23, 2016' package PDB                  deposit@deposit.rcsb.org 'data extraction' 
http://sw-tools.pdb.org/apps/PDB_EXTRACT/           C++        ? 
4 XDS         .        ?               program ?                    ?                        'data reduction'  ? ?          ? 
5 REFMAC      .        ?               program ?                    ?                        phasing           ? ?          ? 
# 
_cell.entry_id           5QOT 
_cell.length_a           47.956 
_cell.length_b           60.468 
_cell.length_c           65.205 
_cell.angle_alpha        90.000 
_cell.angle_beta         90.000 
_cell.angle_gamma        90.000 
_cell.Z_PDB              4 
_cell.pdbx_unique_axis   ? 
# 
_symmetry.entry_id                         5QOT 
_symmetry.space_group_name_H-M             'P 21 21 21' 
_symmetry.pdbx_full_space_group_name_H-M   ? 
_symmetry.cell_setting                     ? 
_symmetry.Int_Tables_number                19 
# 
_exptl.crystals_number   1 
_exptl.entry_id          5QOT 
_exptl.method            'X-RAY DIFFRACTION' 
# 
_exptl_crystal.id                    1 
_exptl_crystal.pdbx_mosaicity        0.140 
_exptl_crystal.pdbx_mosaicity_esd    ? 
_exptl_crystal.density_Matthews      2.48 
_exptl_crystal.density_diffrn        ? 
_exptl_crystal.density_meas          ? 
_exptl_crystal.density_meas_temp     ? 
_exptl_crystal.density_percent_sol   50.37 
_exptl_crystal.size_max              ? 
_exptl_crystal.size_mid              ? 
_exptl_crystal.size_min              ? 
_exptl_crystal.size_rad              ? 
_exptl_crystal.description           ? 
# 
_exptl_crystal_grow.crystal_id      1 
_exptl_crystal_grow.method          'VAPOR DIFFUSION, SITTING DROP' 
_exptl_crystal_grow.pH              4.5 
_exptl_crystal_grow.temp            277 
_exptl_crystal_grow.pdbx_details    '0.1 M acetate, pH 4.5, 5-25% PEG3350' 
_exptl_crystal_grow.temp_details    ? 
_exptl_crystal_grow.pdbx_pH_range   ? 
# 
_diffrn.id                     1 
_diffrn.ambient_temp           ? 
_diffrn.crystal_id             1 
_diffrn.ambient_temp_details   ? 
# 
_diffrn_detector.detector               PIXEL 
_diffrn_detector.type                   'DECTRIS PILATUS 2M' 
_diffrn_detector.pdbx_collection_date   2017-07-26 
_diffrn_detector.diffrn_id              1 
_diffrn_detector.details                ? 
# 
_diffrn_radiation.diffrn_id                        1 
_diffrn_radiation.wavelength_id                    1 
_diffrn_radiation.pdbx_diffrn_protocol             'SINGLE WAVELENGTH' 
_diffrn_radiation.pdbx_monochromatic_or_laue_m_l   ? 
_diffrn_radiation.monochromator                    ? 
_diffrn_radiation.pdbx_scattering_type             x-ray 
# 
_diffrn_radiation_wavelength.id           1 
_diffrn_radiation_wavelength.wavelength   0.91587 
_diffrn_radiation_wavelength.wt           1.0 
# 
_diffrn_source.diffrn_id                   1 
_diffrn_source.source                      SYNCHROTRON 
_diffrn_source.type                        'DIAMOND BEAMLINE I04-1' 
_diffrn_source.pdbx_wavelength_list        0.91587 
_diffrn_source.pdbx_synchrotron_site       Diamond 
_diffrn_source.pdbx_synchrotron_beamline   I04-1 
_diffrn_source.pdbx_wavelength             ? 
# 
_reflns.entry_id                     5QOT 
_reflns.pdbx_diffrn_id               1 
_reflns.pdbx_ordinal                 1 
_reflns.observed_criterion_sigma_I   ? 
_reflns.observed_criterion_sigma_F   ? 
_reflns.d_resolution_low             28.700 
_reflns.d_resolution_high            1.680 
_reflns.number_obs                   22122 
_reflns.number_all                   ? 
_reflns.percent_possible_obs         99.500 
_reflns.pdbx_Rmerge_I_obs            0.033 
_reflns.pdbx_Rsym_value              ? 
_reflns.pdbx_netI_over_sigmaI        24.200 
_reflns.B_iso_Wilson_estimate        ? 
_reflns.pdbx_redundancy              6.400 
_reflns.pdbx_Rrim_I_all              0.036 
_reflns.pdbx_Rpim_I_all              0.014 
_reflns.pdbx_CC_half                 1.000 
_reflns.pdbx_netI_over_av_sigmaI     ? 
_reflns.pdbx_number_measured_all     140864 
_reflns.pdbx_scaling_rejects         0 
_reflns.pdbx_chi_squared             ? 
_reflns.Rmerge_F_all                 ? 
_reflns.Rmerge_F_obs                 ? 
_reflns.observed_criterion_F_max     ? 
_reflns.observed_criterion_F_min     ? 
_reflns.observed_criterion_I_max     ? 
_reflns.observed_criterion_I_min     ? 
_reflns.pdbx_d_res_high_opt          ? 
_reflns.pdbx_d_res_low_opt           ? 
_reflns.details                      ? 
# 
loop_
_reflns_shell.pdbx_diffrn_id 
_reflns_shell.pdbx_ordinal 
_reflns_shell.d_res_high 
_reflns_shell.d_res_low 
_reflns_shell.number_measured_obs 
_reflns_shell.number_measured_all 
_reflns_shell.number_unique_obs 
_reflns_shell.pdbx_rejects 
_reflns_shell.Rmerge_I_obs 
_reflns_shell.meanI_over_sigI_obs 
_reflns_shell.pdbx_Rsym_value 
_reflns_shell.pdbx_chi_squared 
_reflns_shell.pdbx_redundancy 
_reflns_shell.percent_possible_obs 
_reflns_shell.pdbx_netI_over_sigmaI_obs 
_reflns_shell.number_possible 
_reflns_shell.number_unique_all 
_reflns_shell.Rmerge_F_all 
_reflns_shell.Rmerge_F_obs 
_reflns_shell.Rmerge_I_all 
_reflns_shell.meanI_over_sigI_all 
_reflns_shell.percent_possible_all 
_reflns_shell.pdbx_Rrim_I_all 
_reflns_shell.pdbx_Rpim_I_all 
_reflns_shell.pdbx_CC_half 
1 1 1.680 1.720  ? 8685 ? ? 0.691 ? ? ? 5.500 ? 2.400  ? 1583 ? ? ? ? 98.600 0.765 0.321 0.861 
1 2 7.510 28.700 ? 1640 ? ? 0.018 ? ? ? 5.500 ? 69.700 ? 296  ? ? ? ? 97.900 0.020 0.009 0.999 
# 
_refine.entry_id                                 5QOT 
_refine.pdbx_refine_id                           'X-RAY DIFFRACTION' 
_refine.ls_d_res_high                            1.6800 
_refine.ls_d_res_low                             44.3800 
_refine.pdbx_ls_sigma_F                          0.000 
_refine.pdbx_data_cutoff_high_absF               ? 
_refine.pdbx_data_cutoff_low_absF                ? 
_refine.ls_percent_reflns_obs                    99.2800 
_refine.ls_number_reflns_obs                     21011 
_refine.ls_number_reflns_all                     ? 
_refine.pdbx_ls_cross_valid_method               THROUGHOUT 
_refine.ls_matrix_type                           ? 
_refine.pdbx_R_Free_selection_details            RANDOM 
_refine.details                                  
'HYDROGENS HAVE BEEN ADDED IN THE RIDING POSITIONS U VALUES : REFINED INDIVIDUALLY' 
_refine.ls_R_factor_all                          ? 
_refine.ls_R_factor_obs                          0.1977 
_refine.ls_R_factor_R_work                       0.1953 
_refine.ls_wR_factor_R_work                      ? 
_refine.ls_R_factor_R_free                       0.2483 
_refine.ls_wR_factor_R_free                      ? 
_refine.ls_percent_reflns_R_free                 4.9000 
_refine.ls_number_reflns_R_free                  1073 
_refine.ls_number_reflns_R_work                  ? 
_refine.ls_R_factor_R_free_error                 ? 
_refine.B_iso_mean                               38.0490 
_refine.solvent_model_param_bsol                 ? 
_refine.solvent_model_param_ksol                 ? 
_refine.pdbx_isotropic_thermal_model             ? 
_refine.aniso_B[1][1]                            2.3000 
_refine.aniso_B[2][2]                            -2.4500 
_refine.aniso_B[3][3]                            0.1500 
_refine.aniso_B[1][2]                            0.0000 
_refine.aniso_B[1][3]                            -0.0000 
_refine.aniso_B[2][3]                            0.0000 
_refine.correlation_coeff_Fo_to_Fc               0.9630 
_refine.correlation_coeff_Fo_to_Fc_free          0.9310 
_refine.overall_SU_R_Cruickshank_DPI             ? 
_refine.pdbx_overall_SU_R_free_Cruickshank_DPI   ? 
_refine.pdbx_overall_SU_R_Blow_DPI               ? 
_refine.pdbx_overall_SU_R_free_Blow_DPI          ? 
_refine.overall_SU_R_free                        ? 
_refine.pdbx_overall_ESU_R                       0.1110 
_refine.pdbx_overall_ESU_R_Free                  0.1180 
_refine.overall_SU_ML                            0.0900 
_refine.overall_SU_B                             2.7830 
_refine.solvent_model_details                    MASK 
_refine.pdbx_solvent_vdw_probe_radii             1.2000 
_refine.pdbx_solvent_ion_probe_radii             0.8000 
_refine.pdbx_solvent_shrinkage_radii             0.8000 
_refine.ls_number_parameters                     ? 
_refine.ls_number_restraints                     ? 
_refine.pdbx_starting_model                      'PDB entry 5MP0' 
_refine.pdbx_method_to_determine_struct          'FOURIER SYNTHESIS' 
_refine.pdbx_stereochemistry_target_values       'MAXIMUM LIKELIHOOD' 
_refine.pdbx_stereochem_target_val_spec_case     ? 
_refine.overall_FOM_work_R_set                   ? 
_refine.B_iso_max                                92.630 
_refine.B_iso_min                                20.730 
_refine.pdbx_overall_phase_error                 ? 
_refine.occupancy_max                            ? 
_refine.occupancy_min                            ? 
_refine.pdbx_diffrn_id                           1 
_refine.pdbx_TLS_residual_ADP_flag               ? 
_refine.pdbx_ls_sigma_I                          ? 
_refine.pdbx_data_cutoff_high_rms_absF           ? 
_refine.ls_R_factor_R_free_error_details         ? 
# 
_refine_hist.cycle_id                         final 
_refine_hist.pdbx_refine_id                   'X-RAY DIFFRACTION' 
_refine_hist.d_res_high                       1.6800 
_refine_hist.d_res_low                        44.3800 
_refine_hist.pdbx_number_atoms_ligand         39 
_refine_hist.number_atoms_solvent             86 
_refine_hist.number_atoms_total               1320 
_refine_hist.pdbx_number_residues_total       149 
_refine_hist.pdbx_B_iso_mean_ligand           58.60 
_refine_hist.pdbx_B_iso_mean_solvent          44.40 
_refine_hist.pdbx_number_atoms_protein        1195 
_refine_hist.pdbx_number_atoms_nucleic_acid   0 
# 
loop_
_refine_ls_restr.pdbx_refine_id 
_refine_ls_restr.type 
_refine_ls_restr.number 
_refine_ls_restr.dev_ideal 
_refine_ls_restr.dev_ideal_target 
_refine_ls_restr.weight 
_refine_ls_restr.pdbx_restraint_function 
'X-RAY DIFFRACTION' r_bond_refined_d       1803 0.020  0.019  ? ? 
'X-RAY DIFFRACTION' r_bond_other_d         1457 0.003  0.020  ? ? 
'X-RAY DIFFRACTION' r_angle_refined_deg    2131 2.018  1.962  ? ? 
'X-RAY DIFFRACTION' r_angle_other_deg      3373 1.143  2.981  ? ? 
'X-RAY DIFFRACTION' r_dihedral_angle_1_deg 196  7.424  5.000  ? ? 
'X-RAY DIFFRACTION' r_dihedral_angle_2_deg 75   32.344 21.467 ? ? 
'X-RAY DIFFRACTION' r_dihedral_angle_3_deg 268  16.264 15.000 ? ? 
'X-RAY DIFFRACTION' r_dihedral_angle_4_deg 19   17.855 15.000 ? ? 
'X-RAY DIFFRACTION' r_chiral_restr         208  0.127  0.200  ? ? 
'X-RAY DIFFRACTION' r_gen_planes_refined   1824 0.011  0.021  ? ? 
'X-RAY DIFFRACTION' r_gen_planes_other     377  0.003  0.020  ? ? 
'X-RAY DIFFRACTION' r_mcbond_it            820  3.386  3.581  ? ? 
'X-RAY DIFFRACTION' r_mcbond_other         811  3.376  3.546  ? ? 
'X-RAY DIFFRACTION' r_mcangle_it           940  4.903  5.253  ? ? 
# 
_refine_ls_shell.d_res_high                       1.6800 
_refine_ls_shell.d_res_low                        1.7230 
_refine_ls_shell.pdbx_total_number_of_bins_used   20 
_refine_ls_shell.percent_reflns_obs               98.2600 
_refine_ls_shell.number_reflns_R_work             1508 
_refine_ls_shell.R_factor_all                     ? 
_refine_ls_shell.R_factor_R_work                  0.3210 
_refine_ls_shell.R_factor_R_free                  0.3340 
_refine_ls_shell.percent_reflns_R_free            ? 
_refine_ls_shell.number_reflns_R_free             75 
_refine_ls_shell.R_factor_R_free_error            ? 
_refine_ls_shell.number_reflns_all                1583 
_refine_ls_shell.number_reflns_obs                ? 
_refine_ls_shell.pdbx_refine_id                   'X-RAY DIFFRACTION' 
# 
_struct.entry_id                  5QOT 
_struct.title                     
'PanDDA analysis group deposition -- Crystal Structure of DCP2 (NUDT20) in complex with Z1592710382' 
_struct.pdbx_model_details        ? 
_struct.pdbx_CASP_flag            ? 
_struct.pdbx_model_type_details   ? 
# 
_struct_keywords.entry_id        5QOT 
_struct_keywords.text            'SGC - Diamond I04-1 fragment screening, PanDDA, XChemExplorer, HYDROLASE' 
_struct_keywords.pdbx_keywords   HYDROLASE 
# 
loop_
_struct_asym.id 
_struct_asym.pdbx_blank_PDB_chainid_flag 
_struct_asym.pdbx_modified 
_struct_asym.entity_id 
_struct_asym.details 
A N N 1 ? 
B N N 2 ? 
C N N 2 ? 
D N N 3 ? 
E N N 4 ? 
F N N 4 ? 
G N N 5 ? 
H N N 6 ? 
# 
_struct_ref.id                         1 
_struct_ref.db_name                    UNP 
_struct_ref.db_code                    DCP2_HUMAN 
_struct_ref.pdbx_db_accession          Q8IU60 
_struct_ref.pdbx_db_isoform            ? 
_struct_ref.entity_id                  1 
_struct_ref.pdbx_seq_one_letter_code   
;MGVPTYGAIILDETLENVLLVQGYLAKSGWGFPKGKVNKEEAPHDCAAREVFEETGFDIKDYICKDDYIELRINDQLARL
YIIPGIPKDTKFNPKTRREIRNIEWFSIEKLPCHRNDMTPKSKLGLAPNKFFMAIPFIRPLRDWLSRRFGDSSDSDNGFS
STGSTP
;
_struct_ref.pdbx_align_begin           95 
# 
_struct_ref_seq.align_id                      1 
_struct_ref_seq.ref_id                        1 
_struct_ref_seq.pdbx_PDB_id_code              5QOT 
_struct_ref_seq.pdbx_strand_id                A 
_struct_ref_seq.seq_align_beg                 2 
_struct_ref_seq.pdbx_seq_align_beg_ins_code   ? 
_struct_ref_seq.seq_align_end                 167 
_struct_ref_seq.pdbx_seq_align_end_ins_code   ? 
_struct_ref_seq.pdbx_db_accession             Q8IU60 
_struct_ref_seq.db_align_beg                  95 
_struct_ref_seq.pdbx_db_align_beg_ins_code    ? 
_struct_ref_seq.db_align_end                  260 
_struct_ref_seq.pdbx_db_align_end_ins_code    ? 
_struct_ref_seq.pdbx_auth_seq_align_beg       95 
_struct_ref_seq.pdbx_auth_seq_align_end       260 
# 
_struct_ref_seq_dif.align_id                     1 
_struct_ref_seq_dif.pdbx_pdb_id_code             5QOT 
_struct_ref_seq_dif.mon_id                       SER 
_struct_ref_seq_dif.pdbx_pdb_strand_id           A 
_struct_ref_seq_dif.seq_num                      1 
_struct_ref_seq_dif.pdbx_pdb_ins_code            ? 
_struct_ref_seq_dif.pdbx_seq_db_name             UNP 
_struct_ref_seq_dif.pdbx_seq_db_accession_code   Q8IU60 
_struct_ref_seq_dif.db_mon_id                    ? 
_struct_ref_seq_dif.pdbx_seq_db_seq_num          ? 
_struct_ref_seq_dif.details                      'expression tag' 
_struct_ref_seq_dif.pdbx_auth_seq_num            94 
_struct_ref_seq_dif.pdbx_ordinal                 1 
# 
_pdbx_struct_assembly.id                   1 
_pdbx_struct_assembly.details              author_and_software_defined_assembly 
_pdbx_struct_assembly.method_details       PISA 
_pdbx_struct_assembly.oligomeric_details   monomeric 
_pdbx_struct_assembly.oligomeric_count     1 
# 
loop_
_pdbx_struct_assembly_prop.biol_id 
_pdbx_struct_assembly_prop.type 
_pdbx_struct_assembly_prop.value 
_pdbx_struct_assembly_prop.details 
1 'ABSA (A^2)' 850  ? 
1 MORE         5    ? 
1 'SSA (A^2)'  8590 ? 
# 
_pdbx_struct_assembly_gen.assembly_id       1 
_pdbx_struct_assembly_gen.oper_expression   1 
_pdbx_struct_assembly_gen.asym_id_list      A,B,C,D,E,F,G,H 
# 
_pdbx_struct_oper_list.id                   1 
_pdbx_struct_oper_list.type                 'identity operation' 
_pdbx_struct_oper_list.name                 1_555 
_pdbx_struct_oper_list.symmetry_operation   x,y,z 
_pdbx_struct_oper_list.matrix[1][1]         1.0000000000 
_pdbx_struct_oper_list.matrix[1][2]         0.0000000000 
_pdbx_struct_oper_list.matrix[1][3]         0.0000000000 
_pdbx_struct_oper_list.vector[1]            0.0000000000 
_pdbx_struct_oper_list.matrix[2][1]         0.0000000000 
_pdbx_struct_oper_list.matrix[2][2]         1.0000000000 
_pdbx_struct_oper_list.matrix[2][3]         0.0000000000 
_pdbx_struct_oper_list.vector[2]            0.0000000000 
_pdbx_struct_oper_list.matrix[3][1]         0.0000000000 
_pdbx_struct_oper_list.matrix[3][2]         0.0000000000 
_pdbx_struct_oper_list.matrix[3][3]         1.0000000000 
_pdbx_struct_oper_list.vector[3]            0.0000000000 
# 
loop_
_struct_conf.conf_type_id 
_struct_conf.id 
_struct_conf.pdbx_PDB_helix_id 
_struct_conf.beg_label_comp_id 
_struct_conf.beg_label_asym_id 
_struct_conf.beg_label_seq_id 
_struct_conf.pdbx_beg_PDB_ins_code 
_struct_conf.end_label_comp_id 
_struct_conf.end_label_asym_id 
_struct_conf.end_label_seq_id 
_struct_conf.pdbx_end_PDB_ins_code 
_struct_conf.beg_auth_comp_id 
_struct_conf.beg_auth_asym_id 
_struct_conf.beg_auth_seq_id 
_struct_conf.end_auth_comp_id 
_struct_conf.end_auth_asym_id 
_struct_conf.end_auth_seq_id 
_struct_conf.pdbx_PDB_helix_class 
_struct_conf.details 
_struct_conf.pdbx_PDB_helix_length 
HELX_P HELX_P1 AA1 TYR A 25  ? SER A 29  ? TYR A 118 SER A 122 5 ? 5  
HELX_P HELX_P2 AA2 ALA A 43  ? GLY A 57  ? ALA A 136 GLY A 150 1 ? 15 
HELX_P HELX_P3 AA3 GLU A 110 ? LEU A 112 ? GLU A 203 LEU A 205 5 ? 3  
HELX_P HELX_P4 AA4 MET A 119 ? SER A 123 ? MET A 212 SER A 216 5 ? 5  
HELX_P HELX_P5 AA5 ALA A 135 ? PHE A 150 ? ALA A 228 PHE A 243 1 ? 16 
# 
_struct_conf_type.id          HELX_P 
_struct_conf_type.criteria    ? 
_struct_conf_type.reference   ? 
# 
loop_
_struct_sheet.id 
_struct_sheet.type 
_struct_sheet.number_strands 
_struct_sheet.details 
AA1 ? 4 ? 
AA2 ? 3 ? 
# 
loop_
_struct_sheet_order.sheet_id 
_struct_sheet_order.range_id_1 
_struct_sheet_order.range_id_2 
_struct_sheet_order.offset 
_struct_sheet_order.sense 
AA1 1 2 ? anti-parallel 
AA1 2 3 ? parallel      
AA1 3 4 ? anti-parallel 
AA2 1 2 ? anti-parallel 
AA2 2 3 ? anti-parallel 
# 
loop_
_struct_sheet_range.sheet_id 
_struct_sheet_range.id 
_struct_sheet_range.beg_label_comp_id 
_struct_sheet_range.beg_label_asym_id 
_struct_sheet_range.beg_label_seq_id 
_struct_sheet_range.pdbx_beg_PDB_ins_code 
_struct_sheet_range.end_label_comp_id 
_struct_sheet_range.end_label_asym_id 
_struct_sheet_range.end_label_seq_id 
_struct_sheet_range.pdbx_end_PDB_ins_code 
_struct_sheet_range.beg_auth_comp_id 
_struct_sheet_range.beg_auth_asym_id 
_struct_sheet_range.beg_auth_seq_id 
_struct_sheet_range.end_auth_comp_id 
_struct_sheet_range.end_auth_asym_id 
_struct_sheet_range.end_auth_seq_id 
AA1 1 LYS A 35  ? LYS A 37  ? LYS A 128 LYS A 130 
AA1 2 THR A 6   ? ILE A 11  ? THR A 99  ILE A 104 
AA1 3 GLN A 77  ? ILE A 84  ? GLN A 170 ILE A 177 
AA1 4 TYR A 69  ? ILE A 74  ? TYR A 162 ILE A 167 
AA2 1 TRP A 31  ? GLY A 32  ? TRP A 124 GLY A 125 
AA2 2 ASN A 18  ? GLN A 23  ? ASN A 111 GLN A 116 
AA2 3 ASN A 103 ? SER A 108 ? ASN A 196 SER A 201 
# 
loop_
_pdbx_struct_sheet_hbond.sheet_id 
_pdbx_struct_sheet_hbond.range_id_1 
_pdbx_struct_sheet_hbond.range_id_2 
_pdbx_struct_sheet_hbond.range_1_label_atom_id 
_pdbx_struct_sheet_hbond.range_1_label_comp_id 
_pdbx_struct_sheet_hbond.range_1_label_asym_id 
_pdbx_struct_sheet_hbond.range_1_label_seq_id 
_pdbx_struct_sheet_hbond.range_1_PDB_ins_code 
_pdbx_struct_sheet_hbond.range_1_auth_atom_id 
_pdbx_struct_sheet_hbond.range_1_auth_comp_id 
_pdbx_struct_sheet_hbond.range_1_auth_asym_id 
_pdbx_struct_sheet_hbond.range_1_auth_seq_id 
_pdbx_struct_sheet_hbond.range_2_label_atom_id 
_pdbx_struct_sheet_hbond.range_2_label_comp_id 
_pdbx_struct_sheet_hbond.range_2_label_asym_id 
_pdbx_struct_sheet_hbond.range_2_label_seq_id 
_pdbx_struct_sheet_hbond.range_2_PDB_ins_code 
_pdbx_struct_sheet_hbond.range_2_auth_atom_id 
_pdbx_struct_sheet_hbond.range_2_auth_comp_id 
_pdbx_struct_sheet_hbond.range_2_auth_asym_id 
_pdbx_struct_sheet_hbond.range_2_auth_seq_id 
AA1 1 2 O GLY A 36 ? O GLY A 129 N TYR A 7   ? N TYR A 100 
AA1 2 3 N ILE A 10 ? N ILE A 103 O ILE A 84  ? O ILE A 177 
AA1 3 4 O GLN A 77 ? O GLN A 170 N ILE A 74  ? N ILE A 167 
AA2 1 2 O GLY A 32 ? O GLY A 125 N VAL A 22  ? N VAL A 115 
AA2 2 3 N LEU A 21 ? N LEU A 114 O GLU A 105 ? O GLU A 198 
# 
loop_
_struct_site.id 
_struct_site.pdbx_evidence_code 
_struct_site.pdbx_auth_asym_id 
_struct_site.pdbx_auth_comp_id 
_struct_site.pdbx_auth_seq_id 
_struct_site.pdbx_auth_ins_code 
_struct_site.pdbx_num_residues 
_struct_site.details 
AC1 Software A EDO 301 ? 5 'binding site for residue EDO A 301' 
AC2 Software A EDO 302 ? 4 'binding site for residue EDO A 302' 
AC3 Software A DMS 303 ? 2 'binding site for residue DMS A 303' 
AC4 Software A ACT 304 ? 3 'binding site for residue ACT A 304' 
AC5 Software A ACT 305 ? 5 'binding site for residue ACT A 305' 
AC6 Software A LEJ 306 ? 8 'binding site for residue LEJ A 306' 
# 
loop_
_struct_site_gen.id 
_struct_site_gen.site_id 
_struct_site_gen.pdbx_num_res 
_struct_site_gen.label_comp_id 
_struct_site_gen.label_asym_id 
_struct_site_gen.label_seq_id 
_struct_site_gen.pdbx_auth_ins_code 
_struct_site_gen.auth_comp_id 
_struct_site_gen.auth_asym_id 
_struct_site_gen.auth_seq_id 
_struct_site_gen.label_atom_id 
_struct_site_gen.label_alt_id 
_struct_site_gen.symmetry 
_struct_site_gen.details 
1  AC1 5 ALA A 49  ? ALA A 142 . ? 1_555 ? 
2  AC1 5 PHE A 53  ? PHE A 146 . ? 1_555 ? 
3  AC1 5 ASP A 59  ? ASP A 152 . ? 1_555 ? 
4  AC1 5 LYS A 61  ? LYS A 154 . ? 1_555 ? 
5  AC1 5 HOH H .   ? HOH A 469 . ? 1_555 ? 
6  AC2 4 ASN A 130 ? ASN A 223 . ? 1_555 ? 
7  AC2 4 LYS A 131 ? LYS A 224 . ? 1_555 ? 
8  AC2 4 ACT F .   ? ACT A 305 . ? 1_555 ? 
9  AC2 4 HOH H .   ? HOH A 402 . ? 1_555 ? 
10 AC3 2 ASN A 18  ? ASN A 111 . ? 1_555 ? 
11 AC3 2 TRP A 106 ? TRP A 199 . ? 1_555 ? 
12 AC4 3 SER A 29  ? SER A 122 . ? 1_555 ? 
13 AC4 3 TYR A 63  ? TYR A 156 . ? 3_357 ? 
14 AC4 3 HOH H .   ? HOH A 414 . ? 1_555 ? 
15 AC5 5 ARG A 116 ? ARG A 209 . ? 1_555 ? 
16 AC5 5 PRO A 129 ? PRO A 222 . ? 1_555 ? 
17 AC5 5 ASN A 130 ? ASN A 223 . ? 1_555 ? 
18 AC5 5 PHE A 133 ? PHE A 226 . ? 1_555 ? 
19 AC5 5 EDO C .   ? EDO A 302 . ? 1_555 ? 
20 AC6 8 GLY A 24  ? GLY A 117 . ? 1_555 ? 
21 AC6 8 ALA A 27  ? ALA A 120 . ? 1_555 ? 
22 AC6 8 LYS A 28  ? LYS A 121 . ? 1_555 ? 
23 AC6 8 SER A 29  ? SER A 122 . ? 1_555 ? 
24 AC6 8 GLU A 55  ? GLU A 148 . ? 1_555 ? 
25 AC6 8 ILE A 101 ? ILE A 194 . ? 1_555 ? 
26 AC6 8 PHE A 133 ? PHE A 226 . ? 1_555 ? 
27 AC6 8 MET A 134 ? MET A 227 . ? 1_555 ? 
# 
_pdbx_validate_close_contact.id               1 
_pdbx_validate_close_contact.PDB_model_num    1 
_pdbx_validate_close_contact.auth_atom_id_1   OH 
_pdbx_validate_close_contact.auth_asym_id_1   A 
_pdbx_validate_close_contact.auth_comp_id_1   TYR 
_pdbx_validate_close_contact.auth_seq_id_1    118 
_pdbx_validate_close_contact.PDB_ins_code_1   ? 
_pdbx_validate_close_contact.label_alt_id_1   ? 
_pdbx_validate_close_contact.auth_atom_id_2   O 
_pdbx_validate_close_contact.auth_asym_id_2   A 
_pdbx_validate_close_contact.auth_comp_id_2   HOH 
_pdbx_validate_close_contact.auth_seq_id_2    401 
_pdbx_validate_close_contact.PDB_ins_code_2   ? 
_pdbx_validate_close_contact.label_alt_id_2   ? 
_pdbx_validate_close_contact.dist             2.11 
# 
_pdbx_validate_rmsd_bond.id                        1 
_pdbx_validate_rmsd_bond.PDB_model_num             1 
_pdbx_validate_rmsd_bond.auth_atom_id_1            CB 
_pdbx_validate_rmsd_bond.auth_asym_id_1            A 
_pdbx_validate_rmsd_bond.auth_comp_id_1            TYR 
_pdbx_validate_rmsd_bond.auth_seq_id_1             156 
_pdbx_validate_rmsd_bond.PDB_ins_code_1            ? 
_pdbx_validate_rmsd_bond.label_alt_id_1            ? 
_pdbx_validate_rmsd_bond.auth_atom_id_2            CG 
_pdbx_validate_rmsd_bond.auth_asym_id_2            A 
_pdbx_validate_rmsd_bond.auth_comp_id_2            TYR 
_pdbx_validate_rmsd_bond.auth_seq_id_2             156 
_pdbx_validate_rmsd_bond.PDB_ins_code_2            ? 
_pdbx_validate_rmsd_bond.label_alt_id_2            ? 
_pdbx_validate_rmsd_bond.bond_value                1.380 
_pdbx_validate_rmsd_bond.bond_target_value         1.512 
_pdbx_validate_rmsd_bond.bond_deviation            -0.132 
_pdbx_validate_rmsd_bond.bond_standard_deviation   0.015 
_pdbx_validate_rmsd_bond.linker_flag               N 
# 
loop_
_pdbx_validate_rmsd_angle.id 
_pdbx_validate_rmsd_angle.PDB_model_num 
_pdbx_validate_rmsd_angle.auth_atom_id_1 
_pdbx_validate_rmsd_angle.auth_asym_id_1 
_pdbx_validate_rmsd_angle.auth_comp_id_1 
_pdbx_validate_rmsd_angle.auth_seq_id_1 
_pdbx_validate_rmsd_angle.PDB_ins_code_1 
_pdbx_validate_rmsd_angle.label_alt_id_1 
_pdbx_validate_rmsd_angle.auth_atom_id_2 
_pdbx_validate_rmsd_angle.auth_asym_id_2 
_pdbx_validate_rmsd_angle.auth_comp_id_2 
_pdbx_validate_rmsd_angle.auth_seq_id_2 
_pdbx_validate_rmsd_angle.PDB_ins_code_2 
_pdbx_validate_rmsd_angle.label_alt_id_2 
_pdbx_validate_rmsd_angle.auth_atom_id_3 
_pdbx_validate_rmsd_angle.auth_asym_id_3 
_pdbx_validate_rmsd_angle.auth_comp_id_3 
_pdbx_validate_rmsd_angle.auth_seq_id_3 
_pdbx_validate_rmsd_angle.PDB_ins_code_3 
_pdbx_validate_rmsd_angle.label_alt_id_3 
_pdbx_validate_rmsd_angle.angle_value 
_pdbx_validate_rmsd_angle.angle_target_value 
_pdbx_validate_rmsd_angle.angle_deviation 
_pdbx_validate_rmsd_angle.angle_standard_deviation 
_pdbx_validate_rmsd_angle.linker_flag 
1 1 CB A ASP 152 ? ? CG A ASP 152 ? ? OD1 A ASP 152 ? ? 125.37 118.30 7.07   0.90 N 
2 1 CB A ASP 169 ? ? CG A ASP 169 ? ? OD1 A ASP 169 ? ? 125.12 118.30 6.82   0.90 N 
3 1 CB A ASP 169 ? ? CG A ASP 169 ? ? OD2 A ASP 169 ? ? 107.94 118.30 -10.36 0.90 N 
# 
loop_
_pdbx_validate_torsion.id 
_pdbx_validate_torsion.PDB_model_num 
_pdbx_validate_torsion.auth_comp_id 
_pdbx_validate_torsion.auth_asym_id 
_pdbx_validate_torsion.auth_seq_id 
_pdbx_validate_torsion.PDB_ins_code 
_pdbx_validate_torsion.label_alt_id 
_pdbx_validate_torsion.phi 
_pdbx_validate_torsion.psi 
1 1 LEU A 119 ? ? 60.88  -118.52 
2 1 ASP A 211 ? ? -77.40 -168.23 
# 
_phasing.method   MR 
# 
loop_
_pdbx_unobs_or_zero_occ_residues.id 
_pdbx_unobs_or_zero_occ_residues.PDB_model_num 
_pdbx_unobs_or_zero_occ_residues.polymer_flag 
_pdbx_unobs_or_zero_occ_residues.occupancy_flag 
_pdbx_unobs_or_zero_occ_residues.auth_asym_id 
_pdbx_unobs_or_zero_occ_residues.auth_comp_id 
_pdbx_unobs_or_zero_occ_residues.auth_seq_id 
_pdbx_unobs_or_zero_occ_residues.PDB_ins_code 
_pdbx_unobs_or_zero_occ_residues.label_asym_id 
_pdbx_unobs_or_zero_occ_residues.label_comp_id 
_pdbx_unobs_or_zero_occ_residues.label_seq_id 
1  1 Y 1 A SER 94  ? A SER 1   
2  1 Y 1 A MET 95  ? A MET 2   
3  1 Y 1 A ASP 245 ? A ASP 152 
4  1 Y 1 A SER 246 ? A SER 153 
5  1 Y 1 A SER 247 ? A SER 154 
6  1 Y 1 A ASP 248 ? A ASP 155 
7  1 Y 1 A SER 249 ? A SER 156 
8  1 Y 1 A ASP 250 ? A ASP 157 
9  1 Y 1 A ASN 251 ? A ASN 158 
10 1 Y 1 A GLY 252 ? A GLY 159 
11 1 Y 1 A PHE 253 ? A PHE 160 
12 1 Y 1 A SER 254 ? A SER 161 
13 1 Y 1 A SER 255 ? A SER 162 
14 1 Y 1 A THR 256 ? A THR 163 
15 1 Y 1 A GLY 257 ? A GLY 164 
16 1 Y 1 A SER 258 ? A SER 165 
17 1 Y 1 A THR 259 ? A THR 166 
18 1 Y 1 A PRO 260 ? A PRO 167 
# 
loop_
_chem_comp_atom.comp_id 
_chem_comp_atom.atom_id 
_chem_comp_atom.type_symbol 
_chem_comp_atom.pdbx_aromatic_flag 
_chem_comp_atom.pdbx_stereo_config 
_chem_comp_atom.pdbx_ordinal 
ACT C    C N N 1   
ACT O    O N N 2   
ACT OXT  O N N 3   
ACT CH3  C N N 4   
ACT H1   H N N 5   
ACT H2   H N N 6   
ACT H3   H N N 7   
ALA N    N N N 8   
ALA CA   C N S 9   
ALA C    C N N 10  
ALA O    O N N 11  
ALA CB   C N N 12  
ALA OXT  O N N 13  
ALA H    H N N 14  
ALA H2   H N N 15  
ALA HA   H N N 16  
ALA HB1  H N N 17  
ALA HB2  H N N 18  
ALA HB3  H N N 19  
ALA HXT  H N N 20  
ARG N    N N N 21  
ARG CA   C N S 22  
ARG C    C N N 23  
ARG O    O N N 24  
ARG CB   C N N 25  
ARG CG   C N N 26  
ARG CD   C N N 27  
ARG NE   N N N 28  
ARG CZ   C N N 29  
ARG NH1  N N N 30  
ARG NH2  N N N 31  
ARG OXT  O N N 32  
ARG H    H N N 33  
ARG H2   H N N 34  
ARG HA   H N N 35  
ARG HB2  H N N 36  
ARG HB3  H N N 37  
ARG HG2  H N N 38  
ARG HG3  H N N 39  
ARG HD2  H N N 40  
ARG HD3  H N N 41  
ARG HE   H N N 42  
ARG HH11 H N N 43  
ARG HH12 H N N 44  
ARG HH21 H N N 45  
ARG HH22 H N N 46  
ARG HXT  H N N 47  
ASN N    N N N 48  
ASN CA   C N S 49  
ASN C    C N N 50  
ASN O    O N N 51  
ASN CB   C N N 52  
ASN CG   C N N 53  
ASN OD1  O N N 54  
ASN ND2  N N N 55  
ASN OXT  O N N 56  
ASN H    H N N 57  
ASN H2   H N N 58  
ASN HA   H N N 59  
ASN HB2  H N N 60  
ASN HB3  H N N 61  
ASN HD21 H N N 62  
ASN HD22 H N N 63  
ASN HXT  H N N 64  
ASP N    N N N 65  
ASP CA   C N S 66  
ASP C    C N N 67  
ASP O    O N N 68  
ASP CB   C N N 69  
ASP CG   C N N 70  
ASP OD1  O N N 71  
ASP OD2  O N N 72  
ASP OXT  O N N 73  
ASP H    H N N 74  
ASP H2   H N N 75  
ASP HA   H N N 76  
ASP HB2  H N N 77  
ASP HB3  H N N 78  
ASP HD2  H N N 79  
ASP HXT  H N N 80  
CYS N    N N N 81  
CYS CA   C N R 82  
CYS C    C N N 83  
CYS O    O N N 84  
CYS CB   C N N 85  
CYS SG   S N N 86  
CYS OXT  O N N 87  
CYS H    H N N 88  
CYS H2   H N N 89  
CYS HA   H N N 90  
CYS HB2  H N N 91  
CYS HB3  H N N 92  
CYS HG   H N N 93  
CYS HXT  H N N 94  
DMS S    S N N 95  
DMS O    O N N 96  
DMS C1   C N N 97  
DMS C2   C N N 98  
DMS H11  H N N 99  
DMS H12  H N N 100 
DMS H13  H N N 101 
DMS H21  H N N 102 
DMS H22  H N N 103 
DMS H23  H N N 104 
EDO C1   C N N 105 
EDO O1   O N N 106 
EDO C2   C N N 107 
EDO O2   O N N 108 
EDO H11  H N N 109 
EDO H12  H N N 110 
EDO HO1  H N N 111 
EDO H21  H N N 112 
EDO H22  H N N 113 
EDO HO2  H N N 114 
GLN N    N N N 115 
GLN CA   C N S 116 
GLN C    C N N 117 
GLN O    O N N 118 
GLN CB   C N N 119 
GLN CG   C N N 120 
GLN CD   C N N 121 
GLN OE1  O N N 122 
GLN NE2  N N N 123 
GLN OXT  O N N 124 
GLN H    H N N 125 
GLN H2   H N N 126 
GLN HA   H N N 127 
GLN HB2  H N N 128 
GLN HB3  H N N 129 
GLN HG2  H N N 130 
GLN HG3  H N N 131 
GLN HE21 H N N 132 
GLN HE22 H N N 133 
GLN HXT  H N N 134 
GLU N    N N N 135 
GLU CA   C N S 136 
GLU C    C N N 137 
GLU O    O N N 138 
GLU CB   C N N 139 
GLU CG   C N N 140 
GLU CD   C N N 141 
GLU OE1  O N N 142 
GLU OE2  O N N 143 
GLU OXT  O N N 144 
GLU H    H N N 145 
GLU H2   H N N 146 
GLU HA   H N N 147 
GLU HB2  H N N 148 
GLU HB3  H N N 149 
GLU HG2  H N N 150 
GLU HG3  H N N 151 
GLU HE2  H N N 152 
GLU HXT  H N N 153 
GLY N    N N N 154 
GLY CA   C N N 155 
GLY C    C N N 156 
GLY O    O N N 157 
GLY OXT  O N N 158 
GLY H    H N N 159 
GLY H2   H N N 160 
GLY HA2  H N N 161 
GLY HA3  H N N 162 
GLY HXT  H N N 163 
HIS N    N N N 164 
HIS CA   C N S 165 
HIS C    C N N 166 
HIS O    O N N 167 
HIS CB   C N N 168 
HIS CG   C Y N 169 
HIS ND1  N Y N 170 
HIS CD2  C Y N 171 
HIS CE1  C Y N 172 
HIS NE2  N Y N 173 
HIS OXT  O N N 174 
HIS H    H N N 175 
HIS H2   H N N 176 
HIS HA   H N N 177 
HIS HB2  H N N 178 
HIS HB3  H N N 179 
HIS HD1  H N N 180 
HIS HD2  H N N 181 
HIS HE1  H N N 182 
HIS HE2  H N N 183 
HIS HXT  H N N 184 
HOH O    O N N 185 
HOH H1   H N N 186 
HOH H2   H N N 187 
ILE N    N N N 188 
ILE CA   C N S 189 
ILE C    C N N 190 
ILE O    O N N 191 
ILE CB   C N S 192 
ILE CG1  C N N 193 
ILE CG2  C N N 194 
ILE CD1  C N N 195 
ILE OXT  O N N 196 
ILE H    H N N 197 
ILE H2   H N N 198 
ILE HA   H N N 199 
ILE HB   H N N 200 
ILE HG12 H N N 201 
ILE HG13 H N N 202 
ILE HG21 H N N 203 
ILE HG22 H N N 204 
ILE HG23 H N N 205 
ILE HD11 H N N 206 
ILE HD12 H N N 207 
ILE HD13 H N N 208 
ILE HXT  H N N 209 
LEJ N1   N Y N 210 
LEJ N3   N N N 211 
LEJ C4   C Y N 212 
LEJ C5   C N N 213 
LEJ C6   C N N 214 
LEJ C7   C Y N 215 
LEJ C8   C Y N 216 
LEJ C10  C Y N 217 
LEJ C1   C N N 218 
LEJ C11  C Y N 219 
LEJ C12  C Y N 220 
LEJ C2   C Y N 221 
LEJ C3   C Y N 222 
LEJ C9   C Y N 223 
LEJ F1   F N N 224 
LEJ F2   F N N 225 
LEJ F3   F N N 226 
LEJ N2   N Y N 227 
LEJ O1   O N N 228 
LEJ H1   H N N 229 
LEJ H2   H N N 230 
LEJ H3   H N N 231 
LEJ H4   H N N 232 
LEJ H5   H N N 233 
LEJ H6   H N N 234 
LEJ H7   H N N 235 
LEJ H8   H N N 236 
LEJ H9   H N N 237 
LEJ H10  H N N 238 
LEU N    N N N 239 
LEU CA   C N S 240 
LEU C    C N N 241 
LEU O    O N N 242 
LEU CB   C N N 243 
LEU CG   C N N 244 
LEU CD1  C N N 245 
LEU CD2  C N N 246 
LEU OXT  O N N 247 
LEU H    H N N 248 
LEU H2   H N N 249 
LEU HA   H N N 250 
LEU HB2  H N N 251 
LEU HB3  H N N 252 
LEU HG   H N N 253 
LEU HD11 H N N 254 
LEU HD12 H N N 255 
LEU HD13 H N N 256 
LEU HD21 H N N 257 
LEU HD22 H N N 258 
LEU HD23 H N N 259 
LEU HXT  H N N 260 
LYS N    N N N 261 
LYS CA   C N S 262 
LYS C    C N N 263 
LYS O    O N N 264 
LYS CB   C N N 265 
LYS CG   C N N 266 
LYS CD   C N N 267 
LYS CE   C N N 268 
LYS NZ   N N N 269 
LYS OXT  O N N 270 
LYS H    H N N 271 
LYS H2   H N N 272 
LYS HA   H N N 273 
LYS HB2  H N N 274 
LYS HB3  H N N 275 
LYS HG2  H N N 276 
LYS HG3  H N N 277 
LYS HD2  H N N 278 
LYS HD3  H N N 279 
LYS HE2  H N N 280 
LYS HE3  H N N 281 
LYS HZ1  H N N 282 
LYS HZ2  H N N 283 
LYS HZ3  H N N 284 
LYS HXT  H N N 285 
MET N    N N N 286 
MET CA   C N S 287 
MET C    C N N 288 
MET O    O N N 289 
MET CB   C N N 290 
MET CG   C N N 291 
MET SD   S N N 292 
MET CE   C N N 293 
MET OXT  O N N 294 
MET H    H N N 295 
MET H2   H N N 296 
MET HA   H N N 297 
MET HB2  H N N 298 
MET HB3  H N N 299 
MET HG2  H N N 300 
MET HG3  H N N 301 
MET HE1  H N N 302 
MET HE2  H N N 303 
MET HE3  H N N 304 
MET HXT  H N N 305 
PHE N    N N N 306 
PHE CA   C N S 307 
PHE C    C N N 308 
PHE O    O N N 309 
PHE CB   C N N 310 
PHE CG   C Y N 311 
PHE CD1  C Y N 312 
PHE CD2  C Y N 313 
PHE CE1  C Y N 314 
PHE CE2  C Y N 315 
PHE CZ   C Y N 316 
PHE OXT  O N N 317 
PHE H    H N N 318 
PHE H2   H N N 319 
PHE HA   H N N 320 
PHE HB2  H N N 321 
PHE HB3  H N N 322 
PHE HD1  H N N 323 
PHE HD2  H N N 324 
PHE HE1  H N N 325 
PHE HE2  H N N 326 
PHE HZ   H N N 327 
PHE HXT  H N N 328 
PRO N    N N N 329 
PRO CA   C N S 330 
PRO C    C N N 331 
PRO O    O N N 332 
PRO CB   C N N 333 
PRO CG   C N N 334 
PRO CD   C N N 335 
PRO OXT  O N N 336 
PRO H    H N N 337 
PRO HA   H N N 338 
PRO HB2  H N N 339 
PRO HB3  H N N 340 
PRO HG2  H N N 341 
PRO HG3  H N N 342 
PRO HD2  H N N 343 
PRO HD3  H N N 344 
PRO HXT  H N N 345 
SER N    N N N 346 
SER CA   C N S 347 
SER C    C N N 348 
SER O    O N N 349 
SER CB   C N N 350 
SER OG   O N N 351 
SER OXT  O N N 352 
SER H    H N N 353 
SER H2   H N N 354 
SER HA   H N N 355 
SER HB2  H N N 356 
SER HB3  H N N 357 
SER HG   H N N 358 
SER HXT  H N N 359 
THR N    N N N 360 
THR CA   C N S 361 
THR C    C N N 362 
THR O    O N N 363 
THR CB   C N R 364 
THR OG1  O N N 365 
THR CG2  C N N 366 
THR OXT  O N N 367 
THR H    H N N 368 
THR H2   H N N 369 
THR HA   H N N 370 
THR HB   H N N 371 
THR HG1  H N N 372 
THR HG21 H N N 373 
THR HG22 H N N 374 
THR HG23 H N N 375 
THR HXT  H N N 376 
TRP N    N N N 377 
TRP CA   C N S 378 
TRP C    C N N 379 
TRP O    O N N 380 
TRP CB   C N N 381 
TRP CG   C Y N 382 
TRP CD1  C Y N 383 
TRP CD2  C Y N 384 
TRP NE1  N Y N 385 
TRP CE2  C Y N 386 
TRP CE3  C Y N 387 
TRP CZ2  C Y N 388 
TRP CZ3  C Y N 389 
TRP CH2  C Y N 390 
TRP OXT  O N N 391 
TRP H    H N N 392 
TRP H2   H N N 393 
TRP HA   H N N 394 
TRP HB2  H N N 395 
TRP HB3  H N N 396 
TRP HD1  H N N 397 
TRP HE1  H N N 398 
TRP HE3  H N N 399 
TRP HZ2  H N N 400 
TRP HZ3  H N N 401 
TRP HH2  H N N 402 
TRP HXT  H N N 403 
TYR N    N N N 404 
TYR CA   C N S 405 
TYR C    C N N 406 
TYR O    O N N 407 
TYR CB   C N N 408 
TYR CG   C Y N 409 
TYR CD1  C Y N 410 
TYR CD2  C Y N 411 
TYR CE1  C Y N 412 
TYR CE2  C Y N 413 
TYR CZ   C Y N 414 
TYR OH   O N N 415 
TYR OXT  O N N 416 
TYR H    H N N 417 
TYR H2   H N N 418 
TYR HA   H N N 419 
TYR HB2  H N N 420 
TYR HB3  H N N 421 
TYR HD1  H N N 422 
TYR HD2  H N N 423 
TYR HE1  H N N 424 
TYR HE2  H N N 425 
TYR HH   H N N 426 
TYR HXT  H N N 427 
VAL N    N N N 428 
VAL CA   C N S 429 
VAL C    C N N 430 
VAL O    O N N 431 
VAL CB   C N N 432 
VAL CG1  C N N 433 
VAL CG2  C N N 434 
VAL OXT  O N N 435 
VAL H    H N N 436 
VAL H2   H N N 437 
VAL HA   H N N 438 
VAL HB   H N N 439 
VAL HG11 H N N 440 
VAL HG12 H N N 441 
VAL HG13 H N N 442 
VAL HG21 H N N 443 
VAL HG22 H N N 444 
VAL HG23 H N N 445 
VAL HXT  H N N 446 
# 
loop_
_chem_comp_bond.comp_id 
_chem_comp_bond.atom_id_1 
_chem_comp_bond.atom_id_2 
_chem_comp_bond.value_order 
_chem_comp_bond.pdbx_aromatic_flag 
_chem_comp_bond.pdbx_stereo_config 
_chem_comp_bond.pdbx_ordinal 
ACT C   O    doub N N 1   
ACT C   OXT  sing N N 2   
ACT C   CH3  sing N N 3   
ACT CH3 H1   sing N N 4   
ACT CH3 H2   sing N N 5   
ACT CH3 H3   sing N N 6   
ALA N   CA   sing N N 7   
ALA N   H    sing N N 8   
ALA N   H2   sing N N 9   
ALA CA  C    sing N N 10  
ALA CA  CB   sing N N 11  
ALA CA  HA   sing N N 12  
ALA C   O    doub N N 13  
ALA C   OXT  sing N N 14  
ALA CB  HB1  sing N N 15  
ALA CB  HB2  sing N N 16  
ALA CB  HB3  sing N N 17  
ALA OXT HXT  sing N N 18  
ARG N   CA   sing N N 19  
ARG N   H    sing N N 20  
ARG N   H2   sing N N 21  
ARG CA  C    sing N N 22  
ARG CA  CB   sing N N 23  
ARG CA  HA   sing N N 24  
ARG C   O    doub N N 25  
ARG C   OXT  sing N N 26  
ARG CB  CG   sing N N 27  
ARG CB  HB2  sing N N 28  
ARG CB  HB3  sing N N 29  
ARG CG  CD   sing N N 30  
ARG CG  HG2  sing N N 31  
ARG CG  HG3  sing N N 32  
ARG CD  NE   sing N N 33  
ARG CD  HD2  sing N N 34  
ARG CD  HD3  sing N N 35  
ARG NE  CZ   sing N N 36  
ARG NE  HE   sing N N 37  
ARG CZ  NH1  sing N N 38  
ARG CZ  NH2  doub N N 39  
ARG NH1 HH11 sing N N 40  
ARG NH1 HH12 sing N N 41  
ARG NH2 HH21 sing N N 42  
ARG NH2 HH22 sing N N 43  
ARG OXT HXT  sing N N 44  
ASN N   CA   sing N N 45  
ASN N   H    sing N N 46  
ASN N   H2   sing N N 47  
ASN CA  C    sing N N 48  
ASN CA  CB   sing N N 49  
ASN CA  HA   sing N N 50  
ASN C   O    doub N N 51  
ASN C   OXT  sing N N 52  
ASN CB  CG   sing N N 53  
ASN CB  HB2  sing N N 54  
ASN CB  HB3  sing N N 55  
ASN CG  OD1  doub N N 56  
ASN CG  ND2  sing N N 57  
ASN ND2 HD21 sing N N 58  
ASN ND2 HD22 sing N N 59  
ASN OXT HXT  sing N N 60  
ASP N   CA   sing N N 61  
ASP N   H    sing N N 62  
ASP N   H2   sing N N 63  
ASP CA  C    sing N N 64  
ASP CA  CB   sing N N 65  
ASP CA  HA   sing N N 66  
ASP C   O    doub N N 67  
ASP C   OXT  sing N N 68  
ASP CB  CG   sing N N 69  
ASP CB  HB2  sing N N 70  
ASP CB  HB3  sing N N 71  
ASP CG  OD1  doub N N 72  
ASP CG  OD2  sing N N 73  
ASP OD2 HD2  sing N N 74  
ASP OXT HXT  sing N N 75  
CYS N   CA   sing N N 76  
CYS N   H    sing N N 77  
CYS N   H2   sing N N 78  
CYS CA  C    sing N N 79  
CYS CA  CB   sing N N 80  
CYS CA  HA   sing N N 81  
CYS C   O    doub N N 82  
CYS C   OXT  sing N N 83  
CYS CB  SG   sing N N 84  
CYS CB  HB2  sing N N 85  
CYS CB  HB3  sing N N 86  
CYS SG  HG   sing N N 87  
CYS OXT HXT  sing N N 88  
DMS S   O    doub N N 89  
DMS S   C1   sing N N 90  
DMS S   C2   sing N N 91  
DMS C1  H11  sing N N 92  
DMS C1  H12  sing N N 93  
DMS C1  H13  sing N N 94  
DMS C2  H21  sing N N 95  
DMS C2  H22  sing N N 96  
DMS C2  H23  sing N N 97  
EDO C1  O1   sing N N 98  
EDO C1  C2   sing N N 99  
EDO C1  H11  sing N N 100 
EDO C1  H12  sing N N 101 
EDO O1  HO1  sing N N 102 
EDO C2  O2   sing N N 103 
EDO C2  H21  sing N N 104 
EDO C2  H22  sing N N 105 
EDO O2  HO2  sing N N 106 
GLN N   CA   sing N N 107 
GLN N   H    sing N N 108 
GLN N   H2   sing N N 109 
GLN CA  C    sing N N 110 
GLN CA  CB   sing N N 111 
GLN CA  HA   sing N N 112 
GLN C   O    doub N N 113 
GLN C   OXT  sing N N 114 
GLN CB  CG   sing N N 115 
GLN CB  HB2  sing N N 116 
GLN CB  HB3  sing N N 117 
GLN CG  CD   sing N N 118 
GLN CG  HG2  sing N N 119 
GLN CG  HG3  sing N N 120 
GLN CD  OE1  doub N N 121 
GLN CD  NE2  sing N N 122 
GLN NE2 HE21 sing N N 123 
GLN NE2 HE22 sing N N 124 
GLN OXT HXT  sing N N 125 
GLU N   CA   sing N N 126 
GLU N   H    sing N N 127 
GLU N   H2   sing N N 128 
GLU CA  C    sing N N 129 
GLU CA  CB   sing N N 130 
GLU CA  HA   sing N N 131 
GLU C   O    doub N N 132 
GLU C   OXT  sing N N 133 
GLU CB  CG   sing N N 134 
GLU CB  HB2  sing N N 135 
GLU CB  HB3  sing N N 136 
GLU CG  CD   sing N N 137 
GLU CG  HG2  sing N N 138 
GLU CG  HG3  sing N N 139 
GLU CD  OE1  doub N N 140 
GLU CD  OE2  sing N N 141 
GLU OE2 HE2  sing N N 142 
GLU OXT HXT  sing N N 143 
GLY N   CA   sing N N 144 
GLY N   H    sing N N 145 
GLY N   H2   sing N N 146 
GLY CA  C    sing N N 147 
GLY CA  HA2  sing N N 148 
GLY CA  HA3  sing N N 149 
GLY C   O    doub N N 150 
GLY C   OXT  sing N N 151 
GLY OXT HXT  sing N N 152 
HIS N   CA   sing N N 153 
HIS N   H    sing N N 154 
HIS N   H2   sing N N 155 
HIS CA  C    sing N N 156 
HIS CA  CB   sing N N 157 
HIS CA  HA   sing N N 158 
HIS C   O    doub N N 159 
HIS C   OXT  sing N N 160 
HIS CB  CG   sing N N 161 
HIS CB  HB2  sing N N 162 
HIS CB  HB3  sing N N 163 
HIS CG  ND1  sing Y N 164 
HIS CG  CD2  doub Y N 165 
HIS ND1 CE1  doub Y N 166 
HIS ND1 HD1  sing N N 167 
HIS CD2 NE2  sing Y N 168 
HIS CD2 HD2  sing N N 169 
HIS CE1 NE2  sing Y N 170 
HIS CE1 HE1  sing N N 171 
HIS NE2 HE2  sing N N 172 
HIS OXT HXT  sing N N 173 
HOH O   H1   sing N N 174 
HOH O   H2   sing N N 175 
ILE N   CA   sing N N 176 
ILE N   H    sing N N 177 
ILE N   H2   sing N N 178 
ILE CA  C    sing N N 179 
ILE CA  CB   sing N N 180 
ILE CA  HA   sing N N 181 
ILE C   O    doub N N 182 
ILE C   OXT  sing N N 183 
ILE CB  CG1  sing N N 184 
ILE CB  CG2  sing N N 185 
ILE CB  HB   sing N N 186 
ILE CG1 CD1  sing N N 187 
ILE CG1 HG12 sing N N 188 
ILE CG1 HG13 sing N N 189 
ILE CG2 HG21 sing N N 190 
ILE CG2 HG22 sing N N 191 
ILE CG2 HG23 sing N N 192 
ILE CD1 HD11 sing N N 193 
ILE CD1 HD12 sing N N 194 
ILE CD1 HD13 sing N N 195 
ILE OXT HXT  sing N N 196 
LEJ F1  C1   sing N N 197 
LEJ C1  F2   sing N N 198 
LEJ C1  N1   sing N N 199 
LEJ N1  C2   sing Y N 200 
LEJ N1  N2   sing Y N 201 
LEJ C2  C3   doub Y N 202 
LEJ N2  C4   doub Y N 203 
LEJ C3  C4   sing Y N 204 
LEJ C4  C5   sing N N 205 
LEJ C5  N3   sing N N 206 
LEJ C5  O1   doub N N 207 
LEJ N3  C6   sing N N 208 
LEJ C6  C7   sing N N 209 
LEJ C7  C8   doub Y N 210 
LEJ C7  C12  sing Y N 211 
LEJ C8  C9   sing Y N 212 
LEJ C12 C11  doub Y N 213 
LEJ C9  C10  doub Y N 214 
LEJ C11 C10  sing Y N 215 
LEJ C10 F3   sing N N 216 
LEJ N3  H1   sing N N 217 
LEJ C6  H2   sing N N 218 
LEJ C6  H3   sing N N 219 
LEJ C8  H4   sing N N 220 
LEJ C1  H5   sing N N 221 
LEJ C11 H6   sing N N 222 
LEJ C12 H7   sing N N 223 
LEJ C2  H8   sing N N 224 
LEJ C3  H9   sing N N 225 
LEJ C9  H10  sing N N 226 
LEU N   CA   sing N N 227 
LEU N   H    sing N N 228 
LEU N   H2   sing N N 229 
LEU CA  C    sing N N 230 
LEU CA  CB   sing N N 231 
LEU CA  HA   sing N N 232 
LEU C   O    doub N N 233 
LEU C   OXT  sing N N 234 
LEU CB  CG   sing N N 235 
LEU CB  HB2  sing N N 236 
LEU CB  HB3  sing N N 237 
LEU CG  CD1  sing N N 238 
LEU CG  CD2  sing N N 239 
LEU CG  HG   sing N N 240 
LEU CD1 HD11 sing N N 241 
LEU CD1 HD12 sing N N 242 
LEU CD1 HD13 sing N N 243 
LEU CD2 HD21 sing N N 244 
LEU CD2 HD22 sing N N 245 
LEU CD2 HD23 sing N N 246 
LEU OXT HXT  sing N N 247 
LYS N   CA   sing N N 248 
LYS N   H    sing N N 249 
LYS N   H2   sing N N 250 
LYS CA  C    sing N N 251 
LYS CA  CB   sing N N 252 
LYS CA  HA   sing N N 253 
LYS C   O    doub N N 254 
LYS C   OXT  sing N N 255 
LYS CB  CG   sing N N 256 
LYS CB  HB2  sing N N 257 
LYS CB  HB3  sing N N 258 
LYS CG  CD   sing N N 259 
LYS CG  HG2  sing N N 260 
LYS CG  HG3  sing N N 261 
LYS CD  CE   sing N N 262 
LYS CD  HD2  sing N N 263 
LYS CD  HD3  sing N N 264 
LYS CE  NZ   sing N N 265 
LYS CE  HE2  sing N N 266 
LYS CE  HE3  sing N N 267 
LYS NZ  HZ1  sing N N 268 
LYS NZ  HZ2  sing N N 269 
LYS NZ  HZ3  sing N N 270 
LYS OXT HXT  sing N N 271 
MET N   CA   sing N N 272 
MET N   H    sing N N 273 
MET N   H2   sing N N 274 
MET CA  C    sing N N 275 
MET CA  CB   sing N N 276 
MET CA  HA   sing N N 277 
MET C   O    doub N N 278 
MET C   OXT  sing N N 279 
MET CB  CG   sing N N 280 
MET CB  HB2  sing N N 281 
MET CB  HB3  sing N N 282 
MET CG  SD   sing N N 283 
MET CG  HG2  sing N N 284 
MET CG  HG3  sing N N 285 
MET SD  CE   sing N N 286 
MET CE  HE1  sing N N 287 
MET CE  HE2  sing N N 288 
MET CE  HE3  sing N N 289 
MET OXT HXT  sing N N 290 
PHE N   CA   sing N N 291 
PHE N   H    sing N N 292 
PHE N   H2   sing N N 293 
PHE CA  C    sing N N 294 
PHE CA  CB   sing N N 295 
PHE CA  HA   sing N N 296 
PHE C   O    doub N N 297 
PHE C   OXT  sing N N 298 
PHE CB  CG   sing N N 299 
PHE CB  HB2  sing N N 300 
PHE CB  HB3  sing N N 301 
PHE CG  CD1  doub Y N 302 
PHE CG  CD2  sing Y N 303 
PHE CD1 CE1  sing Y N 304 
PHE CD1 HD1  sing N N 305 
PHE CD2 CE2  doub Y N 306 
PHE CD2 HD2  sing N N 307 
PHE CE1 CZ   doub Y N 308 
PHE CE1 HE1  sing N N 309 
PHE CE2 CZ   sing Y N 310 
PHE CE2 HE2  sing N N 311 
PHE CZ  HZ   sing N N 312 
PHE OXT HXT  sing N N 313 
PRO N   CA   sing N N 314 
PRO N   CD   sing N N 315 
PRO N   H    sing N N 316 
PRO CA  C    sing N N 317 
PRO CA  CB   sing N N 318 
PRO CA  HA   sing N N 319 
PRO C   O    doub N N 320 
PRO C   OXT  sing N N 321 
PRO CB  CG   sing N N 322 
PRO CB  HB2  sing N N 323 
PRO CB  HB3  sing N N 324 
PRO CG  CD   sing N N 325 
PRO CG  HG2  sing N N 326 
PRO CG  HG3  sing N N 327 
PRO CD  HD2  sing N N 328 
PRO CD  HD3  sing N N 329 
PRO OXT HXT  sing N N 330 
SER N   CA   sing N N 331 
SER N   H    sing N N 332 
SER N   H2   sing N N 333 
SER CA  C    sing N N 334 
SER CA  CB   sing N N 335 
SER CA  HA   sing N N 336 
SER C   O    doub N N 337 
SER C   OXT  sing N N 338 
SER CB  OG   sing N N 339 
SER CB  HB2  sing N N 340 
SER CB  HB3  sing N N 341 
SER OG  HG   sing N N 342 
SER OXT HXT  sing N N 343 
THR N   CA   sing N N 344 
THR N   H    sing N N 345 
THR N   H2   sing N N 346 
THR CA  C    sing N N 347 
THR CA  CB   sing N N 348 
THR CA  HA   sing N N 349 
THR C   O    doub N N 350 
THR C   OXT  sing N N 351 
THR CB  OG1  sing N N 352 
THR CB  CG2  sing N N 353 
THR CB  HB   sing N N 354 
THR OG1 HG1  sing N N 355 
THR CG2 HG21 sing N N 356 
THR CG2 HG22 sing N N 357 
THR CG2 HG23 sing N N 358 
THR OXT HXT  sing N N 359 
TRP N   CA   sing N N 360 
TRP N   H    sing N N 361 
TRP N   H2   sing N N 362 
TRP CA  C    sing N N 363 
TRP CA  CB   sing N N 364 
TRP CA  HA   sing N N 365 
TRP C   O    doub N N 366 
TRP C   OXT  sing N N 367 
TRP CB  CG   sing N N 368 
TRP CB  HB2  sing N N 369 
TRP CB  HB3  sing N N 370 
TRP CG  CD1  doub Y N 371 
TRP CG  CD2  sing Y N 372 
TRP CD1 NE1  sing Y N 373 
TRP CD1 HD1  sing N N 374 
TRP CD2 CE2  doub Y N 375 
TRP CD2 CE3  sing Y N 376 
TRP NE1 CE2  sing Y N 377 
TRP NE1 HE1  sing N N 378 
TRP CE2 CZ2  sing Y N 379 
TRP CE3 CZ3  doub Y N 380 
TRP CE3 HE3  sing N N 381 
TRP CZ2 CH2  doub Y N 382 
TRP CZ2 HZ2  sing N N 383 
TRP CZ3 CH2  sing Y N 384 
TRP CZ3 HZ3  sing N N 385 
TRP CH2 HH2  sing N N 386 
TRP OXT HXT  sing N N 387 
TYR N   CA   sing N N 388 
TYR N   H    sing N N 389 
TYR N   H2   sing N N 390 
TYR CA  C    sing N N 391 
TYR CA  CB   sing N N 392 
TYR CA  HA   sing N N 393 
TYR C   O    doub N N 394 
TYR C   OXT  sing N N 395 
TYR CB  CG   sing N N 396 
TYR CB  HB2  sing N N 397 
TYR CB  HB3  sing N N 398 
TYR CG  CD1  doub Y N 399 
TYR CG  CD2  sing Y N 400 
TYR CD1 CE1  sing Y N 401 
TYR CD1 HD1  sing N N 402 
TYR CD2 CE2  doub Y N 403 
TYR CD2 HD2  sing N N 404 
TYR CE1 CZ   doub Y N 405 
TYR CE1 HE1  sing N N 406 
TYR CE2 CZ   sing Y N 407 
TYR CE2 HE2  sing N N 408 
TYR CZ  OH   sing N N 409 
TYR OH  HH   sing N N 410 
TYR OXT HXT  sing N N 411 
VAL N   CA   sing N N 412 
VAL N   H    sing N N 413 
VAL N   H2   sing N N 414 
VAL CA  C    sing N N 415 
VAL CA  CB   sing N N 416 
VAL CA  HA   sing N N 417 
VAL C   O    doub N N 418 
VAL C   OXT  sing N N 419 
VAL CB  CG1  sing N N 420 
VAL CB  CG2  sing N N 421 
VAL CB  HB   sing N N 422 
VAL CG1 HG11 sing N N 423 
VAL CG1 HG12 sing N N 424 
VAL CG1 HG13 sing N N 425 
VAL CG2 HG21 sing N N 426 
VAL CG2 HG22 sing N N 427 
VAL CG2 HG23 sing N N 428 
VAL OXT HXT  sing N N 429 
# 
_pdbx_deposit_group.group_id            G_1002061 
_pdbx_deposit_group.group_description   
;XDomainX of XOrganismX DCP2 (NUDT20) screened against the XXX Fragment Library by X-ray Crystallography at the XChem facility of Diamond Light Source beamline I04-1
;
_pdbx_deposit_group.group_title         'PanDDA analysis group deposition' 
_pdbx_deposit_group.group_type          'changed state' 
# 
_pdbx_related_exp_data_set.ordinal              1 
_pdbx_related_exp_data_set.data_reference       10.5281/zenodo.1437589 
_pdbx_related_exp_data_set.metadata_reference   10.5281/zenodo.1437589 
_pdbx_related_exp_data_set.data_set_type        'other data' 
_pdbx_related_exp_data_set.details              'Complete PanDDA analysis' 
# 
_atom_sites.entry_id                    5QOT 
_atom_sites.fract_transf_matrix[1][1]   -0.00983518 
_atom_sites.fract_transf_matrix[1][2]   -0.01830519 
_atom_sites.fract_transf_matrix[1][3]   -0.00173065 
_atom_sites.fract_transf_matrix[2][1]   0.01222027 
_atom_sites.fract_transf_matrix[2][2]   -0.00735708 
_atom_sites.fract_transf_matrix[2][3]   0.00836921 
_atom_sites.fract_transf_matrix[3][1]   -0.00737926 
_atom_sites.fract_transf_matrix[3][2]   0.00272003 
_atom_sites.fract_transf_matrix[3][3]   0.01316589 
_atom_sites.fract_transf_vector[1]      -0.883075 
_atom_sites.fract_transf_vector[2]      0.224042 
_atom_sites.fract_transf_vector[3]      1.167016 
# 
loop_
_atom_type.symbol 
C 
F 
N 
O 
S 
# 
loop_
_atom_site.group_PDB 
_atom_site.id 
_atom_site.type_symbol 
_atom_site.label_atom_id 
_atom_site.label_alt_id 
_atom_site.label_comp_id 
_atom_site.label_asym_id 
_atom_site.label_entity_id 
_atom_site.label_seq_id 
_atom_site.pdbx_PDB_ins_code 
_atom_site.Cartn_x 
_atom_site.Cartn_y 
_atom_site.Cartn_z 
_atom_site.occupancy 
_atom_site.B_iso_or_equiv 
_atom_site.pdbx_formal_charge 
_atom_site.auth_seq_id 
_atom_site.auth_comp_id 
_atom_site.auth_asym_id 
_atom_site.auth_atom_id 
_atom_site.pdbx_PDB_model_num 
ATOM   1    N N   . GLY A 1 3   ? -8.759  -17.210 -0.157  1.00 65.71 ? 96  GLY A N   1 
ATOM   2    C CA  . GLY A 1 3   ? -8.256  -16.245 0.870   1.00 64.66 ? 96  GLY A CA  1 
ATOM   3    C C   . GLY A 1 3   ? -9.261  -15.133 1.160   1.00 59.73 ? 96  GLY A C   1 
ATOM   4    O O   . GLY A 1 3   ? -10.081 -14.738 0.303   1.00 57.13 ? 96  GLY A O   1 
ATOM   5    N N   . VAL A 1 4   ? -9.232  -14.611 2.376   1.00 53.77 ? 97  VAL A N   1 
ATOM   6    C CA  . VAL A 1 4   ? -10.170 -13.513 2.710   1.00 50.14 ? 97  VAL A CA  1 
ATOM   7    C C   . VAL A 1 4   ? -9.674  -12.212 1.968   1.00 38.21 ? 97  VAL A C   1 
ATOM   8    O O   . VAL A 1 4   ? -8.519  -11.949 2.124   1.00 42.65 ? 97  VAL A O   1 
ATOM   9    C CB  . VAL A 1 4   ? -10.108 -13.214 4.212   1.00 53.29 ? 97  VAL A CB  1 
ATOM   10   C CG1 . VAL A 1 4   ? -11.060 -12.066 4.532   1.00 51.40 ? 97  VAL A CG1 1 
ATOM   11   C CG2 . VAL A 1 4   ? -10.406 -14.477 5.051   1.00 59.46 ? 97  VAL A CG2 1 
ATOM   12   N N   . PRO A 1 5   ? -10.547 -11.449 1.245   1.00 41.38 ? 98  PRO A N   1 
ATOM   13   C CA  . PRO A 1 5   ? -10.034 -10.216 0.566   1.00 37.96 ? 98  PRO A CA  1 
ATOM   14   C C   . PRO A 1 5   ? -9.435  -9.219  1.548   1.00 38.84 ? 98  PRO A C   1 
ATOM   15   O O   . PRO A 1 5   ? -9.827  -9.195  2.719   1.00 35.42 ? 98  PRO A O   1 
ATOM   16   C CB  . PRO A 1 5   ? -11.235 -9.655  -0.168  1.00 43.83 ? 98  PRO A CB  1 
ATOM   17   C CG  . PRO A 1 5   ? -12.229 -10.820 -0.232  1.00 45.14 ? 98  PRO A CG  1 
ATOM   18   C CD  . PRO A 1 5   ? -11.944 -11.723 0.893   1.00 42.02 ? 98  PRO A CD  1 
ATOM   19   N N   . THR A 1 6   ? -8.432  -8.433  1.081   1.00 33.04 ? 99  THR A N   1 
ATOM   20   C CA  . THR A 1 6   ? -7.835  -7.327  1.883   1.00 33.56 ? 99  THR A CA  1 
ATOM   21   C C   . THR A 1 6   ? -8.132  -6.009  1.201   1.00 29.14 ? 99  THR A C   1 
ATOM   22   O O   . THR A 1 6   ? -8.243  -5.924  -0.011  1.00 29.91 ? 99  THR A O   1 
ATOM   23   C CB  . THR A 1 6   ? -6.304  -7.533  2.128   1.00 36.15 ? 99  THR A CB  1 
ATOM   24   O OG1 . THR A 1 6   ? -5.643  -7.628  0.858   1.00 31.82 ? 99  THR A OG1 1 
ATOM   25   C CG2 . THR A 1 6   ? -6.082  -8.810  2.929   1.00 36.74 ? 99  THR A CG2 1 
ATOM   26   N N   . TYR A 1 7   ? -8.267  -4.948  2.020   1.00 30.50 ? 100 TYR A N   1 
ATOM   27   C CA  . TYR A 1 7   ? -8.575  -3.678  1.545   1.00 29.43 ? 100 TYR A CA  1 
ATOM   28   C C   . TYR A 1 7   ? -7.703  -2.705  2.290   1.00 25.17 ? 100 TYR A C   1 
ATOM   29   O O   . TYR A 1 7   ? -7.388  -2.898  3.437   1.00 27.85 ? 100 TYR A O   1 
ATOM   30   C CB  . TYR A 1 7   ? -10.115 -3.324  1.759   1.00 30.85 ? 100 TYR A CB  1 
ATOM   31   C CG  . TYR A 1 7   ? -11.037 -4.220  0.980   1.00 30.54 ? 100 TYR A CG  1 
ATOM   32   C CD1 . TYR A 1 7   ? -11.257 -4.012  -0.342  1.00 35.10 ? 100 TYR A CD1 1 
ATOM   33   C CD2 . TYR A 1 7   ? -11.672 -5.265  1.612   1.00 34.95 ? 100 TYR A CD2 1 
ATOM   34   C CE1 . TYR A 1 7   ? -12.033 -4.904  -1.098  1.00 37.25 ? 100 TYR A CE1 1 
ATOM   35   C CE2 . TYR A 1 7   ? -12.449 -6.186  0.898   1.00 35.17 ? 100 TYR A CE2 1 
ATOM   36   C CZ  . TYR A 1 7   ? -12.678 -5.949  -0.413  1.00 38.07 ? 100 TYR A CZ  1 
ATOM   37   O OH  . TYR A 1 7   ? -13.483 -6.835  -1.073  1.00 44.11 ? 100 TYR A OH  1 
ATOM   38   N N   . GLY A 1 8   ? -7.335  -1.636  1.593   1.00 24.37 ? 101 GLY A N   1 
ATOM   39   C CA  . GLY A 1 8   ? -6.520  -0.568  2.173   1.00 23.35 ? 101 GLY A CA  1 
ATOM   40   C C   . GLY A 1 8   ? -6.365  0.584   1.200   1.00 23.78 ? 101 GLY A C   1 
ATOM   41   O O   . GLY A 1 8   ? -7.286  0.912   0.415   1.00 24.67 ? 101 GLY A O   1 
ATOM   42   N N   . ALA A 1 9   ? -5.253  1.311   1.304   1.00 22.80 ? 102 ALA A N   1 
ATOM   43   C CA  . ALA A 1 9   ? -5.071  2.545   0.516   1.00 21.77 ? 102 ALA A CA  1 
ATOM   44   C C   . ALA A 1 9   ? -3.652  2.777   0.087   1.00 22.18 ? 102 ALA A C   1 
ATOM   45   O O   . ALA A 1 9   ? -2.729  2.412   0.759   1.00 22.27 ? 102 ALA A O   1 
ATOM   46   C CB  . ALA A 1 9   ? -5.544  3.776   1.253   1.00 23.88 ? 102 ALA A CB  1 
ATOM   47   N N   . ILE A 1 10  ? -3.573  3.415   -1.064  1.00 21.77 ? 103 ILE A N   1 
ATOM   48   C CA  . ILE A 1 10  ? -2.359  4.051   -1.551  1.00 21.77 ? 103 ILE A CA  1 
ATOM   49   C C   . ILE A 1 10  ? -2.587  5.515   -1.373  1.00 20.79 ? 103 ILE A C   1 
ATOM   50   O O   . ILE A 1 10  ? -3.369  6.177   -2.162  1.00 22.42 ? 103 ILE A O   1 
ATOM   51   C CB  . ILE A 1 10  ? -2.181  3.733   -3.053  1.00 24.07 ? 103 ILE A CB  1 
ATOM   52   C CG1 . ILE A 1 10  ? -1.877  2.292   -3.232  1.00 24.56 ? 103 ILE A CG1 1 
ATOM   53   C CG2 . ILE A 1 10  ? -1.054  4.568   -3.601  1.00 26.17 ? 103 ILE A CG2 1 
ATOM   54   C CD1 . ILE A 1 10  ? -1.957  1.839   -4.711  1.00 28.27 ? 103 ILE A CD1 1 
ATOM   55   N N   . ILE A 1 11  ? -1.907  6.098   -0.415  1.00 21.56 ? 104 ILE A N   1 
ATOM   56   C CA  . ILE A 1 11  ? -2.041  7.480   -0.080  1.00 22.79 ? 104 ILE A CA  1 
ATOM   57   C C   . ILE A 1 11  ? -0.859  8.172   -0.724  1.00 22.83 ? 104 ILE A C   1 
ATOM   58   O O   . ILE A 1 11  ? 0.273   7.745   -0.530  1.00 22.24 ? 104 ILE A O   1 
ATOM   59   C CB  . ILE A 1 11  ? -1.984  7.666   1.456   1.00 23.47 ? 104 ILE A CB  1 
ATOM   60   C CG1 . ILE A 1 11  ? -3.244  7.098   2.089   1.00 24.09 ? 104 ILE A CG1 1 
ATOM   61   C CG2 . ILE A 1 11  ? -1.798  9.110   1.870   1.00 25.91 ? 104 ILE A CG2 1 
ATOM   62   C CD1 . ILE A 1 11  ? -3.099  6.851   3.569   1.00 27.65 ? 104 ILE A CD1 1 
ATOM   63   N N   . LEU A 1 12  ? -1.146  9.228   -1.474  1.00 21.43 ? 105 LEU A N   1 
ATOM   64   C CA  . LEU A 1 12  ? -0.117  10.076  -2.105  1.00 20.73 ? 105 LEU A CA  1 
ATOM   65   C C   . LEU A 1 12  ? -0.183  11.483  -1.509  1.00 21.56 ? 105 LEU A C   1 
ATOM   66   O O   . LEU A 1 12  ? -1.253  11.962  -1.063  1.00 24.28 ? 105 LEU A O   1 
ATOM   67   C CB  . LEU A 1 12  ? -0.359  10.175  -3.587  1.00 25.58 ? 105 LEU A CB  1 
ATOM   68   C CG  . LEU A 1 12  ? -0.339  8.830   -4.332  1.00 31.03 ? 105 LEU A CG  1 
ATOM   69   C CD1 . LEU A 1 12  ? -1.706  8.297   -4.554  1.00 36.95 ? 105 LEU A CD1 1 
ATOM   70   C CD2 . LEU A 1 12  ? 0.416   8.906   -5.632  1.00 39.55 ? 105 LEU A CD2 1 
ATOM   71   N N   . ASP A 1 13  ? 0.931   12.195  -1.648  1.00 23.81 ? 106 ASP A N   1 
ATOM   72   C CA  . ASP A 1 13  ? 0.985   13.548  -1.172  1.00 27.74 ? 106 ASP A CA  1 
ATOM   73   C C   . ASP A 1 13  ? 0.447   14.474  -2.271  1.00 26.02 ? 106 ASP A C   1 
ATOM   74   O O   . ASP A 1 13  ? -0.072  14.049  -3.273  1.00 27.40 ? 106 ASP A O   1 
ATOM   75   C CB  . ASP A 1 13  ? 2.412   13.893  -0.766  1.00 30.56 ? 106 ASP A CB  1 
ATOM   76   C CG  . ASP A 1 13  ? 3.409   13.896  -1.946  1.00 34.41 ? 106 ASP A CG  1 
ATOM   77   O OD1 . ASP A 1 13  ? 3.174   13.315  -3.045  1.00 33.37 ? 106 ASP A OD1 1 
ATOM   78   O OD2 . ASP A 1 13  ? 4.495   14.353  -1.655  1.00 42.61 ? 106 ASP A OD2 1 
ATOM   79   N N   . GLU A 1 14  ? 0.657   15.743  -2.046  1.00 29.93 ? 107 GLU A N   1 
ATOM   80   C CA  . GLU A 1 14  ? 0.120   16.752  -2.943  1.00 32.53 ? 107 GLU A CA  1 
ATOM   81   C C   . GLU A 1 14  ? 0.876   16.868  -4.254  1.00 31.27 ? 107 GLU A C   1 
ATOM   82   O O   . GLU A 1 14  ? 0.286   17.234  -5.222  1.00 29.67 ? 107 GLU A O   1 
ATOM   83   C CB  . GLU A 1 14  ? -0.003  18.134  -2.257  1.00 40.09 ? 107 GLU A CB  1 
ATOM   84   C CG  . GLU A 1 14  ? 1.285   18.710  -1.754  1.00 42.86 ? 107 GLU A CG  1 
ATOM   85   C CD  . GLU A 1 14  ? 1.497   18.462  -0.274  1.00 52.27 ? 107 GLU A CD  1 
ATOM   86   O OE1 . GLU A 1 14  ? 2.041   17.393  0.097   1.00 44.68 ? 107 GLU A OE1 1 
ATOM   87   O OE2 . GLU A 1 14  ? 1.145   19.339  0.561   1.00 72.23 ? 107 GLU A OE2 1 
ATOM   88   N N   . THR A 1 15  ? 2.152   16.398  -4.308  1.00 28.63 ? 108 THR A N   1 
ATOM   89   C CA  . THR A 1 15  ? 2.904   16.528  -5.476  1.00 28.83 ? 108 THR A CA  1 
ATOM   90   C C   . THR A 1 15  ? 2.733   15.319  -6.344  1.00 28.66 ? 108 THR A C   1 
ATOM   91   O O   . THR A 1 15  ? 3.120   15.298  -7.516  1.00 30.91 ? 108 THR A O   1 
ATOM   92   C CB  . THR A 1 15  ? 4.408   16.621  -5.156  1.00 34.66 ? 108 THR A CB  1 
ATOM   93   O OG1 . THR A 1 15  ? 4.849   15.321  -4.742  1.00 33.76 ? 108 THR A OG1 1 
ATOM   94   C CG2 . THR A 1 15  ? 4.683   17.577  -4.102  1.00 43.05 ? 108 THR A CG2 1 
ATOM   95   N N   . LEU A 1 16  ? 2.071   14.293  -5.786  1.00 27.57 ? 109 LEU A N   1 
ATOM   96   C CA  . LEU A 1 16  ? 1.890   12.999  -6.487  1.00 26.80 ? 109 LEU A CA  1 
ATOM   97   C C   . LEU A 1 16  ? 3.218   12.210  -6.683  1.00 27.96 ? 109 LEU A C   1 
ATOM   98   O O   . LEU A 1 16  ? 3.206   11.196  -7.480  1.00 34.62 ? 109 LEU A O   1 
ATOM   99   C CB  . LEU A 1 16  ? 1.157   13.051  -7.828  1.00 31.09 ? 109 LEU A CB  1 
ATOM   100  C CG  . LEU A 1 16  ? -0.115  13.860  -7.885  1.00 31.69 ? 109 LEU A CG  1 
ATOM   101  C CD1 . LEU A 1 16  ? -0.654  13.969  -9.266  1.00 36.20 ? 109 LEU A CD1 1 
ATOM   102  C CD2 . LEU A 1 16  ? -1.068  13.103  -6.939  1.00 34.56 ? 109 LEU A CD2 1 
ATOM   103  N N   . GLU A 1 17  ? 4.266   12.644  -5.998  0.50 30.76 ? 110 GLU A N   1 
ATOM   104  C CA  . GLU A 1 17  ? 5.615   12.075  -6.102  0.50 32.46 ? 110 GLU A CA  1 
ATOM   105  C C   . GLU A 1 17  ? 5.805   10.911  -5.123  0.50 30.98 ? 110 GLU A C   1 
ATOM   106  O O   . GLU A 1 17  ? 6.586   9.984   -5.427  0.50 27.01 ? 110 GLU A O   1 
ATOM   107  C CB  . GLU A 1 17  ? 6.691   13.090  -5.689  0.50 36.34 ? 110 GLU A CB  1 
ATOM   108  C CG  . GLU A 1 17  ? 6.964   14.235  -6.646  0.50 39.46 ? 110 GLU A CG  1 
ATOM   109  C CD  . GLU A 1 17  ? 7.882   15.304  -6.046  0.50 44.18 ? 110 GLU A CD  1 
ATOM   110  O OE1 . GLU A 1 17  ? 7.478   16.020  -5.090  0.50 46.30 ? 110 GLU A OE1 1 
ATOM   111  O OE2 . GLU A 1 17  ? 9.017   15.441  -6.551  0.50 42.53 ? 110 GLU A OE2 1 
ATOM   112  N N   . ASN A 1 18  ? 5.124   11.001  -3.965  1.00 28.04 ? 111 ASN A N   1 
ATOM   113  C CA  . ASN A 1 18  ? 5.405   10.208  -2.775  1.00 26.43 ? 111 ASN A CA  1 
ATOM   114  C C   . ASN A 1 18  ? 4.167   9.425   -2.348  1.00 29.62 ? 111 ASN A C   1 
ATOM   115  O O   . ASN A 1 18  ? 3.045   9.889   -2.519  1.00 25.25 ? 111 ASN A O   1 
ATOM   116  C CB  . ASN A 1 18  ? 5.883   11.034  -1.620  1.00 30.88 ? 111 ASN A CB  1 
ATOM   117  C CG  . ASN A 1 18  ? 7.137   11.854  -1.986  1.00 42.78 ? 111 ASN A CG  1 
ATOM   118  O OD1 . ASN A 1 18  ? 8.190   11.290  -2.277  1.00 39.88 ? 111 ASN A OD1 1 
ATOM   119  N ND2 . ASN A 1 18  ? 6.996   13.122  -2.050  1.00 38.96 ? 111 ASN A ND2 1 
ATOM   120  N N   . VAL A 1 19  ? 4.423   8.215   -1.864  1.00 24.80 ? 112 VAL A N   1 
ATOM   121  C CA  . VAL A 1 19  ? 3.420   7.330   -1.332  1.00 21.20 ? 112 VAL A CA  1 
ATOM   122  C C   . VAL A 1 19  ? 3.701   6.971   0.078   1.00 21.85 ? 112 VAL A C   1 
ATOM   123  O O   . VAL A 1 19  ? 4.844   6.873   0.493   1.00 23.61 ? 112 VAL A O   1 
ATOM   124  C CB  . VAL A 1 19  ? 3.262   5.999   -2.141  1.00 23.05 ? 112 VAL A CB  1 
ATOM   125  C CG1 . VAL A 1 19  ? 2.637   6.206   -3.465  1.00 30.49 ? 112 VAL A CG1 1 
ATOM   126  C CG2 . VAL A 1 19  ? 4.585   5.168   -2.207  1.00 24.26 ? 112 VAL A CG2 1 
ATOM   127  N N   . LEU A 1 20  ? 2.668   6.681   0.844   1.00 20.96 ? 113 LEU A N   1 
ATOM   128  C CA  . LEU A 1 20  ? 2.830   6.381   2.265   1.00 23.96 ? 113 LEU A CA  1 
ATOM   129  C C   . LEU A 1 20  ? 2.878   4.855   2.471   1.00 24.43 ? 113 LEU A C   1 
ATOM   130  O O   . LEU A 1 20  ? 1.987   4.134   2.119   1.00 24.00 ? 113 LEU A O   1 
ATOM   131  C CB  . LEU A 1 20  ? 1.668   6.942   3.077   1.00 23.84 ? 113 LEU A CB  1 
ATOM   132  C CG  . LEU A 1 20  ? 1.854   6.929   4.631   1.00 24.71 ? 113 LEU A CG  1 
ATOM   133  C CD1 . LEU A 1 20  ? 2.885   8.049   5.005   1.00 25.77 ? 113 LEU A CD1 1 
ATOM   134  C CD2 . LEU A 1 20  ? 0.516   7.084   5.351   1.00 27.56 ? 113 LEU A CD2 1 
ATOM   135  N N   . LEU A 1 21  ? 3.976   4.355   2.988   1.00 22.77 ? 114 LEU A N   1 
ATOM   136  C CA  . LEU A 1 21  ? 4.112   2.960   3.273   1.00 22.51 ? 114 LEU A CA  1 
ATOM   137  C C   . LEU A 1 21  ? 4.236   2.737   4.803   1.00 23.10 ? 114 LEU A C   1 
ATOM   138  O O   . LEU A 1 21  ? 4.584   3.641   5.547   1.00 23.40 ? 114 LEU A O   1 
ATOM   139  C CB  . LEU A 1 21  ? 5.323   2.300   2.610   1.00 22.06 ? 114 LEU A CB  1 
ATOM   140  C CG  . LEU A 1 21  ? 5.416   2.439   1.098   1.00 23.65 ? 114 LEU A CG  1 
ATOM   141  C CD1 . LEU A 1 21  ? 6.593   1.667   0.572   1.00 23.60 ? 114 LEU A CD1 1 
ATOM   142  C CD2 . LEU A 1 21  ? 4.156   1.906   0.478   1.00 26.56 ? 114 LEU A CD2 1 
ATOM   143  N N   . VAL A 1 22  ? 3.856   1.546   5.222   1.00 21.48 ? 115 VAL A N   1 
ATOM   144  C CA  . VAL A 1 22  ? 3.968   1.139   6.625   1.00 22.99 ? 115 VAL A CA  1 
ATOM   145  C C   . VAL A 1 22  ? 4.851   -0.087  6.749   1.00 22.64 ? 115 VAL A C   1 
ATOM   146  O O   . VAL A 1 22  ? 4.925   -0.875  5.811   1.00 22.41 ? 115 VAL A O   1 
ATOM   147  C CB  . VAL A 1 22  ? 2.626   0.916   7.335   1.00 24.07 ? 115 VAL A CB  1 
ATOM   148  C CG1 . VAL A 1 22  ? 1.811   2.219   7.292   1.00 26.93 ? 115 VAL A CG1 1 
ATOM   149  C CG2 . VAL A 1 22  ? 1.852   -0.254  6.718   1.00 26.51 ? 115 VAL A CG2 1 
ATOM   150  N N   . GLN A 1 23  ? 5.546   -0.233  7.892   1.00 23.35 ? 116 GLN A N   1 
ATOM   151  C CA  . GLN A 1 23  ? 6.455   -1.309  8.103   1.00 22.97 ? 116 GLN A CA  1 
ATOM   152  C C   . GLN A 1 23  ? 5.926   -2.118  9.282   1.00 25.22 ? 116 GLN A C   1 
ATOM   153  O O   . GLN A 1 23  ? 5.643   -1.568  10.304  1.00 25.28 ? 116 GLN A O   1 
ATOM   154  C CB  . GLN A 1 23  ? 7.876   -0.768  8.405   1.00 24.25 ? 116 GLN A CB  1 
ATOM   155  C CG  . GLN A 1 23  ? 8.935   -1.807  8.597   1.00 24.76 ? 116 GLN A CG  1 
ATOM   156  C CD  . GLN A 1 23  ? 10.258  -1.188  8.929   1.00 28.07 ? 116 GLN A CD  1 
ATOM   157  O OE1 . GLN A 1 23  ? 10.327  -0.166  9.620   1.00 28.80 ? 116 GLN A OE1 1 
ATOM   158  N NE2 . GLN A 1 23  ? 11.283  -1.789  8.451   1.00 28.34 ? 116 GLN A NE2 1 
ATOM   159  N N   . GLY A 1 24  ? 5.739   -3.398  9.062   1.00 25.96 ? 117 GLY A N   1 
ATOM   160  C CA  . GLY A 1 24  ? 5.248   -4.226  10.190  1.00 25.98 ? 117 GLY A CA  1 
ATOM   161  C C   . GLY A 1 24  ? 6.404   -4.941  10.882  1.00 28.16 ? 117 GLY A C   1 
ATOM   162  O O   . GLY A 1 24  ? 7.530   -4.526  10.800  1.00 28.50 ? 117 GLY A O   1 
ATOM   163  N N   . TYR A 1 25  ? 6.052   -6.038  11.500  1.00 29.27 ? 118 TYR A N   1 
ATOM   164  C CA  . TYR A 1 25  ? 6.960   -6.923  12.226  1.00 29.87 ? 118 TYR A CA  1 
ATOM   165  C C   . TYR A 1 25  ? 6.904   -8.344  11.731  1.00 35.66 ? 118 TYR A C   1 
ATOM   166  O O   . TYR A 1 25  ? 5.920   -8.771  11.133  1.00 31.94 ? 118 TYR A O   1 
ATOM   167  C CB  . TYR A 1 25  ? 6.561   -6.947  13.663  1.00 29.38 ? 118 TYR A CB  1 
ATOM   168  C CG  . TYR A 1 25  ? 6.769   -5.623  14.393  1.00 28.44 ? 118 TYR A CG  1 
ATOM   169  C CD1 . TYR A 1 25  ? 8.059   -5.156  14.683  1.00 28.67 ? 118 TYR A CD1 1 
ATOM   170  C CD2 . TYR A 1 25  ? 5.747   -4.886  14.788  1.00 26.87 ? 118 TYR A CD2 1 
ATOM   171  C CE1 . TYR A 1 25  ? 8.242   -3.988  15.363  1.00 27.80 ? 118 TYR A CE1 1 
ATOM   172  C CE2 . TYR A 1 25  ? 5.968   -3.663  15.396  1.00 26.93 ? 118 TYR A CE2 1 
ATOM   173  C CZ  . TYR A 1 25  ? 7.204   -3.236  15.663  1.00 28.34 ? 118 TYR A CZ  1 
ATOM   174  O OH  . TYR A 1 25  ? 7.365   -2.069  16.352  1.00 32.74 ? 118 TYR A OH  1 
ATOM   175  N N   . LEU A 1 26  ? 7.999   -9.063  11.986  1.00 36.34 ? 119 LEU A N   1 
ATOM   176  C CA  . LEU A 1 26  ? 8.030   -10.529 11.794  1.00 39.67 ? 119 LEU A CA  1 
ATOM   177  C C   . LEU A 1 26  ? 7.763   -10.927 10.340  1.00 38.08 ? 119 LEU A C   1 
ATOM   178  O O   . LEU A 1 26  ? 8.521   -10.549 9.493   1.00 37.15 ? 119 LEU A O   1 
ATOM   179  C CB  . LEU A 1 26  ? 7.070   -11.216 12.762  1.00 44.43 ? 119 LEU A CB  1 
ATOM   180  C CG  . LEU A 1 26  ? 7.494   -10.980 14.221  1.00 44.54 ? 119 LEU A CG  1 
ATOM   181  C CD1 . LEU A 1 26  ? 6.390   -11.505 15.098  1.00 41.76 ? 119 LEU A CD1 1 
ATOM   182  C CD2 . LEU A 1 26  ? 8.883   -11.577 14.514  1.00 49.34 ? 119 LEU A CD2 1 
ATOM   183  N N   . ALA A 1 27  ? 6.706   -11.672 10.072  1.00 38.97 ? 120 ALA A N   1 
ATOM   184  C CA  . ALA A 1 27  ? 6.328   -12.037 8.709   1.00 41.90 ? 120 ALA A CA  1 
ATOM   185  C C   . ALA A 1 27  ? 6.002   -10.822 7.843   1.00 41.97 ? 120 ALA A C   1 
ATOM   186  O O   . ALA A 1 27  ? 6.169   -10.895 6.628   1.00 43.65 ? 120 ALA A O   1 
ATOM   187  C CB  . ALA A 1 27  ? 5.135   -13.016 8.709   1.00 46.55 ? 120 ALA A CB  1 
ATOM   188  N N   . LYS A 1 28  ? 5.550   -9.740  8.484   0.46 39.59 ? 121 LYS A N   1 
ATOM   189  C CA  . LYS A 1 28  ? 5.237   -8.484  7.830   0.46 38.09 ? 121 LYS A CA  1 
ATOM   190  C C   . LYS A 1 28  ? 6.321   -7.428  8.066   0.46 35.55 ? 121 LYS A C   1 
ATOM   191  O O   . LYS A 1 28  ? 6.048   -6.241  8.061   0.46 34.72 ? 121 LYS A O   1 
ATOM   192  C CB  . LYS A 1 28  ? 3.886   -7.980  8.330   0.46 40.28 ? 121 LYS A CB  1 
ATOM   193  C CG  . LYS A 1 28  ? 2.780   -9.019  8.245   0.46 41.99 ? 121 LYS A CG  1 
ATOM   194  C CD  . LYS A 1 28  ? 1.468   -8.514  8.824   0.46 44.11 ? 121 LYS A CD  1 
ATOM   195  C CE  . LYS A 1 28  ? 0.575   -7.876  7.773   0.46 45.62 ? 121 LYS A CE  1 
ATOM   196  N NZ  . LYS A 1 28  ? -0.824  -7.748  8.254   0.46 45.25 ? 121 LYS A NZ  1 
ATOM   197  N N   . SER A 1 29  ? 7.562   -7.875  8.218   1.00 32.84 ? 122 SER A N   1 
ATOM   198  C CA  . SER A 1 29  ? 8.671   -7.009  8.540   1.00 36.45 ? 122 SER A CA  1 
ATOM   199  C C   . SER A 1 29  ? 9.143   -5.906  7.551   1.00 39.94 ? 122 SER A C   1 
ATOM   200  O O   . SER A 1 29  ? 9.919   -4.953  7.932   1.00 45.74 ? 122 SER A O   1 
ATOM   201  C CB  . SER A 1 29  ? 9.854   -7.945  8.821   1.00 37.67 ? 122 SER A CB  1 
ATOM   202  O OG  . SER A 1 29  ? 10.842  -7.101  9.221   1.00 47.08 ? 122 SER A OG  1 
ATOM   203  N N   . GLY A 1 30  ? 8.681   -5.994  6.342   1.00 32.23 ? 123 GLY A N   1 
ATOM   204  C CA  . GLY A 1 30  ? 9.066   -5.049  5.273   1.00 30.19 ? 123 GLY A CA  1 
ATOM   205  C C   . GLY A 1 30  ? 8.019   -3.940  5.182   1.00 29.79 ? 123 GLY A C   1 
ATOM   206  O O   . GLY A 1 30  ? 7.162   -3.807  6.071   1.00 30.55 ? 123 GLY A O   1 
ATOM   207  N N   . TRP A 1 31  ? 8.115   -3.205  4.101   1.00 24.94 ? 124 TRP A N   1 
ATOM   208  C CA  . TRP A 1 31  ? 7.259   -2.073  3.846   1.00 23.94 ? 124 TRP A CA  1 
ATOM   209  C C   . TRP A 1 31  ? 6.149   -2.451  2.902   1.00 26.41 ? 124 TRP A C   1 
ATOM   210  O O   . TRP A 1 31  ? 6.392   -3.161  1.914   1.00 26.57 ? 124 TRP A O   1 
ATOM   211  C CB  . TRP A 1 31  ? 8.097   -0.947  3.222   1.00 23.63 ? 124 TRP A CB  1 
ATOM   212  C CG  . TRP A 1 31  ? 9.091   -0.309  4.158   1.00 24.98 ? 124 TRP A CG  1 
ATOM   213  C CD1 . TRP A 1 31  ? 10.403  -0.627  4.303   1.00 25.61 ? 124 TRP A CD1 1 
ATOM   214  C CD2 . TRP A 1 31  ? 8.815   0.683   5.128   1.00 22.90 ? 124 TRP A CD2 1 
ATOM   215  N NE1 . TRP A 1 31  ? 10.966  0.144   5.318   1.00 26.58 ? 124 TRP A NE1 1 
ATOM   216  C CE2 . TRP A 1 31  ? 10.020  0.963   5.826   1.00 24.63 ? 124 TRP A CE2 1 
ATOM   217  C CE3 . TRP A 1 31  ? 7.683   1.418   5.448   1.00 23.20 ? 124 TRP A CE3 1 
ATOM   218  C CZ2 . TRP A 1 31  ? 10.112  1.980   6.767   1.00 27.10 ? 124 TRP A CZ2 1 
ATOM   219  C CZ3 . TRP A 1 31  ? 7.768   2.398   6.419   1.00 25.14 ? 124 TRP A CZ3 1 
ATOM   220  C CH2 . TRP A 1 31  ? 8.937   2.605   7.127   1.00 26.75 ? 124 TRP A CH2 1 
ATOM   221  N N   . GLY A 1 32  ? 4.943   -1.886  3.112   1.00 23.56 ? 125 GLY A N   1 
ATOM   222  C CA  . GLY A 1 32  ? 3.851   -2.215  2.261   1.00 24.73 ? 125 GLY A CA  1 
ATOM   223  C C   . GLY A 1 32  ? 2.803   -1.134  2.464   1.00 21.58 ? 125 GLY A C   1 
ATOM   224  O O   . GLY A 1 32  ? 2.911   -0.294  3.327   1.00 23.22 ? 125 GLY A O   1 
ATOM   225  N N   . PHE A 1 33  ? 1.800   -1.140  1.572   1.00 24.44 ? 126 PHE A N   1 
ATOM   226  C CA  . PHE A 1 33  ? 0.673   -0.287  1.739   1.00 21.53 ? 126 PHE A CA  1 
ATOM   227  C C   . PHE A 1 33  ? -0.177  -0.768  2.935   1.00 23.38 ? 126 PHE A C   1 
ATOM   228  O O   . PHE A 1 33  ? -0.291  -1.952  3.174   1.00 24.70 ? 126 PHE A O   1 
ATOM   229  C CB  . PHE A 1 33  ? -0.165  -0.282  0.437   1.00 22.13 ? 126 PHE A CB  1 
ATOM   230  C CG  . PHE A 1 33  ? 0.563   0.316   -0.701  1.00 23.39 ? 126 PHE A CG  1 
ATOM   231  C CD1 . PHE A 1 33  ? 0.844   1.662   -0.752  1.00 22.97 ? 126 PHE A CD1 1 
ATOM   232  C CD2 . PHE A 1 33  ? 1.167   -0.499  -1.624  1.00 25.36 ? 126 PHE A CD2 1 
ATOM   233  C CE1 . PHE A 1 33  ? 1.560   2.195   -1.786  1.00 24.00 ? 126 PHE A CE1 1 
ATOM   234  C CE2 . PHE A 1 33  ? 1.938   0.032   -2.665  1.00 23.99 ? 126 PHE A CE2 1 
ATOM   235  C CZ  . PHE A 1 33  ? 2.103   1.383   -2.765  1.00 24.69 ? 126 PHE A CZ  1 
ATOM   236  N N   . PRO A 1 34  ? -0.779  0.187   3.646   1.00 22.58 ? 127 PRO A N   1 
ATOM   237  C CA  . PRO A 1 34  ? -1.709  -0.152  4.717   1.00 23.64 ? 127 PRO A CA  1 
ATOM   238  C C   . PRO A 1 34  ? -2.952  -0.819  4.209   1.00 26.30 ? 127 PRO A C   1 
ATOM   239  O O   . PRO A 1 34  ? -3.605  -0.322  3.294   1.00 24.89 ? 127 PRO A O   1 
ATOM   240  C CB  . PRO A 1 34  ? -1.892  1.208   5.419   1.00 23.50 ? 127 PRO A CB  1 
ATOM   241  C CG  . PRO A 1 34  ? -1.758  2.202   4.288   1.00 23.82 ? 127 PRO A CG  1 
ATOM   242  C CD  . PRO A 1 34  ? -0.634  1.641   3.454   1.00 23.12 ? 127 PRO A CD  1 
ATOM   243  N N   . LYS A 1 35  ? -3.268  -2.005  4.781   1.00 24.82 ? 128 LYS A N   1 
ATOM   244  C CA  . LYS A 1 35  ? -4.344  -2.829  4.326   1.00 27.01 ? 128 LYS A CA  1 
ATOM   245  C C   . LYS A 1 35  ? -4.574  -3.929  5.350   1.00 28.84 ? 128 LYS A C   1 
ATOM   246  O O   . LYS A 1 35  ? -3.672  -4.246  6.139   1.00 29.76 ? 128 LYS A O   1 
ATOM   247  C CB  . LYS A 1 35  ? -4.090  -3.455  2.960   1.00 28.49 ? 128 LYS A CB  1 
ATOM   248  C CG  . LYS A 1 35  ? -2.932  -4.438  2.878   1.00 29.18 ? 128 LYS A CG  1 
ATOM   249  C CD  . LYS A 1 35  ? -2.810  -5.083  1.552   1.00 34.67 ? 128 LYS A CD  1 
ATOM   250  C CE  . LYS A 1 35  ? -1.684  -6.155  1.516   1.00 42.40 ? 128 LYS A CE  1 
ATOM   251  N NZ  . LYS A 1 35  ? -2.159  -7.389  2.190   1.00 53.97 ? 128 LYS A NZ  1 
ATOM   252  N N   . GLY A 1 36  ? -5.683  -4.609  5.208   1.00 31.09 ? 129 GLY A N   1 
ATOM   253  C CA  . GLY A 1 36  ? -5.933  -5.749  6.075   1.00 29.06 ? 129 GLY A CA  1 
ATOM   254  C C   . GLY A 1 36  ? -7.205  -6.483  5.653   1.00 33.79 ? 129 GLY A C   1 
ATOM   255  O O   . GLY A 1 36  ? -7.898  -6.131  4.711   1.00 30.88 ? 129 GLY A O   1 
ATOM   256  N N   . LYS A 1 37  ? -7.519  -7.537  6.421   1.00 32.57 ? 130 LYS A N   1 
ATOM   257  C CA  . LYS A 1 37  ? -8.565  -8.476  6.004   1.00 35.70 ? 130 LYS A CA  1 
ATOM   258  C C   . LYS A 1 37  ? -9.960  -7.928  6.335   1.00 30.87 ? 130 LYS A C   1 
ATOM   259  O O   . LYS A 1 37  ? -10.122 -7.279  7.353   1.00 37.00 ? 130 LYS A O   1 
ATOM   260  C CB  . LYS A 1 37  ? -8.317  -9.833  6.754   1.00 44.39 ? 130 LYS A CB  1 
ATOM   261  C CG  . LYS A 1 37  ? -7.381  -10.825 6.049   1.00 47.03 ? 130 LYS A CG  1 
ATOM   262  C CD  . LYS A 1 37  ? -7.175  -12.086 6.902   1.00 53.48 ? 130 LYS A CD  1 
ATOM   263  N N   . VAL A 1 38  ? -10.891 -8.143  5.434   1.00 33.90 ? 131 VAL A N   1 
ATOM   264  C CA  . VAL A 1 38  ? -12.263 -7.694  5.577   1.00 40.64 ? 131 VAL A CA  1 
ATOM   265  C C   . VAL A 1 38  ? -12.941 -8.548  6.684   1.00 41.27 ? 131 VAL A C   1 
ATOM   266  O O   . VAL A 1 38  ? -12.729 -9.782  6.723   1.00 42.56 ? 131 VAL A O   1 
ATOM   267  C CB  . VAL A 1 38  ? -13.032 -7.757  4.246   1.00 37.91 ? 131 VAL A CB  1 
ATOM   268  C CG1 . VAL A 1 38  ? -13.196 -9.190  3.683   1.00 43.58 ? 131 VAL A CG1 1 
ATOM   269  C CG2 . VAL A 1 38  ? -14.364 -7.027  4.366   1.00 43.25 ? 131 VAL A CG2 1 
ATOM   270  N N   . ASN A 1 39  ? -13.730 -7.871  7.519   1.00 40.78 ? 132 ASN A N   1 
ATOM   271  C CA  . ASN A 1 39  ? -14.593 -8.566  8.551   1.00 45.09 ? 132 ASN A CA  1 
ATOM   272  C C   . ASN A 1 39  ? -15.885 -9.071  7.880   1.00 47.33 ? 132 ASN A C   1 
ATOM   273  O O   . ASN A 1 39  ? -16.325 -8.546  6.861   1.00 46.27 ? 132 ASN A O   1 
ATOM   274  C CB  . ASN A 1 39  ? -14.912 -7.634  9.715   1.00 43.74 ? 132 ASN A CB  1 
ATOM   275  C CG  . ASN A 1 39  ? -13.722 -7.293  10.552  1.00 45.02 ? 132 ASN A CG  1 
ATOM   276  O OD1 . ASN A 1 39  ? -12.805 -8.108  10.757  1.00 53.81 ? 132 ASN A OD1 1 
ATOM   277  N ND2 . ASN A 1 39  ? -13.721 -6.099  11.090  1.00 42.71 ? 132 ASN A ND2 1 
ATOM   278  N N   . LYS A 1 40  ? -16.517 -10.114 8.442   1.00 55.26 ? 133 LYS A N   1 
ATOM   279  C CA  . LYS A 1 40  ? -17.841 -10.576 7.940   1.00 56.03 ? 133 LYS A CA  1 
ATOM   280  C C   . LYS A 1 40  ? -18.864 -9.417  7.829   1.00 49.53 ? 133 LYS A C   1 
ATOM   281  O O   . LYS A 1 40  ? -18.945 -8.571  8.727   1.00 50.34 ? 133 LYS A O   1 
ATOM   282  C CB  . LYS A 1 40  ? -18.400 -11.710 8.841   1.00 62.53 ? 133 LYS A CB  1 
ATOM   283  N N   . GLU A 1 41  ? -19.560 -9.355  6.696   1.00 51.62 ? 134 GLU A N   1 
ATOM   284  C CA  . GLU A 1 41  ? -20.590 -8.340  6.380   1.00 61.66 ? 134 GLU A CA  1 
ATOM   285  C C   . GLU A 1 41  ? -20.056 -6.892  6.160   1.00 63.78 ? 134 GLU A C   1 
ATOM   286  O O   . GLU A 1 41  ? -20.857 -6.007  5.840   1.00 62.47 ? 134 GLU A O   1 
ATOM   287  C CB  . GLU A 1 41  ? -21.771 -8.370  7.396   1.00 62.46 ? 134 GLU A CB  1 
ATOM   288  N N   . GLU A 1 42  ? -18.717 -6.677  6.221   1.00 54.44 ? 135 GLU A N   1 
ATOM   289  C CA  . GLU A 1 42  ? -18.109 -5.328  6.127   1.00 43.63 ? 135 GLU A CA  1 
ATOM   290  C C   . GLU A 1 42  ? -17.930 -4.953  4.673   1.00 44.89 ? 135 GLU A C   1 
ATOM   291  O O   . GLU A 1 42  ? -17.523 -5.775  3.878   1.00 44.71 ? 135 GLU A O   1 
ATOM   292  C CB  . GLU A 1 42  ? -16.787 -5.284  6.883   1.00 44.59 ? 135 GLU A CB  1 
ATOM   293  C CG  . GLU A 1 42  ? -16.056 -3.943  6.869   1.00 39.97 ? 135 GLU A CG  1 
ATOM   294  C CD  . GLU A 1 42  ? -14.748 -4.021  7.593   1.00 38.80 ? 135 GLU A CD  1 
ATOM   295  O OE1 . GLU A 1 42  ? -14.061 -5.052  7.431   1.00 41.53 ? 135 GLU A OE1 1 
ATOM   296  O OE2 . GLU A 1 42  ? -14.425 -3.068  8.307   1.00 38.11 ? 135 GLU A OE2 1 
ATOM   297  N N   . ALA A 1 43  ? -18.265 -3.713  4.325   1.00 43.70 ? 136 ALA A N   1 
ATOM   298  C CA  . ALA A 1 43  ? -18.223 -3.245  2.954   1.00 40.66 ? 136 ALA A CA  1 
ATOM   299  C C   . ALA A 1 43  ? -16.707 -2.945  2.616   1.00 37.58 ? 136 ALA A C   1 
ATOM   300  O O   . ALA A 1 43  ? -15.979 -2.638  3.513   1.00 35.51 ? 136 ALA A O   1 
ATOM   301  C CB  . ALA A 1 43  ? -19.036 -2.008  2.788   1.00 40.98 ? 136 ALA A CB  1 
ATOM   302  N N   . PRO A 1 44  ? -16.317 -3.061  1.361   1.00 45.07 ? 137 PRO A N   1 
ATOM   303  C CA  . PRO A 1 44  ? -14.890 -2.814  1.021   1.00 38.58 ? 137 PRO A CA  1 
ATOM   304  C C   . PRO A 1 44  ? -14.402 -1.456  1.497   1.00 38.64 ? 137 PRO A C   1 
ATOM   305  O O   . PRO A 1 44  ? -13.341 -1.395  2.123   1.00 34.66 ? 137 PRO A O   1 
ATOM   306  C CB  . PRO A 1 44  ? -14.884 -2.958  -0.496  1.00 47.17 ? 137 PRO A CB  1 
ATOM   307  C CG  . PRO A 1 44  ? -15.975 -4.019  -0.781  1.00 42.73 ? 137 PRO A CG  1 
ATOM   308  C CD  . PRO A 1 44  ? -17.060 -3.643  0.226   1.00 45.01 ? 137 PRO A CD  1 
ATOM   309  N N   . HIS A 1 45  ? -15.128 -0.379  1.193   1.00 36.14 ? 138 HIS A N   1 
ATOM   310  C CA  . HIS A 1 45  ? -14.696 0.980   1.638   1.00 37.38 ? 138 HIS A CA  1 
ATOM   311  C C   . HIS A 1 45  ? -14.537 1.128   3.121   1.00 33.58 ? 138 HIS A C   1 
ATOM   312  O O   . HIS A 1 45  ? -13.648 1.863   3.623   1.00 30.81 ? 138 HIS A O   1 
ATOM   313  C CB  . HIS A 1 45  ? -15.587 2.066   0.988   1.00 42.37 ? 138 HIS A CB  1 
ATOM   314  C CG  . HIS A 1 45  ? -16.953 2.193   1.585   1.00 57.18 ? 138 HIS A CG  1 
ATOM   315  N ND1 . HIS A 1 45  ? -18.050 1.506   1.086   1.00 62.46 ? 138 HIS A ND1 1 
ATOM   316  C CD2 . HIS A 1 45  ? -17.416 2.948   2.615   1.00 55.35 ? 138 HIS A CD2 1 
ATOM   317  C CE1 . HIS A 1 45  ? -19.127 1.841   1.784   1.00 55.30 ? 138 HIS A CE1 1 
ATOM   318  N NE2 . HIS A 1 45  ? -18.772 2.720   2.707   1.00 62.27 ? 138 HIS A NE2 1 
ATOM   319  N N   . ASP A 1 46  ? -15.417 0.470   3.915   1.00 33.03 ? 139 ASP A N   1 
ATOM   320  C CA  . ASP A 1 46  ? -15.299 0.563   5.356   1.00 33.73 ? 139 ASP A CA  1 
ATOM   321  C C   . ASP A 1 46  ? -14.084 -0.220  5.893   1.00 30.00 ? 139 ASP A C   1 
ATOM   322  O O   . ASP A 1 46  ? -13.424 0.239   6.821   1.00 31.06 ? 139 ASP A O   1 
ATOM   323  C CB  . ASP A 1 46  ? -16.555 0.010   6.058   1.00 37.11 ? 139 ASP A CB  1 
ATOM   324  C CG  . ASP A 1 46  ? -17.761 0.897   5.867   1.00 45.81 ? 139 ASP A CG  1 
ATOM   325  O OD1 . ASP A 1 46  ? -17.615 2.124   5.868   1.00 42.34 ? 139 ASP A OD1 1 
ATOM   326  O OD2 . ASP A 1 46  ? -18.871 0.331   5.737   1.00 46.00 ? 139 ASP A OD2 1 
ATOM   327  N N   . CYS A 1 47  ? -13.820 -1.413  5.357   1.00 31.71 ? 140 CYS A N   1 
ATOM   328  C CA  . CYS A 1 47  ? -12.629 -2.141  5.712   1.00 30.15 ? 140 CYS A CA  1 
ATOM   329  C C   . CYS A 1 47  ? -11.342 -1.296  5.362   1.00 26.05 ? 140 CYS A C   1 
ATOM   330  O O   . CYS A 1 47  ? -10.469 -1.177  6.213   1.00 27.36 ? 140 CYS A O   1 
ATOM   331  C CB  . CYS A 1 47  ? -12.562 -3.396  4.910   1.00 28.44 ? 140 CYS A CB  1 
ATOM   332  S SG  . CYS A 1 47  ? -11.044 -4.381  5.149   1.00 33.31 ? 140 CYS A SG  1 
ATOM   333  N N   . ALA A 1 48  ? -11.310 -0.734  4.146   1.00 29.33 ? 141 ALA A N   1 
ATOM   334  C CA  . ALA A 1 48  ? -10.093 0.078   3.761   1.00 26.25 ? 141 ALA A CA  1 
ATOM   335  C C   . ALA A 1 48  ? -9.891  1.184   4.764   1.00 26.33 ? 141 ALA A C   1 
ATOM   336  O O   . ALA A 1 48  ? -8.836  1.406   5.281   1.00 24.22 ? 141 ALA A O   1 
ATOM   337  C CB  . ALA A 1 48  ? -10.255 0.666   2.377   1.00 25.92 ? 141 ALA A CB  1 
ATOM   338  N N   . ALA A 1 49  ? -10.968 1.930   5.081   1.00 28.02 ? 142 ALA A N   1 
ATOM   339  C CA  . ALA A 1 49  ? -10.820 2.971   6.066   1.00 25.45 ? 142 ALA A CA  1 
ATOM   340  C C   . ALA A 1 49  ? -10.426 2.480   7.466   1.00 25.50 ? 142 ALA A C   1 
ATOM   341  O O   . ALA A 1 49  ? -9.615  3.110   8.131   1.00 26.32 ? 142 ALA A O   1 
ATOM   342  C CB  . ALA A 1 49  ? -12.078 3.793   6.163   1.00 28.72 ? 142 ALA A CB  1 
ATOM   343  N N   . ARG A 1 50  ? -11.020 1.396   7.902   1.00 25.68 ? 143 ARG A N   1 
ATOM   344  C CA  . ARG A 1 50  ? -10.696 0.854   9.195   1.00 29.15 ? 143 ARG A CA  1 
ATOM   345  C C   . ARG A 1 50  ? -9.250  0.448   9.270   1.00 30.09 ? 143 ARG A C   1 
ATOM   346  O O   . ARG A 1 50  ? -8.544  0.769   10.215  1.00 26.26 ? 143 ARG A O   1 
ATOM   347  C CB  . ARG A 1 50  ? -11.558 -0.396  9.446   1.00 31.17 ? 143 ARG A CB  1 
ATOM   348  C CG  . ARG A 1 50  ? -11.398 -0.956  10.851  1.00 35.06 ? 143 ARG A CG  1 
ATOM   349  C CD  . ARG A 1 50  ? -12.281 -2.179  11.062  1.00 34.95 ? 143 ARG A CD  1 
ATOM   350  N NE  . ARG A 1 50  ? -12.267 -3.200  9.991   1.00 35.82 ? 143 ARG A NE  1 
ATOM   351  C CZ  . ARG A 1 50  ? -11.350 -4.183  9.814   1.00 33.67 ? 143 ARG A CZ  1 
ATOM   352  N NH1 . ARG A 1 50  ? -10.325 -4.348  10.611  1.00 39.08 ? 143 ARG A NH1 1 
ATOM   353  N NH2 . ARG A 1 50  ? -11.464 -4.978  8.810   1.00 36.38 ? 143 ARG A NH2 1 
ATOM   354  N N   . GLU A 1 51  ? -8.830  -0.338  8.284   1.00 31.03 ? 144 GLU A N   1 
ATOM   355  C CA  . GLU A 1 51  ? -7.397  -0.812  8.312   1.00 29.31 ? 144 GLU A CA  1 
ATOM   356  C C   . GLU A 1 51  ? -6.435  0.342   8.238   1.00 25.87 ? 144 GLU A C   1 
ATOM   357  O O   . GLU A 1 51  ? -5.414  0.351   8.916   1.00 27.64 ? 144 GLU A O   1 
ATOM   358  C CB  . GLU A 1 51  ? -7.143  -1.724  7.221   1.00 31.24 ? 144 GLU A CB  1 
ATOM   359  C CG  . GLU A 1 51  ? -7.930  -2.994  7.308   1.00 31.23 ? 144 GLU A CG  1 
ATOM   360  C CD  . GLU A 1 51  ? -7.376  -3.954  8.364   1.00 41.14 ? 144 GLU A CD  1 
ATOM   361  O OE1 . GLU A 1 51  ? -6.275  -3.716  8.909   1.00 39.61 ? 144 GLU A OE1 1 
ATOM   362  O OE2 . GLU A 1 51  ? -8.010  -5.013  8.595   1.00 45.29 ? 144 GLU A OE2 1 
ATOM   363  N N   . VAL A 1 52  ? -6.730  1.318   7.369   1.00 25.24 ? 145 VAL A N   1 
ATOM   364  C CA  . VAL A 1 52  ? -5.820  2.451   7.252   1.00 24.15 ? 145 VAL A CA  1 
ATOM   365  C C   . VAL A 1 52  ? -5.762  3.286   8.536   1.00 25.93 ? 145 VAL A C   1 
ATOM   366  O O   . VAL A 1 52  ? -4.673  3.738   8.931   1.00 26.72 ? 145 VAL A O   1 
ATOM   367  C CB  . VAL A 1 52  ? -6.116  3.262   5.996   1.00 23.59 ? 145 VAL A CB  1 
ATOM   368  C CG1 . VAL A 1 52  ? -5.281  4.487   5.956   1.00 28.74 ? 145 VAL A CG1 1 
ATOM   369  C CG2 . VAL A 1 52  ? -5.895  2.425   4.735   1.00 25.24 ? 145 VAL A CG2 1 
ATOM   370  N N   . PHE A 1 53  ? -6.938  3.477   9.190   1.00 28.00 ? 146 PHE A N   1 
ATOM   371  C CA  . PHE A 1 53  ? -6.914  4.273   10.399  1.00 22.96 ? 146 PHE A CA  1 
ATOM   372  C C   . PHE A 1 53  ? -6.144  3.462   11.526  1.00 24.98 ? 146 PHE A C   1 
ATOM   373  O O   . PHE A 1 53  ? -5.395  4.043   12.255  1.00 32.97 ? 146 PHE A O   1 
ATOM   374  C CB  . PHE A 1 53  ? -8.337  4.604   10.830  1.00 25.62 ? 146 PHE A CB  1 
ATOM   375  C CG  . PHE A 1 53  ? -8.389  5.497   12.003  1.00 30.54 ? 146 PHE A CG  1 
ATOM   376  C CD1 . PHE A 1 53  ? -8.129  6.801   11.892  1.00 33.35 ? 146 PHE A CD1 1 
ATOM   377  C CD2 . PHE A 1 53  ? -8.619  4.934   13.271  1.00 41.06 ? 146 PHE A CD2 1 
ATOM   378  C CE1 . PHE A 1 53  ? -8.139  7.630   13.016  1.00 39.38 ? 146 PHE A CE1 1 
ATOM   379  C CE2 . PHE A 1 53  ? -8.622  5.736   14.403  1.00 42.75 ? 146 PHE A CE2 1 
ATOM   380  C CZ  . PHE A 1 53  ? -8.393  7.098   14.260  1.00 42.14 ? 146 PHE A CZ  1 
ATOM   381  N N   . GLU A 1 54  ? -6.365  2.160   11.569  1.00 26.16 ? 147 GLU A N   1 
ATOM   382  C CA  . GLU A 1 54  ? -5.653  1.298   12.618  1.00 31.51 ? 147 GLU A CA  1 
ATOM   383  C C   . GLU A 1 54  ? -4.183  1.319   12.411  1.00 33.91 ? 147 GLU A C   1 
ATOM   384  O O   . GLU A 1 54  ? -3.419  1.320   13.362  1.00 34.46 ? 147 GLU A O   1 
ATOM   385  C CB  . GLU A 1 54  ? -6.083  -0.149  12.465  1.00 36.99 ? 147 GLU A CB  1 
ATOM   386  C CG  . GLU A 1 54  ? -7.437  -0.510  13.020  1.00 49.76 ? 147 GLU A CG  1 
ATOM   387  C CD  . GLU A 1 54  ? -7.823  -2.000  12.762  1.00 55.62 ? 147 GLU A CD  1 
ATOM   388  O OE1 . GLU A 1 54  ? -6.969  -2.799  12.227  1.00 56.88 ? 147 GLU A OE1 1 
ATOM   389  O OE2 . GLU A 1 54  ? -9.002  -2.378  13.089  1.00 54.28 ? 147 GLU A OE2 1 
ATOM   390  N N   . GLU A 1 55  ? -3.754  1.330   11.134  1.00 28.83 ? 148 GLU A N   1 
ATOM   391  C CA  . GLU A 1 55  ? -2.286  1.303   10.828  1.00 28.67 ? 148 GLU A CA  1 
ATOM   392  C C   . GLU A 1 55  ? -1.554  2.646   10.753  1.00 29.29 ? 148 GLU A C   1 
ATOM   393  O O   . GLU A 1 55  ? -0.360  2.643   10.788  1.00 31.77 ? 148 GLU A O   1 
ATOM   394  C CB  . GLU A 1 55  ? -2.051  0.457   9.574   1.00 29.50 ? 148 GLU A CB  1 
ATOM   395  C CG  . GLU A 1 55  ? -2.522  -0.937  9.788   1.00 31.53 ? 148 GLU A CG  1 
ATOM   396  C CD  . GLU A 1 55  ? -2.471  -1.826  8.583   1.00 38.97 ? 148 GLU A CD  1 
ATOM   397  O OE1 . GLU A 1 55  ? -1.801  -1.459  7.631   1.00 31.95 ? 148 GLU A OE1 1 
ATOM   398  O OE2 . GLU A 1 55  ? -3.236  -2.819  8.556   1.00 41.56 ? 148 GLU A OE2 1 
ATOM   399  N N   . THR A 1 56  ? -2.280  3.763   10.521  1.00 27.24 ? 149 THR A N   1 
ATOM   400  C CA  . THR A 1 56  ? -1.664  5.066   10.250  1.00 27.70 ? 149 THR A CA  1 
ATOM   401  C C   . THR A 1 56  ? -2.221  6.169   11.097  1.00 26.81 ? 149 THR A C   1 
ATOM   402  O O   . THR A 1 56  ? -1.663  7.257   11.124  1.00 32.15 ? 149 THR A O   1 
ATOM   403  C CB  . THR A 1 56  ? -1.850  5.524   8.772   1.00 29.71 ? 149 THR A CB  1 
ATOM   404  O OG1 . THR A 1 56  ? -3.225  5.850   8.508   1.00 27.08 ? 149 THR A OG1 1 
ATOM   405  C CG2 . THR A 1 56  ? -1.484  4.386   7.809   1.00 26.46 ? 149 THR A CG2 1 
ATOM   406  N N   . GLY A 1 57  ? -3.396  5.959   11.636  1.00 29.15 ? 150 GLY A N   1 
ATOM   407  C CA  . GLY A 1 57  ? -4.054  7.011   12.405  1.00 32.00 ? 150 GLY A CA  1 
ATOM   408  C C   . GLY A 1 57  ? -4.722  8.101   11.548  1.00 35.16 ? 150 GLY A C   1 
ATOM   409  O O   . GLY A 1 57  ? -5.121  9.156   12.053  1.00 34.56 ? 150 GLY A O   1 
ATOM   410  N N   . PHE A 1 58  ? -4.808  7.862   10.255  1.00 28.04 ? 151 PHE A N   1 
ATOM   411  C CA  . PHE A 1 58  ? -5.361  8.814   9.303   1.00 27.82 ? 151 PHE A CA  1 
ATOM   412  C C   . PHE A 1 58  ? -6.628  8.263   8.760   1.00 28.21 ? 151 PHE A C   1 
ATOM   413  O O   . PHE A 1 58  ? -6.730  7.082   8.361   1.00 29.84 ? 151 PHE A O   1 
ATOM   414  C CB  . PHE A 1 58  ? -4.360  9.206   8.272   1.00 30.19 ? 151 PHE A CB  1 
ATOM   415  C CG  . PHE A 1 58  ? -4.917  10.215  7.275   1.00 28.47 ? 151 PHE A CG  1 
ATOM   416  C CD1 . PHE A 1 58  ? -4.871  11.554  7.568   1.00 31.91 ? 151 PHE A CD1 1 
ATOM   417  C CD2 . PHE A 1 58  ? -5.452  9.796   6.062   1.00 31.27 ? 151 PHE A CD2 1 
ATOM   418  C CE1 . PHE A 1 58  ? -5.405  12.494  6.696   1.00 34.22 ? 151 PHE A CE1 1 
ATOM   419  C CE2 . PHE A 1 58  ? -5.932  10.747  5.134   1.00 31.51 ? 151 PHE A CE2 1 
ATOM   420  C CZ  . PHE A 1 58  ? -5.907  12.108  5.520   1.00 32.67 ? 151 PHE A CZ  1 
ATOM   421  N N   . ASP A 1 59  ? -7.707  9.092   8.745   1.00 28.64 ? 152 ASP A N   1 
ATOM   422  C CA  . ASP A 1 59  ? -9.016  8.620   8.374   1.00 31.71 ? 152 ASP A CA  1 
ATOM   423  C C   . ASP A 1 59  ? -9.304  9.004   6.947   1.00 31.69 ? 152 ASP A C   1 
ATOM   424  O O   . ASP A 1 59  ? -9.389  10.212  6.603   1.00 29.87 ? 152 ASP A O   1 
ATOM   425  C CB  . ASP A 1 59  ? -10.084 9.238   9.314   1.00 33.85 ? 152 ASP A CB  1 
ATOM   426  C CG  . ASP A 1 59  ? -11.471 8.771   9.018   1.00 40.40 ? 152 ASP A CG  1 
ATOM   427  O OD1 . ASP A 1 59  ? -11.785 7.916   8.139   1.00 34.76 ? 152 ASP A OD1 1 
ATOM   428  O OD2 . ASP A 1 59  ? -12.347 9.346   9.697   1.00 45.33 ? 152 ASP A OD2 1 
ATOM   429  N N   . ILE A 1 60  ? -9.431  7.988   6.093   1.00 27.71 ? 153 ILE A N   1 
ATOM   430  C CA  . ILE A 1 60  ? -9.616  8.234   4.621   1.00 28.54 ? 153 ILE A CA  1 
ATOM   431  C C   . ILE A 1 60  ? -11.062 8.320   4.220   1.00 27.03 ? 153 ILE A C   1 
ATOM   432  O O   . ILE A 1 60  ? -11.384 8.451   3.067   1.00 27.49 ? 153 ILE A O   1 
ATOM   433  C CB  . ILE A 1 60  ? -8.902  7.214   3.742   1.00 29.49 ? 153 ILE A CB  1 
ATOM   434  C CG1 . ILE A 1 60  ? -9.420  5.822   3.944   1.00 28.94 ? 153 ILE A CG1 1 
ATOM   435  C CG2 . ILE A 1 60  ? -7.404  7.274   3.946   1.00 30.43 ? 153 ILE A CG2 1 
ATOM   436  C CD1 . ILE A 1 60  ? -8.863  4.828   2.896   1.00 28.63 ? 153 ILE A CD1 1 
ATOM   437  N N   . LYS A 1 61  ? -11.969 8.148   5.161   1.00 29.50 ? 154 LYS A N   1 
ATOM   438  C CA  . LYS A 1 61  ? -13.333 7.912   4.806   1.00 34.17 ? 154 LYS A CA  1 
ATOM   439  C C   . LYS A 1 61  ? -13.907 9.011   3.882   1.00 30.11 ? 154 LYS A C   1 
ATOM   440  O O   . LYS A 1 61  ? -14.565 8.703   2.910   1.00 32.26 ? 154 LYS A O   1 
ATOM   441  C CB  . LYS A 1 61  ? -14.191 7.749   6.080   1.00 38.35 ? 154 LYS A CB  1 
ATOM   442  C CG  . LYS A 1 61  ? -15.628 8.230   6.015   1.00 52.57 ? 154 LYS A CG  1 
ATOM   443  C CD  . LYS A 1 61  ? -16.482 7.862   7.253   1.00 54.95 ? 154 LYS A CD  1 
ATOM   444  C CE  . LYS A 1 61  ? -15.859 8.292   8.600   1.00 63.70 ? 154 LYS A CE  1 
ATOM   445  N NZ  . LYS A 1 61  ? -15.796 9.778   8.808   1.00 72.52 ? 154 LYS A NZ  1 
ATOM   446  N N   . ASP A 1 62  ? -13.604 10.235  4.223   1.00 31.35 ? 155 ASP A N   1 
ATOM   447  C CA  . ASP A 1 62  ? -14.172 11.394  3.449   1.00 29.55 ? 155 ASP A CA  1 
ATOM   448  C C   . ASP A 1 62  ? -13.460 11.598  2.118   1.00 33.12 ? 155 ASP A C   1 
ATOM   449  O O   . ASP A 1 62  ? -13.948 12.376  1.266   1.00 33.00 ? 155 ASP A O   1 
ATOM   450  C CB  . ASP A 1 62  ? -13.994 12.651  4.253   1.00 35.70 ? 155 ASP A CB  1 
ATOM   451  C CG  . ASP A 1 62  ? -14.960 12.751  5.466   1.00 39.99 ? 155 ASP A CG  1 
ATOM   452  O OD1 . ASP A 1 62  ? -15.955 12.019  5.555   1.00 45.48 ? 155 ASP A OD1 1 
ATOM   453  O OD2 . ASP A 1 62  ? -14.673 13.617  6.277   1.00 46.36 ? 155 ASP A OD2 1 
ATOM   454  N N   . TYR A 1 63  ? -12.362 10.847  1.863   1.00 31.36 ? 156 TYR A N   1 
ATOM   455  C CA  . TYR A 1 63  ? -11.569 10.987  0.606   1.00 31.18 ? 156 TYR A CA  1 
ATOM   456  C C   . TYR A 1 63  ? -11.686 9.817   -0.347  1.00 30.00 ? 156 TYR A C   1 
ATOM   457  O O   . TYR A 1 63  ? -11.409 9.916   -1.541  1.00 33.83 ? 156 TYR A O   1 
ATOM   458  C CB  . TYR A 1 63  ? -10.129 11.184  0.956   1.00 32.18 ? 156 TYR A CB  1 
ATOM   459  C CG  . TYR A 1 63  ? -9.972  12.205  1.870   1.00 30.17 ? 156 TYR A CG  1 
ATOM   460  C CD1 . TYR A 1 63  ? -10.620 13.463  1.593   1.00 36.70 ? 156 TYR A CD1 1 
ATOM   461  C CD2 . TYR A 1 63  ? -9.451  12.020  3.083   1.00 34.43 ? 156 TYR A CD2 1 
ATOM   462  C CE1 . TYR A 1 63  ? -10.585 14.468  2.485   1.00 36.25 ? 156 TYR A CE1 1 
ATOM   463  C CE2 . TYR A 1 63  ? -9.405  13.033  4.019   1.00 34.74 ? 156 TYR A CE2 1 
ATOM   464  C CZ  . TYR A 1 63  ? -9.958  14.268  3.690   1.00 43.99 ? 156 TYR A CZ  1 
ATOM   465  O OH  . TYR A 1 63  ? -9.950  15.278  4.568   1.00 47.89 ? 156 TYR A OH  1 
ATOM   466  N N   . ILE A 1 64  ? -12.188 8.691   0.113   1.00 28.10 ? 157 ILE A N   1 
ATOM   467  C CA  . ILE A 1 64  ? -12.302 7.571   -0.809  1.00 29.21 ? 157 ILE A CA  1 
ATOM   468  C C   . ILE A 1 64  ? -13.175 7.856   -1.976  1.00 35.46 ? 157 ILE A C   1 
ATOM   469  O O   . ILE A 1 64  ? -14.313 8.397   -1.796  1.00 36.75 ? 157 ILE A O   1 
ATOM   470  C CB  . ILE A 1 64  ? -12.888 6.283   -0.127  1.00 32.74 ? 157 ILE A CB  1 
ATOM   471  C CG1 . ILE A 1 64  ? -11.848 5.665   0.757   1.00 37.95 ? 157 ILE A CG1 1 
ATOM   472  C CG2 . ILE A 1 64  ? -13.245 5.184   -1.110  1.00 33.72 ? 157 ILE A CG2 1 
ATOM   473  C CD1 . ILE A 1 64  ? -12.394 4.544   1.687   1.00 37.45 ? 157 ILE A CD1 1 
ATOM   474  N N   A CYS A 1 65  ? -12.685 7.551   -3.172  0.25 30.09 ? 158 CYS A N   1 
ATOM   475  N N   B CYS A 1 65  ? -12.732 7.458   -3.161  0.25 34.64 ? 158 CYS A N   1 
ATOM   476  C CA  A CYS A 1 65  ? -13.531 7.509   -4.357  0.25 30.11 ? 158 CYS A CA  1 
ATOM   477  C CA  B CYS A 1 65  ? -13.515 7.593   -4.382  0.25 37.53 ? 158 CYS A CA  1 
ATOM   478  C C   A CYS A 1 65  ? -13.756 6.067   -4.745  0.25 33.92 ? 158 CYS A C   1 
ATOM   479  C C   B CYS A 1 65  ? -13.751 6.178   -4.930  0.25 38.70 ? 158 CYS A C   1 
ATOM   480  O O   A CYS A 1 65  ? -12.826 5.242   -4.832  0.25 30.30 ? 158 CYS A O   1 
ATOM   481  O O   B CYS A 1 65  ? -12.795 5.487   -5.320  0.25 39.74 ? 158 CYS A O   1 
ATOM   482  C CB  A CYS A 1 65  ? -12.949 8.294   -5.510  0.25 28.67 ? 158 CYS A CB  1 
ATOM   483  C CB  B CYS A 1 65  ? -12.775 8.530   -5.341  0.25 39.80 ? 158 CYS A CB  1 
ATOM   484  S SG  A CYS A 1 65  ? -12.638 10.017  -5.136  0.25 26.02 ? 158 CYS A SG  1 
ATOM   485  S SG  B CYS A 1 65  ? -13.495 8.815   -6.973  0.25 47.12 ? 158 CYS A SG  1 
ATOM   486  N N   . LYS A 1 66  ? -15.021 5.747   -4.933  1.00 36.52 ? 159 LYS A N   1 
ATOM   487  C CA  . LYS A 1 66  ? -15.434 4.369   -5.207  1.00 40.51 ? 159 LYS A CA  1 
ATOM   488  C C   . LYS A 1 66  ? -14.806 3.683   -6.362  1.00 35.77 ? 159 LYS A C   1 
ATOM   489  O O   . LYS A 1 66  ? -14.537 2.458   -6.253  1.00 41.52 ? 159 LYS A O   1 
ATOM   490  C CB  . LYS A 1 66  ? -16.976 4.303   -5.397  1.00 41.41 ? 159 LYS A CB  1 
ATOM   491  C CG  . LYS A 1 66  ? -17.465 4.739   -6.770  1.00 52.02 ? 159 LYS A CG  1 
ATOM   492  N N   . ASP A 1 67  ? -14.542 4.401   -7.441  1.00 35.69 ? 160 ASP A N   1 
ATOM   493  C CA  . ASP A 1 67  ? -13.999 3.777   -8.637  1.00 41.94 ? 160 ASP A CA  1 
ATOM   494  C C   . ASP A 1 67  ? -12.511 3.929   -8.743  1.00 37.88 ? 160 ASP A C   1 
ATOM   495  O O   . ASP A 1 67  ? -11.955 3.536   -9.737  1.00 39.27 ? 160 ASP A O   1 
ATOM   496  C CB  . ASP A 1 67  ? -14.653 4.399   -9.869  1.00 50.31 ? 160 ASP A CB  1 
ATOM   497  C CG  . ASP A 1 67  ? -16.140 4.088   -9.910  1.00 60.27 ? 160 ASP A CG  1 
ATOM   498  O OD1 . ASP A 1 67  ? -16.463 2.881   -9.788  1.00 67.11 ? 160 ASP A OD1 1 
ATOM   499  O OD2 . ASP A 1 67  ? -16.953 5.032   -9.986  1.00 65.27 ? 160 ASP A OD2 1 
ATOM   500  N N   . ASP A 1 68  ? -11.857 4.505   -7.719  1.00 34.39 ? 161 ASP A N   1 
ATOM   501  C CA  . ASP A 1 68  ? -10.404 4.845   -7.863  1.00 31.40 ? 161 ASP A CA  1 
ATOM   502  C C   . ASP A 1 68  ? -9.617  3.892   -6.939  1.00 27.63 ? 161 ASP A C   1 
ATOM   503  O O   . ASP A 1 68  ? -9.430  4.165   -5.759  1.00 26.87 ? 161 ASP A O   1 
ATOM   504  C CB  . ASP A 1 68  ? -10.082 6.252   -7.434  1.00 30.11 ? 161 ASP A CB  1 
ATOM   505  C CG  . ASP A 1 68  ? -10.630 7.322   -8.355  1.00 39.06 ? 161 ASP A CG  1 
ATOM   506  O OD1 . ASP A 1 68  ? -11.184 6.980   -9.390  1.00 35.66 ? 161 ASP A OD1 1 
ATOM   507  O OD2 . ASP A 1 68  ? -10.455 8.513   -8.014  1.00 32.50 ? 161 ASP A OD2 1 
ATOM   508  N N   . TYR A 1 69  ? -9.203  2.779   -7.497  1.00 29.75 ? 162 TYR A N   1 
ATOM   509  C CA  . TYR A 1 69  ? -8.467  1.741   -6.751  1.00 26.99 ? 162 TYR A CA  1 
ATOM   510  C C   . TYR A 1 69  ? -7.665  0.888   -7.705  1.00 33.77 ? 162 TYR A C   1 
ATOM   511  O O   . TYR A 1 69  ? -7.865  0.937   -8.912  1.00 34.31 ? 162 TYR A O   1 
ATOM   512  C CB  . TYR A 1 69  ? -9.417  0.890   -5.883  1.00 27.34 ? 162 TYR A CB  1 
ATOM   513  C CG  . TYR A 1 69  ? -10.481 0.102   -6.693  1.00 32.04 ? 162 TYR A CG  1 
ATOM   514  C CD1 . TYR A 1 69  ? -10.173 -1.112  -7.352  1.00 37.61 ? 162 TYR A CD1 1 
ATOM   515  C CD2 . TYR A 1 69  ? -11.773 0.622   -6.827  1.00 37.65 ? 162 TYR A CD2 1 
ATOM   516  C CE1 . TYR A 1 69  ? -11.135 -1.788  -8.112  1.00 38.80 ? 162 TYR A CE1 1 
ATOM   517  C CE2 . TYR A 1 69  ? -12.720 -0.053  -7.605  1.00 41.06 ? 162 TYR A CE2 1 
ATOM   518  C CZ  . TYR A 1 69  ? -12.412 -1.255  -8.191  1.00 46.02 ? 162 TYR A CZ  1 
ATOM   519  O OH  . TYR A 1 69  ? -13.377 -1.894  -8.938  1.00 49.43 ? 162 TYR A OH  1 
ATOM   520  N N   . ILE A 1 70  ? -6.681  0.203   -7.173  1.00 29.07 ? 163 ILE A N   1 
ATOM   521  C CA  . ILE A 1 70  ? -5.970  -0.882  -7.890  1.00 33.63 ? 163 ILE A CA  1 
ATOM   522  C C   . ILE A 1 70  ? -6.224  -2.136  -7.156  1.00 30.48 ? 163 ILE A C   1 
ATOM   523  O O   . ILE A 1 70  ? -6.052  -2.214  -5.945  1.00 28.12 ? 163 ILE A O   1 
ATOM   524  C CB  . ILE A 1 70  ? -4.475  -0.536  -7.917  1.00 35.96 ? 163 ILE A CB  1 
ATOM   525  C CG1 . ILE A 1 70  ? -4.320  0.608   -8.929  1.00 39.54 ? 163 ILE A CG1 1 
ATOM   526  C CG2 . ILE A 1 70  ? -3.617  -1.721  -8.390  1.00 41.15 ? 163 ILE A CG2 1 
ATOM   527  C CD1 . ILE A 1 70  ? -3.037  1.370   -8.656  1.00 44.83 ? 163 ILE A CD1 1 
ATOM   528  N N   . GLU A 1 71  ? -6.588  -3.190  -7.910  1.00 30.19 ? 164 GLU A N   1 
ATOM   529  C CA  . GLU A 1 71  ? -6.889  -4.442  -7.296  1.00 32.30 ? 164 GLU A CA  1 
ATOM   530  C C   . GLU A 1 71  ? -6.026  -5.504  -7.975  1.00 34.22 ? 164 GLU A C   1 
ATOM   531  O O   . GLU A 1 71  ? -5.878  -5.439  -9.174  1.00 38.02 ? 164 GLU A O   1 
ATOM   532  C CB  . GLU A 1 71  ? -8.357  -4.722  -7.482  1.00 35.02 ? 164 GLU A CB  1 
ATOM   533  C CG  . GLU A 1 71  ? -8.903  -6.008  -6.992  1.00 45.85 ? 164 GLU A CG  1 
ATOM   534  C CD  . GLU A 1 71  ? -10.419 -6.008  -7.238  1.00 53.19 ? 164 GLU A CD  1 
ATOM   535  O OE1 . GLU A 1 71  ? -10.844 -6.215  -8.404  1.00 61.68 ? 164 GLU A OE1 1 
ATOM   536  O OE2 . GLU A 1 71  ? -11.139 -5.731  -6.284  1.00 50.74 ? 164 GLU A OE2 1 
ATOM   537  N N   . LEU A 1 72  ? -5.389  -6.317  -7.164  1.00 30.91 ? 165 LEU A N   1 
ATOM   538  C CA  . LEU A 1 72  ? -4.578  -7.435  -7.584  1.00 32.66 ? 165 LEU A CA  1 
ATOM   539  C C   . LEU A 1 72  ? -4.994  -8.726  -6.921  1.00 33.93 ? 165 LEU A C   1 
ATOM   540  O O   . LEU A 1 72  ? -5.271  -8.822  -5.746  1.00 33.36 ? 165 LEU A O   1 
ATOM   541  C CB  . LEU A 1 72  ? -3.104  -7.235  -7.251  1.00 33.71 ? 165 LEU A CB  1 
ATOM   542  C CG  . LEU A 1 72  ? -2.552  -6.016  -7.891  1.00 34.18 ? 165 LEU A CG  1 
ATOM   543  C CD1 . LEU A 1 72  ? -1.064  -5.861  -7.496  1.00 34.31 ? 165 LEU A CD1 1 
ATOM   544  C CD2 . LEU A 1 72  ? -2.739  -5.986  -9.435  1.00 43.56 ? 165 LEU A CD2 1 
ATOM   545  N N   . ARG A 1 73  ? -4.876  -9.809  -7.688  1.00 36.98 ? 166 ARG A N   1 
ATOM   546  C CA  . ARG A 1 73  ? -5.129  -11.095 -7.084  1.00 38.98 ? 166 ARG A CA  1 
ATOM   547  C C   . ARG A 1 73  ? -3.777  -11.778 -7.022  1.00 39.55 ? 166 ARG A C   1 
ATOM   548  O O   . ARG A 1 73  ? -3.090  -11.966 -8.028  1.00 42.61 ? 166 ARG A O   1 
ATOM   549  C CB  . ARG A 1 73  ? -6.196  -11.905 -7.888  1.00 44.68 ? 166 ARG A CB  1 
ATOM   550  C CG  . ARG A 1 73  ? -6.527  -13.249 -7.220  1.00 49.72 ? 166 ARG A CG  1 
ATOM   551  C CD  . ARG A 1 73  ? -7.363  -14.174 -8.125  1.00 61.39 ? 166 ARG A CD  1 
ATOM   552  N NE  . ARG A 1 73  ? -6.634  -14.506 -9.377  1.00 58.13 ? 166 ARG A NE  1 
ATOM   553  C CZ  . ARG A 1 73  ? -7.173  -14.567 -10.607 1.00 60.86 ? 166 ARG A CZ  1 
ATOM   554  N NH1 . ARG A 1 73  ? -8.475  -14.375 -10.824 1.00 60.22 ? 166 ARG A NH1 1 
ATOM   555  N NH2 . ARG A 1 73  ? -6.404  -14.853 -11.662 1.00 55.53 ? 166 ARG A NH2 1 
ATOM   556  N N   . ILE A 1 74  ? -3.334  -12.067 -5.831  1.00 31.67 ? 167 ILE A N   1 
ATOM   557  C CA  . ILE A 1 74  ? -2.068  -12.645 -5.628  1.00 37.72 ? 167 ILE A CA  1 
ATOM   558  C C   . ILE A 1 74  ? -2.275  -13.948 -4.916  1.00 41.14 ? 167 ILE A C   1 
ATOM   559  O O   . ILE A 1 74  ? -2.808  -13.957 -3.786  1.00 39.75 ? 167 ILE A O   1 
ATOM   560  C CB  . ILE A 1 74  ? -1.222  -11.706 -4.752  1.00 44.89 ? 167 ILE A CB  1 
ATOM   561  C CG1 . ILE A 1 74  ? -0.814  -10.480 -5.617  1.00 46.93 ? 167 ILE A CG1 1 
ATOM   562  C CG2 . ILE A 1 74  ? 0.020   -12.446 -4.217  1.00 49.53 ? 167 ILE A CG2 1 
ATOM   563  C CD1 . ILE A 1 74  ? -0.409  -9.280  -4.811  1.00 49.85 ? 167 ILE A CD1 1 
ATOM   564  N N   . ASN A 1 75  ? -1.869  -15.052 -5.552  1.00 38.37 ? 168 ASN A N   1 
ATOM   565  C CA  . ASN A 1 75  ? -2.119  -16.391 -4.958  1.00 38.60 ? 168 ASN A CA  1 
ATOM   566  C C   . ASN A 1 75  ? -3.480  -16.602 -4.463  1.00 40.21 ? 168 ASN A C   1 
ATOM   567  O O   . ASN A 1 75  ? -3.686  -17.106 -3.348  1.00 47.55 ? 168 ASN A O   1 
ATOM   568  C CB  . ASN A 1 75  ? -1.143  -16.630 -3.821  1.00 43.24 ? 168 ASN A CB  1 
ATOM   569  C CG  . ASN A 1 75  ? 0.261   -16.651 -4.324  1.00 43.36 ? 168 ASN A CG  1 
ATOM   570  O OD1 . ASN A 1 75  ? 0.486   -17.096 -5.454  1.00 47.58 ? 168 ASN A OD1 1 
ATOM   571  N ND2 . ASN A 1 75  ? 1.205   -16.095 -3.566  1.00 43.99 ? 168 ASN A ND2 1 
ATOM   572  N N   . ASP A 1 76  ? -4.386  -16.228 -5.311  1.00 36.26 ? 169 ASP A N   1 
ATOM   573  C CA  . ASP A 1 76  ? -5.786  -16.448 -5.159  1.00 56.25 ? 169 ASP A CA  1 
ATOM   574  C C   . ASP A 1 76  ? -6.349  -15.747 -3.887  1.00 56.25 ? 169 ASP A C   1 
ATOM   575  O O   . ASP A 1 76  ? -7.206  -16.263 -3.174  1.00 59.34 ? 169 ASP A O   1 
ATOM   576  C CB  . ASP A 1 76  ? -6.074  -17.963 -5.290  1.00 62.49 ? 169 ASP A CB  1 
ATOM   577  C CG  . ASP A 1 76  ? -7.142  -18.236 -6.334  1.00 70.73 ? 169 ASP A CG  1 
ATOM   578  O OD1 . ASP A 1 76  ? -6.918  -18.367 -7.650  1.00 51.15 ? 169 ASP A OD1 1 
ATOM   579  O OD2 . ASP A 1 76  ? -8.253  -18.226 -5.760  1.00 64.54 ? 169 ASP A OD2 1 
ATOM   580  N N   . GLN A 1 77  ? -5.814  -14.557 -3.633  1.00 48.21 ? 170 GLN A N   1 
ATOM   581  C CA  . GLN A 1 77  ? -6.304  -13.616 -2.573  1.00 52.11 ? 170 GLN A CA  1 
ATOM   582  C C   . GLN A 1 77  ? -6.358  -12.226 -3.201  1.00 47.95 ? 170 GLN A C   1 
ATOM   583  O O   . GLN A 1 77  ? -5.398  -11.779 -3.847  1.00 40.73 ? 170 GLN A O   1 
ATOM   584  C CB  . GLN A 1 77  ? -5.388  -13.630 -1.373  1.00 56.82 ? 170 GLN A CB  1 
ATOM   585  C CG  . GLN A 1 77  ? -5.479  -12.382 -0.472  1.00 74.34 ? 170 GLN A CG  1 
ATOM   586  C CD  . GLN A 1 77  ? -5.681  -12.657 1.008   1.00 76.68 ? 170 GLN A CD  1 
ATOM   587  O OE1 . GLN A 1 77  ? -5.721  -13.797 1.475   1.00 83.43 ? 170 GLN A OE1 1 
ATOM   588  N NE2 . GLN A 1 77  ? -5.848  -11.587 1.750   1.00 89.24 ? 170 GLN A NE2 1 
ATOM   589  N N   . LEU A 1 78  ? -7.470  -11.549 -3.015  1.00 38.28 ? 171 LEU A N   1 
ATOM   590  C CA  . LEU A 1 78  ? -7.729  -10.343 -3.709  1.00 42.76 ? 171 LEU A CA  1 
ATOM   591  C C   . LEU A 1 78  ? -7.297  -9.186  -2.791  1.00 36.12 ? 171 LEU A C   1 
ATOM   592  O O   . LEU A 1 78  ? -7.603  -9.265  -1.648  1.00 39.03 ? 171 LEU A O   1 
ATOM   593  C CB  . LEU A 1 78  ? -9.195  -10.270 -3.963  1.00 47.39 ? 171 LEU A CB  1 
ATOM   594  C CG  . LEU A 1 78  ? -9.586  -9.182  -4.917  1.00 56.09 ? 171 LEU A CG  1 
ATOM   595  C CD1 . LEU A 1 78  ? -9.635  -9.788  -6.322  1.00 67.68 ? 171 LEU A CD1 1 
ATOM   596  C CD2 . LEU A 1 78  ? -10.917 -8.581  -4.459  1.00 61.75 ? 171 LEU A CD2 1 
ATOM   597  N N   . ALA A 1 79  ? -6.516  -8.203  -3.294  1.00 31.38 ? 172 ALA A N   1 
ATOM   598  C CA  . ALA A 1 79  ? -6.115  -7.036  -2.473  1.00 30.34 ? 172 ALA A CA  1 
ATOM   599  C C   . ALA A 1 79  ? -6.506  -5.822  -3.291  1.00 35.54 ? 172 ALA A C   1 
ATOM   600  O O   . ALA A 1 79  ? -6.097  -5.643  -4.443  1.00 32.10 ? 172 ALA A O   1 
ATOM   601  C CB  . ALA A 1 79  ? -4.610  -7.061  -2.097  1.00 33.77 ? 172 ALA A CB  1 
ATOM   602  N N   . ARG A 1 80  ? -7.361  -4.981  -2.700  1.00 28.98 ? 173 ARG A N   1 
ATOM   603  C CA  . ARG A 1 80  ? -7.813  -3.794  -3.314  1.00 28.58 ? 173 ARG A CA  1 
ATOM   604  C C   . ARG A 1 80  ? -7.389  -2.564  -2.513  1.00 27.78 ? 173 ARG A C   1 
ATOM   605  O O   . ARG A 1 80  ? -7.645  -2.483  -1.290  1.00 28.68 ? 173 ARG A O   1 
ATOM   606  C CB  . ARG A 1 80  ? -9.332  -3.764  -3.472  1.00 32.94 ? 173 ARG A CB  1 
ATOM   607  C CG  . ARG A 1 80  ? -9.775  -2.431  -4.076  1.00 30.98 ? 173 ARG A CG  1 
ATOM   608  C CD  . ARG A 1 80  ? -11.281 -2.281  -3.960  1.00 34.60 ? 173 ARG A CD  1 
ATOM   609  N NE  . ARG A 1 80  ? -11.877 -3.313  -4.808  1.00 39.28 ? 173 ARG A NE  1 
ATOM   610  C CZ  . ARG A 1 80  ? -13.196 -3.457  -4.948  1.00 46.63 ? 173 ARG A CZ  1 
ATOM   611  N NH1 . ARG A 1 80  ? -14.032 -2.632  -4.327  1.00 43.57 ? 173 ARG A NH1 1 
ATOM   612  N NH2 . ARG A 1 80  ? -13.651 -4.417  -5.695  1.00 44.10 ? 173 ARG A NH2 1 
ATOM   613  N N   . LEU A 1 81  ? -6.633  -1.648  -3.166  1.00 25.10 ? 174 LEU A N   1 
ATOM   614  C CA  . LEU A 1 81  ? -6.117  -0.423  -2.482  1.00 23.81 ? 174 LEU A CA  1 
ATOM   615  C C   . LEU A 1 81  ? -6.754  0.740   -3.163  1.00 23.51 ? 174 LEU A C   1 
ATOM   616  O O   . LEU A 1 81  ? -6.525  1.004   -4.367  1.00 24.19 ? 174 LEU A O   1 
ATOM   617  C CB  . LEU A 1 81  ? -4.581  -0.258  -2.618  1.00 24.09 ? 174 LEU A CB  1 
ATOM   618  C CG  . LEU A 1 81  ? -3.834  -1.455  -1.996  1.00 26.02 ? 174 LEU A CG  1 
ATOM   619  C CD1 . LEU A 1 81  ? -2.357  -1.270  -2.240  1.00 27.13 ? 174 LEU A CD1 1 
ATOM   620  C CD2 . LEU A 1 81  ? -4.157  -1.679  -0.480  1.00 26.56 ? 174 LEU A CD2 1 
ATOM   621  N N   . TYR A 1 82  ? -7.528  1.495   -2.392  1.00 25.68 ? 175 TYR A N   1 
ATOM   622  C CA  . TYR A 1 82  ? -8.087  2.719   -2.849  1.00 23.44 ? 175 TYR A CA  1 
ATOM   623  C C   . TYR A 1 82  ? -7.066  3.790   -2.999  1.00 27.41 ? 175 TYR A C   1 
ATOM   624  O O   . TYR A 1 82  ? -6.185  3.936   -2.124  1.00 24.08 ? 175 TYR A O   1 
ATOM   625  C CB  . TYR A 1 82  ? -9.213  3.213   -1.919  1.00 25.06 ? 175 TYR A CB  1 
ATOM   626  C CG  . TYR A 1 82  ? -10.398 2.310   -2.014  1.00 24.69 ? 175 TYR A CG  1 
ATOM   627  C CD1 . TYR A 1 82  ? -11.371 2.539   -3.015  1.00 28.20 ? 175 TYR A CD1 1 
ATOM   628  C CD2 . TYR A 1 82  ? -10.531 1.231   -1.213  1.00 30.20 ? 175 TYR A CD2 1 
ATOM   629  C CE1 . TYR A 1 82  ? -12.493 1.691   -3.115  1.00 30.30 ? 175 TYR A CE1 1 
ATOM   630  C CE2 . TYR A 1 82  ? -11.599 0.342   -1.378  1.00 31.96 ? 175 TYR A CE2 1 
ATOM   631  C CZ  . TYR A 1 82  ? -12.572 0.625   -2.319  1.00 32.55 ? 175 TYR A CZ  1 
ATOM   632  O OH  . TYR A 1 82  ? -13.633 -0.201  -2.481  1.00 36.45 ? 175 TYR A OH  1 
ATOM   633  N N   . ILE A 1 83  ? -7.090  4.540   -4.097  1.00 24.41 ? 176 ILE A N   1 
ATOM   634  C CA  . ILE A 1 83  ? -6.134  5.584   -4.319  1.00 24.77 ? 176 ILE A CA  1 
ATOM   635  C C   . ILE A 1 83  ? -6.560  6.896   -3.707  1.00 25.43 ? 176 ILE A C   1 
ATOM   636  O O   . ILE A 1 83  ? -7.661  7.367   -4.017  1.00 27.81 ? 176 ILE A O   1 
ATOM   637  C CB  . ILE A 1 83  ? -5.819  5.688   -5.829  1.00 25.39 ? 176 ILE A CB  1 
ATOM   638  C CG1 . ILE A 1 83  ? -5.178  4.326   -6.274  1.00 31.08 ? 176 ILE A CG1 1 
ATOM   639  C CG2 . ILE A 1 83  ? -4.855  6.787   -6.104  1.00 25.14 ? 176 ILE A CG2 1 
ATOM   640  C CD1 . ILE A 1 83  ? -5.240  4.153   -7.768  1.00 46.79 ? 176 ILE A CD1 1 
ATOM   641  N N   . ILE A 1 84  ? -5.725  7.472   -2.830  1.00 23.50 ? 177 ILE A N   1 
ATOM   642  C CA  . ILE A 1 84  ? -6.030  8.677   -2.029  1.00 24.37 ? 177 ILE A CA  1 
ATOM   643  C C   . ILE A 1 84  ? -5.002  9.742   -2.232  1.00 23.11 ? 177 ILE A C   1 
ATOM   644  O O   . ILE A 1 84  ? -4.051  9.845   -1.447  1.00 22.98 ? 177 ILE A O   1 
ATOM   645  C CB  . ILE A 1 84  ? -6.188  8.353   -0.537  1.00 25.43 ? 177 ILE A CB  1 
ATOM   646  C CG1 . ILE A 1 84  ? -7.065  7.129   -0.312  1.00 27.02 ? 177 ILE A CG1 1 
ATOM   647  C CG2 . ILE A 1 84  ? -6.699  9.555   0.222   1.00 26.09 ? 177 ILE A CG2 1 
ATOM   648  C CD1 . ILE A 1 84  ? -8.544  7.266   -0.605  1.00 30.03 ? 177 ILE A CD1 1 
ATOM   649  N N   . PRO A 1 85  ? -5.132  10.576  -3.259  1.00 23.52 ? 178 PRO A N   1 
ATOM   650  C CA  . PRO A 1 85  ? -4.062  11.594  -3.533  1.00 23.00 ? 178 PRO A CA  1 
ATOM   651  C C   . PRO A 1 85  ? -4.256  12.796  -2.731  1.00 25.37 ? 178 PRO A C   1 
ATOM   652  O O   . PRO A 1 85  ? -5.306  12.974  -2.112  1.00 26.46 ? 178 PRO A O   1 
ATOM   653  C CB  . PRO A 1 85  ? -4.287  11.982  -5.008  1.00 27.90 ? 178 PRO A CB  1 
ATOM   654  C CG  . PRO A 1 85  ? -5.406  11.205  -5.455  1.00 29.82 ? 178 PRO A CG  1 
ATOM   655  C CD  . PRO A 1 85  ? -6.079  10.458  -4.390  1.00 24.92 ? 178 PRO A CD  1 
ATOM   656  N N   . GLY A 1 86  ? -3.238  13.602  -2.697  1.00 24.80 ? 179 GLY A N   1 
ATOM   657  C CA  . GLY A 1 86  ? -3.290  14.965  -2.132  1.00 28.03 ? 179 GLY A CA  1 
ATOM   658  C C   . GLY A 1 86  ? -3.256  15.118  -0.666  1.00 28.50 ? 179 GLY A C   1 
ATOM   659  O O   . GLY A 1 86  ? -3.823  16.061  -0.109  1.00 29.79 ? 179 GLY A O   1 
ATOM   660  N N   . ILE A 1 87  ? -2.745  14.129  0.032   1.00 27.17 ? 180 ILE A N   1 
ATOM   661  C CA  . ILE A 1 87  ? -2.664  14.166  1.483   1.00 27.66 ? 180 ILE A CA  1 
ATOM   662  C C   . ILE A 1 87  ? -1.313  14.852  1.871   1.00 29.68 ? 180 ILE A C   1 
ATOM   663  O O   . ILE A 1 87  ? -0.281  14.428  1.490   1.00 28.88 ? 180 ILE A O   1 
ATOM   664  C CB  . ILE A 1 87  ? -2.748  12.768  2.100   1.00 25.65 ? 180 ILE A CB  1 
ATOM   665  C CG1 . ILE A 1 87  ? -4.043  12.091  1.736   1.00 27.04 ? 180 ILE A CG1 1 
ATOM   666  C CG2 . ILE A 1 87  ? -2.587  12.828  3.614   1.00 28.88 ? 180 ILE A CG2 1 
ATOM   667  C CD1 . ILE A 1 87  ? -5.320  12.913  1.880   1.00 27.04 ? 180 ILE A CD1 1 
ATOM   668  N N   . PRO A 1 88  ? -1.340  15.957  2.665   1.00 32.83 ? 181 PRO A N   1 
ATOM   669  C CA  . PRO A 1 88  ? -0.085  16.690  2.917   1.00 31.97 ? 181 PRO A CA  1 
ATOM   670  C C   . PRO A 1 88  ? 0.988   15.897  3.601   1.00 31.15 ? 181 PRO A C   1 
ATOM   671  O O   . PRO A 1 88  ? 0.696   15.071  4.514   1.00 29.65 ? 181 PRO A O   1 
ATOM   672  C CB  . PRO A 1 88  ? -0.525  17.900  3.814   1.00 36.40 ? 181 PRO A CB  1 
ATOM   673  C CG  . PRO A 1 88  ? -1.973  18.101  3.442   1.00 40.32 ? 181 PRO A CG  1 
ATOM   674  C CD  . PRO A 1 88  ? -2.537  16.698  3.122   1.00 39.11 ? 181 PRO A CD  1 
ATOM   675  N N   . LYS A 1 89  ? 2.210   16.108  3.138   1.00 32.45 ? 182 LYS A N   1 
ATOM   676  C CA  . LYS A 1 89  ? 3.339   15.426  3.655   1.00 38.14 ? 182 LYS A CA  1 
ATOM   677  C C   . LYS A 1 89  ? 3.592   15.736  5.084   1.00 38.36 ? 182 LYS A C   1 
ATOM   678  O O   . LYS A 1 89  ? 4.286   14.956  5.724   1.00 42.40 ? 182 LYS A O   1 
ATOM   679  C CB  . LYS A 1 89  ? 4.642   15.667  2.843   1.00 51.88 ? 182 LYS A CB  1 
ATOM   680  C CG  . LYS A 1 89  ? 5.023   14.541  1.889   1.00 58.07 ? 182 LYS A CG  1 
ATOM   681  C CD  . LYS A 1 89  ? 6.425   14.689  1.303   1.00 61.38 ? 182 LYS A CD  1 
ATOM   682  C CE  . LYS A 1 89  ? 6.669   16.024  0.591   1.00 61.25 ? 182 LYS A CE  1 
ATOM   683  N NZ  . LYS A 1 89  ? 5.771   16.339  -0.590  1.00 51.21 ? 182 LYS A NZ  1 
ATOM   684  N N   . ASP A 1 90  ? 3.071   16.837  5.633   1.00 37.79 ? 183 ASP A N   1 
ATOM   685  C CA  . ASP A 1 90  ? 3.259   17.086  7.073   1.00 42.19 ? 183 ASP A CA  1 
ATOM   686  C C   . ASP A 1 90  ? 2.162   16.522  7.975   1.00 40.87 ? 183 ASP A C   1 
ATOM   687  O O   . ASP A 1 90  ? 2.166   16.737  9.201   1.00 41.82 ? 183 ASP A O   1 
ATOM   688  C CB  . ASP A 1 90  ? 3.468   18.573  7.328   1.00 45.60 ? 183 ASP A CB  1 
ATOM   689  C CG  . ASP A 1 90  ? 2.291   19.422  6.894   1.00 54.60 ? 183 ASP A CG  1 
ATOM   690  O OD1 . ASP A 1 90  ? 1.275   18.927  6.346   1.00 53.60 ? 183 ASP A OD1 1 
ATOM   691  O OD2 . ASP A 1 90  ? 2.391   20.632  7.078   1.00 60.73 ? 183 ASP A OD2 1 
ATOM   692  N N   . THR A 1 91  ? 1.226   15.769  7.401   1.00 38.44 ? 184 THR A N   1 
ATOM   693  C CA  . THR A 1 91  ? 0.283   14.973  8.215   1.00 33.38 ? 184 THR A CA  1 
ATOM   694  C C   . THR A 1 91  ? 0.956   14.105  9.262   1.00 40.92 ? 184 THR A C   1 
ATOM   695  O O   . THR A 1 91  ? 1.917   13.400  8.982   1.00 43.38 ? 184 THR A O   1 
ATOM   696  C CB  . THR A 1 91  ? -0.594  14.110  7.312   1.00 31.84 ? 184 THR A CB  1 
ATOM   697  O OG1 . THR A 1 91  ? -1.205  14.945  6.291   1.00 34.85 ? 184 THR A OG1 1 
ATOM   698  C CG2 . THR A 1 91  ? -1.641  13.391  8.049   1.00 33.89 ? 184 THR A CG2 1 
ATOM   699  N N   . LYS A 1 92  ? 0.452   14.128  10.478  1.00 42.31 ? 185 LYS A N   1 
ATOM   700  C CA  . LYS A 1 92  ? 0.994   13.313  11.552  1.00 44.51 ? 185 LYS A CA  1 
ATOM   701  C C   . LYS A 1 92  ? 0.273   12.006  11.596  1.00 41.19 ? 185 LYS A C   1 
ATOM   702  O O   . LYS A 1 92  ? -0.930  11.970  11.766  1.00 45.51 ? 185 LYS A O   1 
ATOM   703  C CB  . LYS A 1 92  ? 0.853   14.097  12.900  1.00 49.86 ? 185 LYS A CB  1 
ATOM   704  C CG  . LYS A 1 92  ? 1.705   15.361  12.898  1.00 48.85 ? 185 LYS A CG  1 
ATOM   705  C CD  . LYS A 1 92  ? 3.004   15.299  12.062  1.00 56.47 ? 185 LYS A CD  1 
ATOM   706  N N   . PHE A 1 93  ? 1.012   10.940  11.319  1.00 38.78 ? 186 PHE A N   1 
ATOM   707  C CA  . PHE A 1 93  ? 0.495   9.625   11.227  1.00 35.96 ? 186 PHE A CA  1 
ATOM   708  C C   . PHE A 1 93  ? 0.984   8.929   12.481  1.00 39.84 ? 186 PHE A C   1 
ATOM   709  O O   . PHE A 1 93  ? 2.133   9.073   12.848  1.00 48.76 ? 186 PHE A O   1 
ATOM   710  C CB  . PHE A 1 93  ? 1.082   8.880   10.016  1.00 32.26 ? 186 PHE A CB  1 
ATOM   711  C CG  . PHE A 1 93  ? 0.647   9.459   8.690   1.00 32.16 ? 186 PHE A CG  1 
ATOM   712  C CD1 . PHE A 1 93  ? -0.650  9.279   8.258   1.00 32.84 ? 186 PHE A CD1 1 
ATOM   713  C CD2 . PHE A 1 93  ? 1.501   10.224  7.911   1.00 28.53 ? 186 PHE A CD2 1 
ATOM   714  C CE1 . PHE A 1 93  ? -1.108  9.823   7.078   1.00 29.42 ? 186 PHE A CE1 1 
ATOM   715  C CE2 . PHE A 1 93  ? 1.053   10.784  6.712   1.00 30.73 ? 186 PHE A CE2 1 
ATOM   716  C CZ  . PHE A 1 93  ? -0.235  10.573  6.273   1.00 28.92 ? 186 PHE A CZ  1 
ATOM   717  N N   . ASN A 1 94  ? 0.137   8.103   13.049  1.00 41.79 ? 187 ASN A N   1 
ATOM   718  C CA  . ASN A 1 94  ? 0.432   7.369   14.281  1.00 46.88 ? 187 ASN A CA  1 
ATOM   719  C C   . ASN A 1 94  ? -0.410  6.125   14.335  1.00 37.81 ? 187 ASN A C   1 
ATOM   720  O O   . ASN A 1 94  ? -1.630  6.227   14.441  1.00 40.36 ? 187 ASN A O   1 
ATOM   721  C CB  . ASN A 1 94  ? 0.059   8.287   15.440  1.00 56.18 ? 187 ASN A CB  1 
ATOM   722  C CG  . ASN A 1 94  ? 1.168   9.248   15.782  1.00 69.72 ? 187 ASN A CG  1 
ATOM   723  O OD1 . ASN A 1 94  ? 1.083   10.471  15.537  1.00 70.98 ? 187 ASN A OD1 1 
ATOM   724  N ND2 . ASN A 1 94  ? 2.245   8.694   16.335  1.00 73.07 ? 187 ASN A ND2 1 
ATOM   725  N N   . PRO A 1 95  ? 0.205   4.920   14.300  1.00 39.36 ? 188 PRO A N   1 
ATOM   726  C CA  . PRO A 1 95  ? -0.690  3.769   14.382  1.00 36.54 ? 188 PRO A CA  1 
ATOM   727  C C   . PRO A 1 95  ? -1.365  3.652   15.723  1.00 48.23 ? 188 PRO A C   1 
ATOM   728  O O   . PRO A 1 95  ? -0.906  4.173   16.747  1.00 45.39 ? 188 PRO A O   1 
ATOM   729  C CB  . PRO A 1 95  ? 0.234   2.577   14.147  1.00 40.38 ? 188 PRO A CB  1 
ATOM   730  C CG  . PRO A 1 95  ? 1.477   3.045   14.764  1.00 46.77 ? 188 PRO A CG  1 
ATOM   731  C CD  . PRO A 1 95  ? 1.615   4.508   14.472  1.00 45.21 ? 188 PRO A CD  1 
ATOM   732  N N   . LYS A 1 96  ? -2.464  2.937   15.690  1.00 45.07 ? 189 LYS A N   1 
ATOM   733  C CA  . LYS A 1 96  ? -3.185  2.612   16.885  1.00 51.09 ? 189 LYS A CA  1 
ATOM   734  C C   . LYS A 1 96  ? -2.402  1.614   17.776  1.00 53.21 ? 189 LYS A C   1 
ATOM   735  O O   . LYS A 1 96  ? -2.494  1.686   18.992  1.00 53.53 ? 189 LYS A O   1 
ATOM   736  C CB  . LYS A 1 96  ? -4.552  2.053   16.520  1.00 59.13 ? 189 LYS A CB  1 
ATOM   737  C CG  . LYS A 1 96  ? -5.500  3.045   15.809  1.00 74.60 ? 189 LYS A CG  1 
ATOM   738  C CD  . LYS A 1 96  ? -5.580  4.450   16.419  1.00 81.16 ? 189 LYS A CD  1 
ATOM   739  C CE  . LYS A 1 96  ? -4.590  5.431   15.793  1.00 83.44 ? 189 LYS A CE  1 
ATOM   740  N NZ  . LYS A 1 96  ? -4.883  6.825   16.212  1.00 85.16 ? 189 LYS A NZ  1 
ATOM   741  N N   . THR A 1 97  ? -1.595  0.737   17.187  0.50 53.44 ? 190 THR A N   1 
ATOM   742  C CA  . THR A 1 97  ? -0.890  -0.298  17.942  0.50 52.54 ? 190 THR A CA  1 
ATOM   743  C C   . THR A 1 97  ? 0.553   -0.353  17.457  0.50 47.95 ? 190 THR A C   1 
ATOM   744  O O   . THR A 1 97  ? 0.801   -0.752  16.313  0.50 44.23 ? 190 THR A O   1 
ATOM   745  C CB  . THR A 1 97  ? -1.563  -1.670  17.674  0.50 55.20 ? 190 THR A CB  1 
ATOM   746  O OG1 . THR A 1 97  ? -2.993  -1.522  17.635  0.50 57.37 ? 190 THR A OG1 1 
ATOM   747  C CG2 . THR A 1 97  ? -1.193  -2.685  18.713  0.50 53.02 ? 190 THR A CG2 1 
ATOM   748  N N   . ARG A 1 98  ? 1.508   0.073   18.294  0.50 43.30 ? 191 ARG A N   1 
ATOM   749  C CA  . ARG A 1 98  ? 2.920   -0.139  17.977  0.50 43.00 ? 191 ARG A CA  1 
ATOM   750  C C   . ARG A 1 98  ? 3.240   -1.644  17.967  0.50 39.62 ? 191 ARG A C   1 
ATOM   751  O O   . ARG A 1 98  ? 4.311   -2.027  17.499  0.50 37.58 ? 191 ARG A O   1 
ATOM   752  C CB  . ARG A 1 98  ? 3.882   0.609   18.936  0.50 44.33 ? 191 ARG A CB  1 
ATOM   753  C CG  . ARG A 1 98  ? 4.288   2.042   18.551  0.50 43.94 ? 191 ARG A CG  1 
ATOM   754  C CD  . ARG A 1 98  ? 4.261   2.318   17.045  0.50 46.64 ? 191 ARG A CD  1 
ATOM   755  N NE  . ARG A 1 98  ? 5.562   2.560   16.390  0.50 43.31 ? 191 ARG A NE  1 
ATOM   756  C CZ  . ARG A 1 98  ? 6.750   2.623   16.993  0.50 46.29 ? 191 ARG A CZ  1 
ATOM   757  N NH1 . ARG A 1 98  ? 7.839   2.868   16.269  0.50 42.96 ? 191 ARG A NH1 1 
ATOM   758  N NH2 . ARG A 1 98  ? 6.869   2.448   18.310  0.50 48.50 ? 191 ARG A NH2 1 
ATOM   759  N N   . ARG A 1 99  ? 2.340   -2.502  18.473  1.00 39.41 ? 192 ARG A N   1 
ATOM   760  C CA  . ARG A 1 99  ? 2.574   -3.947  18.427  1.00 34.13 ? 192 ARG A CA  1 
ATOM   761  C C   . ARG A 1 99  ? 2.450   -4.518  17.064  1.00 32.27 ? 192 ARG A C   1 
ATOM   762  O O   . ARG A 1 99  ? 2.969   -5.569  16.816  1.00 29.19 ? 192 ARG A O   1 
ATOM   763  C CB  . ARG A 1 99  ? 1.641   -4.741  19.431  1.00 44.65 ? 192 ARG A CB  1 
ATOM   764  C CG  . ARG A 1 99  ? 1.694   -4.290  20.900  1.00 51.04 ? 192 ARG A CG  1 
ATOM   765  C CD  . ARG A 1 99  ? 0.630   -5.006  21.782  1.00 57.32 ? 192 ARG A CD  1 
ATOM   766  N NE  . ARG A 1 99  ? 1.289   -5.727  22.851  1.00 71.74 ? 192 ARG A NE  1 
ATOM   767  C CZ  . ARG A 1 99  ? 1.648   -5.216  24.024  1.00 80.05 ? 192 ARG A CZ  1 
ATOM   768  N NH1 . ARG A 1 99  ? 1.356   -3.958  24.358  1.00 90.79 ? 192 ARG A NH1 1 
ATOM   769  N NH2 . ARG A 1 99  ? 2.283   -5.989  24.892  1.00 74.40 ? 192 ARG A NH2 1 
ATOM   770  N N   . GLU A 1 100 ? 1.838   -3.771  16.075  1.00 32.41 ? 193 GLU A N   1 
ATOM   771  C CA  . GLU A 1 100 ? 1.782   -4.250  14.727  1.00 32.54 ? 193 GLU A CA  1 
ATOM   772  C C   . GLU A 1 100 ? 2.565   -3.416  13.717  1.00 26.73 ? 193 GLU A C   1 
ATOM   773  O O   . GLU A 1 100 ? 2.968   -3.971  12.740  1.00 30.68 ? 193 GLU A O   1 
ATOM   774  C CB  . GLU A 1 100 ? 0.289   -4.273  14.257  1.00 45.16 ? 193 GLU A CB  1 
ATOM   775  C CG  . GLU A 1 100 ? -0.626  -4.742  15.399  1.00 53.32 ? 193 GLU A CG  1 
ATOM   776  C CD  . GLU A 1 100 ? -2.036  -5.109  14.955  1.00 68.18 ? 193 GLU A CD  1 
ATOM   777  O OE1 . GLU A 1 100 ? -2.136  -5.948  14.017  1.00 64.86 ? 193 GLU A OE1 1 
ATOM   778  O OE2 . GLU A 1 100 ? -3.014  -4.569  15.563  1.00 73.73 ? 193 GLU A OE2 1 
ATOM   779  N N   . ILE A 1 101 ? 2.755   -2.141  13.988  1.00 24.07 ? 194 ILE A N   1 
ATOM   780  C CA  . ILE A 1 101 ? 3.400   -1.222  13.016  1.00 26.55 ? 194 ILE A CA  1 
ATOM   781  C C   . ILE A 1 101 ? 4.646   -0.642  13.623  1.00 26.92 ? 194 ILE A C   1 
ATOM   782  O O   . ILE A 1 101 ? 4.590   0.126   14.626  1.00 28.86 ? 194 ILE A O   1 
ATOM   783  C CB  . ILE A 1 101 ? 2.489   -0.075  12.556  1.00 27.91 ? 194 ILE A CB  1 
ATOM   784  C CG1 . ILE A 1 101 ? 1.248   -0.653  11.854  1.00 28.58 ? 194 ILE A CG1 1 
ATOM   785  C CG2 . ILE A 1 101 ? 3.220   0.887   11.604  1.00 27.39 ? 194 ILE A CG2 1 
ATOM   786  C CD1 . ILE A 1 101 ? 1.431   -1.424  10.586  1.00 28.54 ? 194 ILE A CD1 1 
ATOM   787  N N   . ARG A 1 102 ? 5.759   -0.965  12.981  1.00 26.55 ? 195 ARG A N   1 
ATOM   788  C CA  . ARG A 1 102 ? 7.054   -0.356  13.390  1.00 27.81 ? 195 ARG A CA  1 
ATOM   789  C C   . ARG A 1 102 ? 7.246   1.063   13.015  1.00 29.27 ? 195 ARG A C   1 
ATOM   790  O O   . ARG A 1 102 ? 7.692   1.877   13.815  1.00 30.52 ? 195 ARG A O   1 
ATOM   791  C CB  . ARG A 1 102 ? 8.234   -1.209  12.852  1.00 26.78 ? 195 ARG A CB  1 
ATOM   792  C CG  . ARG A 1 102 ? 9.585   -0.822  13.507  1.00 26.00 ? 195 ARG A CG  1 
ATOM   793  C CD  . ARG A 1 102 ? 10.767  -1.384  12.826  1.00 26.08 ? 195 ARG A CD  1 
ATOM   794  N NE  . ARG A 1 102 ? 10.878  -2.801  12.826  1.00 26.88 ? 195 ARG A NE  1 
ATOM   795  C CZ  . ARG A 1 102 ? 11.345  -3.524  13.848  1.00 28.94 ? 195 ARG A CZ  1 
ATOM   796  N NH1 . ARG A 1 102 ? 11.809  -2.895  14.915  1.00 27.08 ? 195 ARG A NH1 1 
ATOM   797  N NH2 . ARG A 1 102 ? 11.399  -4.821  13.774  1.00 28.50 ? 195 ARG A NH2 1 
ATOM   798  N N   . ASN A 1 103 ? 6.878   1.449   11.789  1.00 25.96 ? 196 ASN A N   1 
ATOM   799  C CA  . ASN A 1 103 ? 7.200   2.763   11.315  1.00 27.23 ? 196 ASN A CA  1 
ATOM   800  C C   . ASN A 1 103 ? 6.281   3.003   10.089  1.00 26.61 ? 196 ASN A C   1 
ATOM   801  O O   . ASN A 1 103 ? 5.689   2.093   9.552   1.00 24.86 ? 196 ASN A O   1 
ATOM   802  C CB  . ASN A 1 103 ? 8.630   2.766   10.814  1.00 27.52 ? 196 ASN A CB  1 
ATOM   803  C CG  . ASN A 1 103 ? 9.250   4.124   10.847  1.00 33.41 ? 196 ASN A CG  1 
ATOM   804  O OD1 . ASN A 1 103 ? 8.558   5.151   11.075  1.00 32.85 ? 196 ASN A OD1 1 
ATOM   805  N ND2 . ASN A 1 103 ? 10.547  4.168   10.471  1.00 37.93 ? 196 ASN A ND2 1 
ATOM   806  N N   . ILE A 1 104 ? 6.212   4.253   9.759   1.00 26.63 ? 197 ILE A N   1 
ATOM   807  C CA  . ILE A 1 104 ? 5.315   4.808   8.754   1.00 27.14 ? 197 ILE A CA  1 
ATOM   808  C C   . ILE A 1 104 ? 6.137   5.871   8.066   1.00 27.99 ? 197 ILE A C   1 
ATOM   809  O O   . ILE A 1 104 ? 6.637   6.803   8.705   1.00 28.28 ? 197 ILE A O   1 
ATOM   810  C CB  . ILE A 1 104 ? 4.086   5.484   9.325   1.00 26.50 ? 197 ILE A CB  1 
ATOM   811  C CG1 . ILE A 1 104 ? 3.193   4.523   10.051  1.00 28.33 ? 197 ILE A CG1 1 
ATOM   812  C CG2 . ILE A 1 104 ? 3.246   6.088   8.202   1.00 24.41 ? 197 ILE A CG2 1 
ATOM   813  C CD1 . ILE A 1 104 ? 2.121   5.137   10.910  1.00 32.54 ? 197 ILE A CD1 1 
ATOM   814  N N   . GLU A 1 105 ? 6.292   5.777   6.757   1.00 25.89 ? 198 GLU A N   1 
ATOM   815  C CA  . GLU A 1 105 ? 7.154   6.733   6.016   1.00 26.38 ? 198 GLU A CA  1 
ATOM   816  C C   . GLU A 1 105 ? 6.603   7.024   4.649   1.00 25.03 ? 198 GLU A C   1 
ATOM   817  O O   . GLU A 1 105 ? 6.049   6.132   3.975   1.00 23.64 ? 198 GLU A O   1 
ATOM   818  C CB  . GLU A 1 105 ? 8.570   6.266   5.893   1.00 28.81 ? 198 GLU A CB  1 
ATOM   819  C CG  . GLU A 1 105 ? 9.390   6.327   7.165   1.00 33.39 ? 198 GLU A CG  1 
ATOM   820  C CD  . GLU A 1 105 ? 10.810  5.713   7.010   1.00 37.78 ? 198 GLU A CD  1 
ATOM   821  O OE1 . GLU A 1 105 ? 11.326  5.612   5.892   1.00 36.48 ? 198 GLU A OE1 1 
ATOM   822  O OE2 . GLU A 1 105 ? 11.442  5.358   8.053   1.00 50.41 ? 198 GLU A OE2 1 
ATOM   823  N N   . TRP A 1 106 ? 6.979   8.207   4.141   1.00 24.57 ? 199 TRP A N   1 
ATOM   824  C CA  . TRP A 1 106 ? 6.763   8.535   2.728   1.00 26.02 ? 199 TRP A CA  1 
ATOM   825  C C   . TRP A 1 106 ? 7.952   8.056   1.909   1.00 25.81 ? 199 TRP A C   1 
ATOM   826  O O   . TRP A 1 106 ? 9.138   8.214   2.304   1.00 28.15 ? 199 TRP A O   1 
ATOM   827  C CB  . TRP A 1 106 ? 6.663   10.041  2.492   1.00 27.50 ? 199 TRP A CB  1 
ATOM   828  C CG  . TRP A 1 106 ? 5.500   10.702  3.047   1.00 24.05 ? 199 TRP A CG  1 
ATOM   829  C CD1 . TRP A 1 106 ? 5.422   11.456  4.218   1.00 29.69 ? 199 TRP A CD1 1 
ATOM   830  C CD2 . TRP A 1 106 ? 4.165   10.732  2.480   1.00 26.40 ? 199 TRP A CD2 1 
ATOM   831  N NE1 . TRP A 1 106 ? 4.115   11.874  4.416   1.00 31.07 ? 199 TRP A NE1 1 
ATOM   832  C CE2 . TRP A 1 106 ? 3.326   11.443  3.388   1.00 27.50 ? 199 TRP A CE2 1 
ATOM   833  C CE3 . TRP A 1 106 ? 3.572   10.119  1.394   1.00 26.77 ? 199 TRP A CE3 1 
ATOM   834  C CZ2 . TRP A 1 106 ? 1.969   11.710  3.120   1.00 27.17 ? 199 TRP A CZ2 1 
ATOM   835  C CZ3 . TRP A 1 106 ? 2.220   10.363  1.127   1.00 27.19 ? 199 TRP A CZ3 1 
ATOM   836  C CH2 . TRP A 1 106 ? 1.417   11.140  2.012   1.00 31.32 ? 199 TRP A CH2 1 
ATOM   837  N N   . PHE A 1 107 ? 7.650   7.471   0.769   1.00 23.89 ? 200 PHE A N   1 
ATOM   838  C CA  . PHE A 1 107 ? 8.653   7.041   -0.232  1.00 25.70 ? 200 PHE A CA  1 
ATOM   839  C C   . PHE A 1 107 ? 8.390   7.658   -1.541  1.00 30.59 ? 200 PHE A C   1 
ATOM   840  O O   . PHE A 1 107 ? 7.237   7.737   -2.010  1.00 27.62 ? 200 PHE A O   1 
ATOM   841  C CB  . PHE A 1 107 ? 8.732   5.491   -0.355  1.00 24.75 ? 200 PHE A CB  1 
ATOM   842  C CG  . PHE A 1 107 ? 9.240   4.800   0.919   1.00 21.30 ? 200 PHE A CG  1 
ATOM   843  C CD1 . PHE A 1 107 ? 8.396   4.543   2.027   1.00 25.83 ? 200 PHE A CD1 1 
ATOM   844  C CD2 . PHE A 1 107 ? 10.615  4.580   1.102   1.00 25.11 ? 200 PHE A CD2 1 
ATOM   845  C CE1 . PHE A 1 107 ? 8.887   3.912   3.176   1.00 26.50 ? 200 PHE A CE1 1 
ATOM   846  C CE2 . PHE A 1 107 ? 11.080  4.011   2.291   1.00 25.39 ? 200 PHE A CE2 1 
ATOM   847  C CZ  . PHE A 1 107 ? 10.204  3.624   3.288   1.00 24.91 ? 200 PHE A CZ  1 
ATOM   848  N N   . SER A 1 108 ? 9.486   7.983   -2.246  1.00 25.46 ? 201 SER A N   1 
ATOM   849  C CA  . SER A 1 108 ? 9.419   8.444   -3.606  1.00 27.69 ? 201 SER A CA  1 
ATOM   850  C C   . SER A 1 108 ? 8.972   7.340   -4.503  1.00 27.70 ? 201 SER A C   1 
ATOM   851  O O   . SER A 1 108 ? 9.634   6.296   -4.646  1.00 26.81 ? 201 SER A O   1 
ATOM   852  C CB  . SER A 1 108 ? 10.814  9.038   -4.111  1.00 28.24 ? 201 SER A CB  1 
ATOM   853  O OG  . SER A 1 108 ? 10.732  9.091   -5.486  1.00 32.84 ? 201 SER A OG  1 
ATOM   854  N N   . ILE A 1 109 ? 7.922   7.617   -5.243  1.00 24.92 ? 202 ILE A N   1 
ATOM   855  C CA  . ILE A 1 109 ? 7.408   6.621   -6.176  1.00 25.51 ? 202 ILE A CA  1 
ATOM   856  C C   . ILE A 1 109 ? 8.419   6.263   -7.256  1.00 34.56 ? 202 ILE A C   1 
ATOM   857  O O   . ILE A 1 109 ? 8.566   5.098   -7.661  1.00 31.29 ? 202 ILE A O   1 
ATOM   858  C CB  . ILE A 1 109 ? 6.087   7.023   -6.844  1.00 32.65 ? 202 ILE A CB  1 
ATOM   859  C CG1 . ILE A 1 109 ? 4.941   7.110   -5.883  1.00 37.48 ? 202 ILE A CG1 1 
ATOM   860  C CG2 . ILE A 1 109 ? 5.670   5.911   -7.812  1.00 37.36 ? 202 ILE A CG2 1 
ATOM   861  C CD1 . ILE A 1 109 ? 3.770   7.932   -6.441  1.00 40.03 ? 202 ILE A CD1 1 
ATOM   862  N N   . GLU A 1 110 ? 9.180   7.255   -7.731  1.00 31.70 ? 203 GLU A N   1 
ATOM   863  C CA  . GLU A 1 110 ? 10.049  6.968   -8.836  1.00 34.63 ? 203 GLU A CA  1 
ATOM   864  C C   . GLU A 1 110 ? 11.246  6.114   -8.414  1.00 29.12 ? 203 GLU A C   1 
ATOM   865  O O   . GLU A 1 110 ? 11.808  5.388   -9.255  1.00 34.01 ? 203 GLU A O   1 
ATOM   866  C CB  . GLU A 1 110 ? 10.447  8.301   -9.531  1.00 33.58 ? 203 GLU A CB  1 
ATOM   867  C CG  . GLU A 1 110 ? 11.395  9.211   -8.824  1.00 42.12 ? 203 GLU A CG  1 
ATOM   868  C CD  . GLU A 1 110 ? 11.829  10.439  -9.745  1.00 39.46 ? 203 GLU A CD  1 
ATOM   869  O OE1 . GLU A 1 110 ? 11.129  10.734  -10.740 1.00 57.64 ? 203 GLU A OE1 1 
ATOM   870  O OE2 . GLU A 1 110 ? 12.873  11.051  -9.447  1.00 64.88 ? 203 GLU A OE2 1 
ATOM   871  N N   . LYS A 1 111 ? 11.530  6.116   -7.102  1.00 25.10 ? 204 LYS A N   1 
ATOM   872  C CA  . LYS A 1 111 ? 12.684  5.395   -6.507  1.00 25.48 ? 204 LYS A CA  1 
ATOM   873  C C   . LYS A 1 111 ? 12.334  3.943   -6.098  1.00 25.57 ? 204 LYS A C   1 
ATOM   874  O O   . LYS A 1 111 ? 13.219  3.137   -5.868  1.00 27.74 ? 204 LYS A O   1 
ATOM   875  C CB  . LYS A 1 111 ? 13.220  6.116   -5.357  1.00 33.13 ? 204 LYS A CB  1 
ATOM   876  C CG  . LYS A 1 111 ? 13.940  7.391   -5.851  1.00 40.80 ? 204 LYS A CG  1 
ATOM   877  C CD  . LYS A 1 111 ? 14.673  8.027   -4.698  1.00 47.34 ? 204 LYS A CD  1 
ATOM   878  C CE  . LYS A 1 111 ? 15.543  9.154   -5.260  1.00 53.22 ? 204 LYS A CE  1 
ATOM   879  N NZ  . LYS A 1 111 ? 16.070  9.897   -4.101  1.00 68.54 ? 204 LYS A NZ  1 
ATOM   880  N N   . LEU A 1 112 ? 11.035  3.700   -5.895  1.00 26.84 ? 205 LEU A N   1 
ATOM   881  C CA  . LEU A 1 112 ? 10.571  2.374   -5.496  1.00 27.08 ? 205 LEU A CA  1 
ATOM   882  C C   . LEU A 1 112 ? 10.795  1.431   -6.622  1.00 28.04 ? 205 LEU A C   1 
ATOM   883  O O   . LEU A 1 112 ? 10.599  1.738   -7.805  1.00 30.15 ? 205 LEU A O   1 
ATOM   884  C CB  . LEU A 1 112 ? 9.083   2.391   -5.077  1.00 25.46 ? 205 LEU A CB  1 
ATOM   885  C CG  . LEU A 1 112 ? 8.875   3.106   -3.710  1.00 24.46 ? 205 LEU A CG  1 
ATOM   886  C CD1 . LEU A 1 112 ? 7.351   3.325   -3.497  1.00 26.55 ? 205 LEU A CD1 1 
ATOM   887  C CD2 . LEU A 1 112 ? 9.425   2.299   -2.541  1.00 26.26 ? 205 LEU A CD2 1 
ATOM   888  N N   . PRO A 1 113 ? 11.160  0.192   -6.251  1.00 29.14 ? 206 PRO A N   1 
ATOM   889  C CA  . PRO A 1 113 ? 11.222  -0.834  -7.261  1.00 35.07 ? 206 PRO A CA  1 
ATOM   890  C C   . PRO A 1 113 ? 9.857   -1.276  -7.786  1.00 34.87 ? 206 PRO A C   1 
ATOM   891  O O   . PRO A 1 113 ? 8.883   -1.344  -7.001  1.00 31.94 ? 206 PRO A O   1 
ATOM   892  C CB  . PRO A 1 113 ? 11.889  -1.992  -6.502  1.00 30.49 ? 206 PRO A CB  1 
ATOM   893  C CG  . PRO A 1 113 ? 11.489  -1.813  -5.111  1.00 30.82 ? 206 PRO A CG  1 
ATOM   894  C CD  . PRO A 1 113 ? 11.372  -0.314  -4.883  1.00 32.13 ? 206 PRO A CD  1 
ATOM   895  N N   . CYS A 1 114 ? 9.804   -1.649  -9.048  1.00 34.00 ? 207 CYS A N   1 
ATOM   896  C CA  . CYS A 1 114 ? 8.584   -2.308  -9.518  1.00 35.35 ? 207 CYS A CA  1 
ATOM   897  C C   . CYS A 1 114 ? 8.805   -3.820  -9.805  1.00 38.60 ? 207 CYS A C   1 
ATOM   898  O O   . CYS A 1 114 ? 7.892   -4.480  -10.263 1.00 38.85 ? 207 CYS A O   1 
ATOM   899  C CB  . CYS A 1 114 ? 7.971   -1.591  -10.663 1.00 40.15 ? 207 CYS A CB  1 
ATOM   900  S SG  . CYS A 1 114 ? 9.004   -1.648  -12.134 1.00 47.98 ? 207 CYS A SG  1 
ATOM   901  N N   . HIS A 1 115 ? 9.964   -4.354  -9.400  1.00 35.29 ? 208 HIS A N   1 
ATOM   902  C CA  . HIS A 1 115 ? 10.205  -5.866  -9.426  1.00 37.21 ? 208 HIS A CA  1 
ATOM   903  C C   . HIS A 1 115 ? 11.317  -6.122  -8.491  1.00 41.22 ? 208 HIS A C   1 
ATOM   904  O O   . HIS A 1 115 ? 12.040  -5.181  -8.149  1.00 35.29 ? 208 HIS A O   1 
ATOM   905  C CB  . HIS A 1 115 ? 10.509  -6.288  -10.881 1.00 43.35 ? 208 HIS A CB  1 
ATOM   906  C CG  . HIS A 1 115 ? 11.735  -5.609  -11.435 1.00 39.79 ? 208 HIS A CG  1 
ATOM   907  N ND1 . HIS A 1 115 ? 13.011  -6.011  -11.095 1.00 46.59 ? 208 HIS A ND1 1 
ATOM   908  C CD2 . HIS A 1 115 ? 11.889  -4.488  -12.183 1.00 45.49 ? 208 HIS A CD2 1 
ATOM   909  C CE1 . HIS A 1 115 ? 13.899  -5.180  -11.623 1.00 40.49 ? 208 HIS A CE1 1 
ATOM   910  N NE2 . HIS A 1 115 ? 13.241  -4.266  -12.306 1.00 43.10 ? 208 HIS A NE2 1 
ATOM   911  N N   . ARG A 1 116 ? 11.492  -7.356  -8.007  0.46 40.37 ? 209 ARG A N   1 
ATOM   912  C CA  . ARG A 1 116 ? 12.728  -7.675  -7.266  0.46 41.36 ? 209 ARG A CA  1 
ATOM   913  C C   . ARG A 1 116 ? 13.804  -8.073  -8.262  0.46 41.47 ? 209 ARG A C   1 
ATOM   914  O O   . ARG A 1 116 ? 13.504  -8.399  -9.397  0.46 40.91 ? 209 ARG A O   1 
ATOM   915  C CB  . ARG A 1 116 ? 12.492  -8.770  -6.245  0.46 42.91 ? 209 ARG A CB  1 
ATOM   916  C CG  . ARG A 1 116 ? 11.454  -8.386  -5.209  0.46 41.89 ? 209 ARG A CG  1 
ATOM   917  C CD  . ARG A 1 116 ? 10.715  -9.588  -4.706  0.46 45.97 ? 209 ARG A CD  1 
ATOM   918  N NE  . ARG A 1 116 ? 11.508  -10.363 -3.778  0.46 46.42 ? 209 ARG A NE  1 
ATOM   919  C CZ  . ARG A 1 116 ? 11.340  -11.657 -3.493  0.46 45.29 ? 209 ARG A CZ  1 
ATOM   920  N NH1 . ARG A 1 116 ? 10.414  -12.422 -4.085  0.46 48.24 ? 209 ARG A NH1 1 
ATOM   921  N NH2 . ARG A 1 116 ? 12.140  -12.207 -2.606  0.46 44.62 ? 209 ARG A NH2 1 
ATOM   922  N N   . ASN A 1 117 ? 15.060  -7.996  -7.844  1.00 47.79 ? 210 ASN A N   1 
ATOM   923  C CA  . ASN A 1 117 ? 16.189  -8.342  -8.693  1.00 44.53 ? 210 ASN A CA  1 
ATOM   924  C C   . ASN A 1 117 ? 16.410  -9.815  -8.641  1.00 47.37 ? 210 ASN A C   1 
ATOM   925  O O   . ASN A 1 117 ? 16.189  -10.481 -7.584  1.00 40.60 ? 210 ASN A O   1 
ATOM   926  C CB  . ASN A 1 117 ? 17.426  -7.612  -8.224  1.00 53.78 ? 210 ASN A CB  1 
ATOM   927  C CG  . ASN A 1 117 ? 17.265  -6.130  -8.334  1.00 53.48 ? 210 ASN A CG  1 
ATOM   928  O OD1 . ASN A 1 117 ? 16.584  -5.632  -9.257  1.00 50.20 ? 210 ASN A OD1 1 
ATOM   929  N ND2 . ASN A 1 117 ? 17.874  -5.418  -7.402  1.00 59.19 ? 210 ASN A ND2 1 
ATOM   930  N N   . ASP A 1 118 ? 16.851  -10.349 -9.781  1.00 50.03 ? 211 ASP A N   1 
ATOM   931  C CA  . ASP A 1 118 ? 17.158  -11.786 -9.820  1.00 50.97 ? 211 ASP A CA  1 
ATOM   932  C C   . ASP A 1 118 ? 18.515  -11.984 -9.134  1.00 50.16 ? 211 ASP A C   1 
ATOM   933  O O   . ASP A 1 118 ? 19.001  -11.061 -8.428  1.00 44.65 ? 211 ASP A O   1 
ATOM   934  C CB  . ASP A 1 118 ? 16.996  -12.386 -11.239 1.00 51.21 ? 211 ASP A CB  1 
ATOM   935  C CG  . ASP A 1 118 ? 17.882  -11.759 -12.289 1.00 59.17 ? 211 ASP A CG  1 
ATOM   936  O OD1 . ASP A 1 118 ? 18.952  -11.178 -11.989 1.00 54.91 ? 211 ASP A OD1 1 
ATOM   937  O OD2 . ASP A 1 118 ? 17.481  -11.913 -13.462 1.00 66.94 ? 211 ASP A OD2 1 
ATOM   938  N N   . MET A 1 119 ? 19.086  -13.192 -9.281  1.00 48.55 ? 212 MET A N   1 
ATOM   939  C CA  . MET A 1 119 ? 20.452  -13.529 -8.785  1.00 52.72 ? 212 MET A CA  1 
ATOM   940  C C   . MET A 1 119 ? 21.267  -14.179 -9.930  1.00 58.24 ? 212 MET A C   1 
ATOM   941  O O   . MET A 1 119 ? 22.131  -15.058 -9.712  1.00 61.82 ? 212 MET A O   1 
ATOM   942  C CB  . MET A 1 119 ? 20.277  -14.420 -7.589  1.00 49.19 ? 212 MET A CB  1 
ATOM   943  C CG  . MET A 1 119 ? 19.742  -13.560 -6.435  1.00 53.11 ? 212 MET A CG  1 
ATOM   944  S SD  . MET A 1 119 ? 19.252  -14.420 -4.973  1.00 55.57 ? 212 MET A SD  1 
ATOM   945  C CE  . MET A 1 119 ? 18.103  -15.615 -5.658  1.00 64.43 ? 212 MET A CE  1 
ATOM   946  N N   . THR A 1 120 ? 20.986  -13.694 -11.147 1.00 54.10 ? 213 THR A N   1 
ATOM   947  C CA  . THR A 1 120 ? 21.709  -14.057 -12.362 1.00 63.82 ? 213 THR A CA  1 
ATOM   948  C C   . THR A 1 120 ? 23.228  -13.772 -12.297 1.00 69.66 ? 213 THR A C   1 
ATOM   949  O O   . THR A 1 120 ? 23.965  -14.516 -12.935 1.00 70.88 ? 213 THR A O   1 
ATOM   950  C CB  . THR A 1 120 ? 21.095  -13.393 -13.627 1.00 65.69 ? 213 THR A CB  1 
ATOM   951  O OG1 . THR A 1 120 ? 20.990  -11.969 -13.436 1.00 76.10 ? 213 THR A OG1 1 
ATOM   952  C CG2 . THR A 1 120 ? 19.712  -13.973 -13.937 1.00 61.73 ? 213 THR A CG2 1 
ATOM   953  N N   . PRO A 1 121 ? 23.697  -12.724 -11.543 1.00 81.36 ? 214 PRO A N   1 
ATOM   954  C CA  . PRO A 1 121 ? 25.167  -12.671 -11.349 1.00 76.58 ? 214 PRO A CA  1 
ATOM   955  C C   . PRO A 1 121 ? 25.745  -13.908 -10.607 1.00 77.45 ? 214 PRO A C   1 
ATOM   956  O O   . PRO A 1 121 ? 26.889  -14.310 -10.870 1.00 68.59 ? 214 PRO A O   1 
ATOM   957  C CB  . PRO A 1 121 ? 25.386  -11.356 -10.556 1.00 80.36 ? 214 PRO A CB  1 
ATOM   958  C CG  . PRO A 1 121 ? 24.050  -10.992 -9.986  1.00 85.18 ? 214 PRO A CG  1 
ATOM   959  C CD  . PRO A 1 121 ? 23.056  -11.490 -11.009 1.00 88.26 ? 214 PRO A CD  1 
ATOM   960  N N   . LYS A 1 122 ? 24.950  -14.520 -9.724  1.00 71.02 ? 215 LYS A N   1 
ATOM   961  C CA  . LYS A 1 122 ? 25.347  -15.729 -8.997  1.00 67.28 ? 215 LYS A CA  1 
ATOM   962  C C   . LYS A 1 122 ? 24.888  -17.082 -9.662  1.00 58.65 ? 215 LYS A C   1 
ATOM   963  O O   . LYS A 1 122 ? 25.023  -18.138 -9.043  1.00 70.48 ? 215 LYS A O   1 
ATOM   964  C CB  . LYS A 1 122 ? 24.821  -15.632 -7.560  1.00 64.69 ? 215 LYS A CB  1 
ATOM   965  C CG  . LYS A 1 122 ? 25.694  -16.325 -6.530  1.00 74.01 ? 215 LYS A CG  1 
ATOM   966  N N   . SER A 1 123 ? 24.369  -17.055 -10.896 1.00 56.97 ? 216 SER A N   1 
ATOM   967  C CA  . SER A 1 123 ? 23.755  -18.256 -11.536 1.00 47.57 ? 216 SER A CA  1 
ATOM   968  C C   . SER A 1 123 ? 22.831  -19.065 -10.611 1.00 43.98 ? 216 SER A C   1 
ATOM   969  O O   . SER A 1 123 ? 22.819  -20.281 -10.643 1.00 41.39 ? 216 SER A O   1 
ATOM   970  C CB  . SER A 1 123 ? 24.862  -19.167 -12.067 1.00 50.62 ? 216 SER A CB  1 
ATOM   971  O OG  . SER A 1 123 ? 25.724  -18.467 -12.938 1.00 51.94 ? 216 SER A OG  1 
ATOM   972  N N   . LYS A 1 124 ? 22.039  -18.380 -9.772  1.00 33.11 ? 217 LYS A N   1 
ATOM   973  C CA  . LYS A 1 124 ? 21.164  -19.004 -8.880  1.00 31.75 ? 217 LYS A CA  1 
ATOM   974  C C   . LYS A 1 124 ? 19.739  -18.562 -9.288  1.00 32.12 ? 217 LYS A C   1 
ATOM   975  O O   . LYS A 1 124 ? 19.546  -17.359 -9.665  1.00 34.70 ? 217 LYS A O   1 
ATOM   976  C CB  . LYS A 1 124 ? 21.503  -18.449 -7.499  1.00 39.20 ? 217 LYS A CB  1 
ATOM   977  C CG  . LYS A 1 124 ? 20.682  -18.996 -6.360  1.00 41.43 ? 217 LYS A CG  1 
ATOM   978  C CD  . LYS A 1 124 ? 21.482  -18.792 -5.061  1.00 49.45 ? 217 LYS A CD  1 
ATOM   979  N N   . LEU A 1 125 ? 18.778  -19.480 -9.123  1.00 28.84 ? 218 LEU A N   1 
ATOM   980  C CA  . LEU A 1 125 ? 17.352  -19.124 -9.381  1.00 28.84 ? 218 LEU A CA  1 
ATOM   981  C C   . LEU A 1 125 ? 16.745  -18.348 -8.202  1.00 29.27 ? 218 LEU A C   1 
ATOM   982  O O   . LEU A 1 125 ? 17.035  -18.539 -7.040  1.00 32.69 ? 218 LEU A O   1 
ATOM   983  C CB  . LEU A 1 125 ? 16.503  -20.377 -9.570  1.00 27.89 ? 218 LEU A CB  1 
ATOM   984  C CG  . LEU A 1 125 ? 17.080  -21.165 -10.783 1.00 29.42 ? 218 LEU A CG  1 
ATOM   985  C CD1 . LEU A 1 125 ? 16.103  -22.158 -11.248 1.00 36.32 ? 218 LEU A CD1 1 
ATOM   986  C CD2 . LEU A 1 125 ? 17.580  -20.367 -12.002 1.00 33.00 ? 218 LEU A CD2 1 
ATOM   987  N N   . GLY A 1 126 ? 15.734  -17.626 -8.565  1.00 29.16 ? 219 GLY A N   1 
ATOM   988  C CA  . GLY A 1 126 ? 14.893  -16.944 -7.612  1.00 29.43 ? 219 GLY A CA  1 
ATOM   989  C C   . GLY A 1 126 ? 15.185  -15.445 -7.580  1.00 27.18 ? 219 GLY A C   1 
ATOM   990  O O   . GLY A 1 126 ? 15.724  -14.859 -8.474  1.00 31.87 ? 219 GLY A O   1 
ATOM   991  N N   . LEU A 1 127 ? 14.738  -14.814 -6.508  1.00 33.85 ? 220 LEU A N   1 
ATOM   992  C CA  . LEU A 1 127 ? 14.820  -13.341 -6.378  1.00 33.32 ? 220 LEU A CA  1 
ATOM   993  C C   . LEU A 1 127 ? 15.554  -12.985 -5.064  1.00 28.20 ? 220 LEU A C   1 
ATOM   994  O O   . LEU A 1 127 ? 15.396  -13.694 -4.066  1.00 34.82 ? 220 LEU A O   1 
ATOM   995  C CB  . LEU A 1 127 ? 13.366  -12.801 -6.319  1.00 33.56 ? 220 LEU A CB  1 
ATOM   996  C CG  . LEU A 1 127 ? 12.536  -12.839 -7.619  1.00 36.62 ? 220 LEU A CG  1 
ATOM   997  C CD1 . LEU A 1 127 ? 11.112  -12.519 -7.256  1.00 43.06 ? 220 LEU A CD1 1 
ATOM   998  C CD2 . LEU A 1 127 ? 13.137  -11.946 -8.717  1.00 38.43 ? 220 LEU A CD2 1 
ATOM   999  N N   . ALA A 1 128 ? 16.277  -11.897 -5.105  1.00 32.90 ? 221 ALA A N   1 
ATOM   1000 C CA  . ALA A 1 128 ? 16.984  -11.364 -3.947  1.00 34.02 ? 221 ALA A CA  1 
ATOM   1001 C C   . ALA A 1 128 ? 15.927  -10.746 -3.019  1.00 37.42 ? 221 ALA A C   1 
ATOM   1002 O O   . ALA A 1 128 ? 14.872  -10.301 -3.467  1.00 32.73 ? 221 ALA A O   1 
ATOM   1003 C CB  . ALA A 1 128 ? 17.994  -10.322 -4.390  1.00 37.38 ? 221 ALA A CB  1 
ATOM   1004 N N   . PRO A 1 129 ? 16.170  -10.785 -1.717  1.00 38.60 ? 222 PRO A N   1 
ATOM   1005 C CA  . PRO A 1 129 ? 15.197  -10.162 -0.812  1.00 36.78 ? 222 PRO A CA  1 
ATOM   1006 C C   . PRO A 1 129 ? 15.112  -8.703  -1.090  1.00 31.91 ? 222 PRO A C   1 
ATOM   1007 O O   . PRO A 1 129 ? 16.060  -8.104  -1.630  1.00 31.30 ? 222 PRO A O   1 
ATOM   1008 C CB  . PRO A 1 129 ? 15.725  -10.489 0.584   1.00 43.82 ? 222 PRO A CB  1 
ATOM   1009 C CG  . PRO A 1 129 ? 17.185  -10.738 0.381   1.00 49.99 ? 222 PRO A CG  1 
ATOM   1010 C CD  . PRO A 1 129 ? 17.294  -11.409 -0.971  1.00 45.90 ? 222 PRO A CD  1 
ATOM   1011 N N   . ASN A 1 130 ? 13.933  -8.125  -0.777  1.00 30.96 ? 223 ASN A N   1 
ATOM   1012 C CA  . ASN A 1 130 ? 13.733  -6.704  -1.028  1.00 30.81 ? 223 ASN A CA  1 
ATOM   1013 C C   . ASN A 1 130 ? 12.737  -6.261  0.006   1.00 28.68 ? 223 ASN A C   1 
ATOM   1014 O O   . ASN A 1 130 ? 11.726  -6.879  0.210   1.00 28.81 ? 223 ASN A O   1 
ATOM   1015 C CB  . ASN A 1 130 ? 13.192  -6.443  -2.417  1.00 36.06 ? 223 ASN A CB  1 
ATOM   1016 C CG  . ASN A 1 130 ? 13.192  -4.980  -2.765  1.00 36.27 ? 223 ASN A CG  1 
ATOM   1017 O OD1 . ASN A 1 130 ? 12.422  -4.248  -2.186  1.00 30.42 ? 223 ASN A OD1 1 
ATOM   1018 N ND2 . ASN A 1 130 ? 14.102  -4.531  -3.607  1.00 37.16 ? 223 ASN A ND2 1 
ATOM   1019 N N   . LYS A 1 131 ? 13.050  -5.189  0.722   1.00 27.73 ? 224 LYS A N   1 
ATOM   1020 C CA  . LYS A 1 131 ? 12.213  -4.801  1.837   1.00 27.43 ? 224 LYS A CA  1 
ATOM   1021 C C   . LYS A 1 131 ? 10.887  -4.237  1.353   1.00 27.97 ? 224 LYS A C   1 
ATOM   1022 O O   . LYS A 1 131 ? 10.043  -4.018  2.193   1.00 27.31 ? 224 LYS A O   1 
ATOM   1023 C CB  . LYS A 1 131 ? 12.870  -3.759  2.770   1.00 28.11 ? 224 LYS A CB  1 
ATOM   1024 C CG  . LYS A 1 131 ? 13.282  -2.501  2.107   1.00 30.46 ? 224 LYS A CG  1 
ATOM   1025 C CD  . LYS A 1 131 ? 13.981  -1.648  3.136   1.00 31.51 ? 224 LYS A CD  1 
ATOM   1026 C CE  . LYS A 1 131 ? 14.326  -0.251  2.620   1.00 34.42 ? 224 LYS A CE  1 
ATOM   1027 N NZ  . LYS A 1 131 ? 14.998  0.586   3.741   1.00 36.30 ? 224 LYS A NZ  1 
ATOM   1028 N N   . PHE A 1 132 ? 10.772  -3.967  0.064   1.00 25.81 ? 225 PHE A N   1 
ATOM   1029 C CA  . PHE A 1 132 ? 9.509   -3.420  -0.496  1.00 25.18 ? 225 PHE A CA  1 
ATOM   1030 C C   . PHE A 1 132 ? 8.649   -4.514  -1.164  1.00 25.06 ? 225 PHE A C   1 
ATOM   1031 O O   . PHE A 1 132 ? 7.700   -4.185  -1.843  1.00 25.78 ? 225 PHE A O   1 
ATOM   1032 C CB  . PHE A 1 132 ? 9.843   -2.362  -1.490  1.00 23.14 ? 225 PHE A CB  1 
ATOM   1033 C CG  . PHE A 1 132 ? 10.522  -1.181  -0.888  1.00 24.45 ? 225 PHE A CG  1 
ATOM   1034 C CD1 . PHE A 1 132 ? 9.851   -0.354  -0.076  1.00 23.86 ? 225 PHE A CD1 1 
ATOM   1035 C CD2 . PHE A 1 132 ? 11.854  -0.903  -1.207  1.00 28.26 ? 225 PHE A CD2 1 
ATOM   1036 C CE1 . PHE A 1 132 ? 10.468  0.712   0.499   1.00 23.89 ? 225 PHE A CE1 1 
ATOM   1037 C CE2 . PHE A 1 132 ? 12.487  0.152   -0.636  1.00 28.98 ? 225 PHE A CE2 1 
ATOM   1038 C CZ  . PHE A 1 132 ? 11.786  0.985   0.174   1.00 27.22 ? 225 PHE A CZ  1 
ATOM   1039 N N   . PHE A 1 133 ? 8.967   -5.787  -0.881  0.46 27.32 ? 226 PHE A N   1 
ATOM   1040 C CA  . PHE A 1 133 ? 8.292   -6.963  -1.449  0.46 30.15 ? 226 PHE A CA  1 
ATOM   1041 C C   . PHE A 1 133 ? 6.778   -6.817  -1.581  0.46 30.14 ? 226 PHE A C   1 
ATOM   1042 O O   . PHE A 1 133 ? 6.240   -7.067  -2.661  0.46 28.48 ? 226 PHE A O   1 
ATOM   1043 C CB  . PHE A 1 133 ? 8.601   -8.216  -0.602  0.46 33.22 ? 226 PHE A CB  1 
ATOM   1044 C CG  . PHE A 1 133 ? 7.836   -9.460  -1.021  0.46 35.04 ? 226 PHE A CG  1 
ATOM   1045 C CD1 . PHE A 1 133 ? 8.085   -10.072 -2.242  0.46 40.03 ? 226 PHE A CD1 1 
ATOM   1046 C CD2 . PHE A 1 133 ? 6.878   -10.020 -0.187  0.46 37.65 ? 226 PHE A CD2 1 
ATOM   1047 C CE1 . PHE A 1 133 ? 7.393   -11.223 -2.637  0.46 41.08 ? 226 PHE A CE1 1 
ATOM   1048 C CE2 . PHE A 1 133 ? 6.185   -11.168 -0.568  0.46 40.80 ? 226 PHE A CE2 1 
ATOM   1049 C CZ  . PHE A 1 133 ? 6.440   -11.769 -1.789  0.46 40.04 ? 226 PHE A CZ  1 
ATOM   1050 N N   . MET A 1 134 ? 6.090   -6.451  -0.511  0.46 28.29 ? 227 MET A N   1 
ATOM   1051 C CA  . MET A 1 134 ? 4.613   -6.368  -0.579  0.46 29.95 ? 227 MET A CA  1 
ATOM   1052 C C   . MET A 1 134 ? 4.098   -5.186  -1.376  0.46 27.63 ? 227 MET A C   1 
ATOM   1053 O O   . MET A 1 134 ? 3.023   -5.254  -1.998  0.46 25.79 ? 227 MET A O   1 
ATOM   1054 C CB  . MET A 1 134 ? 4.016   -6.353  0.808   0.46 32.79 ? 227 MET A CB  1 
ATOM   1055 C CG  . MET A 1 134 ? 4.088   -7.698  1.490   0.46 37.36 ? 227 MET A CG  1 
ATOM   1056 S SD  . MET A 1 134 ? 3.123   -8.999  0.712   0.46 39.03 ? 227 MET A SD  1 
ATOM   1057 C CE  . MET A 1 134 ? 1.459   -8.459  1.132   0.46 37.70 ? 227 MET A CE  1 
ATOM   1058 N N   . ALA A 1 135 ? 4.849   -4.087  -1.382  1.00 26.43 ? 228 ALA A N   1 
ATOM   1059 C CA  . ALA A 1 135 ? 4.452   -2.951  -2.215  1.00 24.65 ? 228 ALA A CA  1 
ATOM   1060 C C   . ALA A 1 135 ? 4.647   -3.157  -3.700  1.00 24.27 ? 228 ALA A C   1 
ATOM   1061 O O   . ALA A 1 135 ? 3.908   -2.652  -4.528  1.00 24.17 ? 228 ALA A O   1 
ATOM   1062 C CB  . ALA A 1 135 ? 5.186   -1.692  -1.788  1.00 22.85 ? 228 ALA A CB  1 
ATOM   1063 N N   . ILE A 1 136 ? 5.740   -3.900  -4.070  1.00 23.01 ? 229 ILE A N   1 
ATOM   1064 C CA  . ILE A 1 136 ? 6.186   -3.978  -5.411  1.00 24.66 ? 229 ILE A CA  1 
ATOM   1065 C C   . ILE A 1 136 ? 5.097   -4.299  -6.447  1.00 24.04 ? 229 ILE A C   1 
ATOM   1066 O O   . ILE A 1 136 ? 5.044   -3.697  -7.479  1.00 25.18 ? 229 ILE A O   1 
ATOM   1067 C CB  . ILE A 1 136 ? 7.399   -4.980  -5.479  1.00 25.21 ? 229 ILE A CB  1 
ATOM   1068 C CG1 . ILE A 1 136 ? 8.654   -4.195  -5.083  1.00 27.52 ? 229 ILE A CG1 1 
ATOM   1069 C CG2 . ILE A 1 136 ? 7.500   -5.641  -6.856  1.00 30.65 ? 229 ILE A CG2 1 
ATOM   1070 C CD1 . ILE A 1 136 ? 9.850   -5.102  -4.720  1.00 29.01 ? 229 ILE A CD1 1 
ATOM   1071 N N   . PRO A 1 137 ? 4.193   -5.253  -6.169  1.00 28.39 ? 230 PRO A N   1 
ATOM   1072 C CA  . PRO A 1 137 ? 3.226   -5.612  -7.235  1.00 27.50 ? 230 PRO A CA  1 
ATOM   1073 C C   . PRO A 1 137 ? 2.314   -4.466  -7.651  1.00 25.58 ? 230 PRO A C   1 
ATOM   1074 O O   . PRO A 1 137 ? 1.783   -4.446  -8.757  1.00 28.85 ? 230 PRO A O   1 
ATOM   1075 C CB  . PRO A 1 137 ? 2.366   -6.670  -6.548  1.00 29.70 ? 230 PRO A CB  1 
ATOM   1076 C CG  . PRO A 1 137 ? 3.212   -7.285  -5.516  1.00 34.50 ? 230 PRO A CG  1 
ATOM   1077 C CD  . PRO A 1 137 ? 4.127   -6.151  -5.021  1.00 29.66 ? 230 PRO A CD  1 
ATOM   1078 N N   . PHE A 1 138 ? 2.141   -3.459  -6.759  1.00 24.20 ? 231 PHE A N   1 
ATOM   1079 C CA  . PHE A 1 138 ? 1.263   -2.355  -7.051  1.00 23.23 ? 231 PHE A CA  1 
ATOM   1080 C C   . PHE A 1 138 ? 1.917   -1.186  -7.758  1.00 25.72 ? 231 PHE A C   1 
ATOM   1081 O O   . PHE A 1 138 ? 1.234   -0.289  -8.172  1.00 26.01 ? 231 PHE A O   1 
ATOM   1082 C CB  . PHE A 1 138 ? 0.633   -1.813  -5.733  1.00 23.09 ? 231 PHE A CB  1 
ATOM   1083 C CG  . PHE A 1 138 ? -0.253  -2.822  -5.027  1.00 24.88 ? 231 PHE A CG  1 
ATOM   1084 C CD1 . PHE A 1 138 ? -1.629  -2.893  -5.342  1.00 28.24 ? 231 PHE A CD1 1 
ATOM   1085 C CD2 . PHE A 1 138 ? 0.281   -3.678  -4.108  1.00 27.21 ? 231 PHE A CD2 1 
ATOM   1086 C CE1 . PHE A 1 138 ? -2.385  -3.868  -4.762  1.00 29.02 ? 231 PHE A CE1 1 
ATOM   1087 C CE2 . PHE A 1 138 ? -0.532  -4.597  -3.494  1.00 32.49 ? 231 PHE A CE2 1 
ATOM   1088 C CZ  . PHE A 1 138 ? -1.845  -4.658  -3.828  1.00 29.08 ? 231 PHE A CZ  1 
ATOM   1089 N N   . ILE A 1 139 ? 3.230   -1.144  -7.815  1.00 25.35 ? 232 ILE A N   1 
ATOM   1090 C CA  . ILE A 1 139 ? 3.970   0.011   -8.295  1.00 24.87 ? 232 ILE A CA  1 
ATOM   1091 C C   . ILE A 1 139 ? 3.807   0.365   -9.783  1.00 30.34 ? 232 ILE A C   1 
ATOM   1092 O O   . ILE A 1 139 ? 3.412   1.449   -10.138 1.00 28.00 ? 232 ILE A O   1 
ATOM   1093 C CB  . ILE A 1 139 ? 5.446   -0.057  -7.937  1.00 28.05 ? 232 ILE A CB  1 
ATOM   1094 C CG1 . ILE A 1 139 ? 5.644   -0.165  -6.402  1.00 26.25 ? 232 ILE A CG1 1 
ATOM   1095 C CG2 . ILE A 1 139 ? 6.118   1.192   -8.465  1.00 33.78 ? 232 ILE A CG2 1 
ATOM   1096 C CD1 . ILE A 1 139 ? 5.039   0.955   -5.570  1.00 26.62 ? 232 ILE A CD1 1 
ATOM   1097 N N   . ARG A 1 140 ? 3.951   -0.612  -10.654 1.00 29.67 ? 233 ARG A N   1 
ATOM   1098 C CA  . ARG A 1 140 ? 3.666   -0.390  -12.039 1.00 31.13 ? 233 ARG A CA  1 
ATOM   1099 C C   . ARG A 1 140 ? 2.212   -0.086  -12.336 1.00 28.56 ? 233 ARG A C   1 
ATOM   1100 O O   . ARG A 1 140 ? 1.921   0.899   -12.960 1.00 30.71 ? 233 ARG A O   1 
ATOM   1101 C CB  . ARG A 1 140 ? 4.215   -1.561  -12.864 1.00 36.01 ? 233 ARG A CB  1 
ATOM   1102 C CG  . ARG A 1 140 ? 3.921   -1.425  -14.352 1.00 41.35 ? 233 ARG A CG  1 
ATOM   1103 C CD  . ARG A 1 140 ? 4.475   -0.140  -14.901 1.00 54.34 ? 233 ARG A CD  1 
ATOM   1104 N NE  . ARG A 1 140 ? 5.858   0.163   -14.470 1.00 61.57 ? 233 ARG A NE  1 
ATOM   1105 C CZ  . ARG A 1 140 ? 6.493   1.307   -14.748 1.00 74.47 ? 233 ARG A CZ  1 
ATOM   1106 N NH1 . ARG A 1 140 ? 5.895   2.291   -15.452 1.00 79.29 ? 233 ARG A NH1 1 
ATOM   1107 N NH2 . ARG A 1 140 ? 7.739   1.473   -14.329 1.00 80.01 ? 233 ARG A NH2 1 
ATOM   1108 N N   . PRO A 1 141 ? 1.256   -0.867  -11.796 1.00 29.17 ? 234 PRO A N   1 
ATOM   1109 C CA  . PRO A 1 141 ? -0.088  -0.442  -11.991 1.00 30.66 ? 234 PRO A CA  1 
ATOM   1110 C C   . PRO A 1 141 ? -0.405  0.958   -11.451 1.00 30.10 ? 234 PRO A C   1 
ATOM   1111 O O   . PRO A 1 141 ? -1.249  1.682   -12.050 1.00 29.41 ? 234 PRO A O   1 
ATOM   1112 C CB  . PRO A 1 141 ? -0.923  -1.536  -11.256 1.00 31.36 ? 234 PRO A CB  1 
ATOM   1113 C CG  . PRO A 1 141 ? -0.024  -2.672  -11.168 1.00 32.61 ? 234 PRO A CG  1 
ATOM   1114 C CD  . PRO A 1 141 ? 1.368   -2.189  -11.182 1.00 29.27 ? 234 PRO A CD  1 
ATOM   1115 N N   . LEU A 1 142 ? 0.182   1.340   -10.318 1.00 28.50 ? 235 LEU A N   1 
ATOM   1116 C CA  . LEU A 1 142 ? -0.010  2.741   -9.808  1.00 27.94 ? 235 LEU A CA  1 
ATOM   1117 C C   . LEU A 1 142 ? 0.550   3.843   -10.739 1.00 28.26 ? 235 LEU A C   1 
ATOM   1118 O O   . LEU A 1 142 ? -0.147  4.830   -11.054 1.00 28.09 ? 235 LEU A O   1 
ATOM   1119 C CB  . LEU A 1 142 ? 0.615   2.919   -8.432  1.00 24.58 ? 235 LEU A CB  1 
ATOM   1120 C CG  . LEU A 1 142 ? 0.628   4.330   -7.808  1.00 26.01 ? 235 LEU A CG  1 
ATOM   1121 C CD1 . LEU A 1 142 ? -0.760  4.839   -7.631  1.00 26.29 ? 235 LEU A CD1 1 
ATOM   1122 C CD2 . LEU A 1 142 ? 1.423   4.351   -6.503  1.00 27.10 ? 235 LEU A CD2 1 
ATOM   1123 N N   . ARG A 1 143 ? 1.743   3.602   -11.238 1.00 29.18 ? 236 ARG A N   1 
ATOM   1124 C CA  . ARG A 1 143 ? 2.383   4.545   -12.155 1.00 30.35 ? 236 ARG A CA  1 
ATOM   1125 C C   . ARG A 1 143 ? 1.476   4.634   -13.392 1.00 31.95 ? 236 ARG A C   1 
ATOM   1126 O O   . ARG A 1 143 ? 1.209   5.734   -13.885 1.00 32.72 ? 236 ARG A O   1 
ATOM   1127 C CB  . ARG A 1 143 ? 3.772   4.113   -12.549 1.00 29.79 ? 236 ARG A CB  1 
ATOM   1128 C CG  . ARG A 1 143 ? 4.767   4.254   -11.425 1.00 31.94 ? 236 ARG A CG  1 
ATOM   1129 C CD  . ARG A 1 143 ? 6.124   3.790   -11.879 1.00 38.42 ? 236 ARG A CD  1 
ATOM   1130 N NE  . ARG A 1 143 ? 7.116   3.901   -10.835 1.00 36.47 ? 236 ARG A NE  1 
ATOM   1131 C CZ  . ARG A 1 143 ? 8.187   3.101   -10.663 1.00 38.65 ? 236 ARG A CZ  1 
ATOM   1132 N NH1 . ARG A 1 143 ? 8.396   2.057   -11.462 1.00 35.12 ? 236 ARG A NH1 1 
ATOM   1133 N NH2 . ARG A 1 143 ? 9.022   3.302   -9.646  1.00 34.86 ? 236 ARG A NH2 1 
ATOM   1134 N N   . ASP A 1 144 ? 0.981   3.495   -13.878 1.00 35.11 ? 237 ASP A N   1 
ATOM   1135 C CA  . ASP A 1 144 ? 0.090   3.528   -15.079 1.00 37.31 ? 237 ASP A CA  1 
ATOM   1136 C C   . ASP A 1 144 ? -1.239  4.224   -14.843 1.00 40.49 ? 237 ASP A C   1 
ATOM   1137 O O   . ASP A 1 144 ? -1.742  4.933   -15.686 1.00 39.30 ? 237 ASP A O   1 
ATOM   1138 C CB  . ASP A 1 144 ? -0.158  2.120   -15.612 1.00 37.78 ? 237 ASP A CB  1 
ATOM   1139 C CG  . ASP A 1 144 ? 1.132   1.493   -16.271 1.00 42.90 ? 237 ASP A CG  1 
ATOM   1140 O OD1 . ASP A 1 144 ? 2.201   2.179   -16.440 1.00 43.64 ? 237 ASP A OD1 1 
ATOM   1141 O OD2 . ASP A 1 144 ? 1.092   0.267   -16.483 1.00 48.67 ? 237 ASP A OD2 1 
ATOM   1142 N N   . TRP A 1 145 ? -1.810  4.001   -13.667 1.00 30.84 ? 238 TRP A N   1 
ATOM   1143 C CA  . TRP A 1 145 ? -2.995  4.663   -13.238 1.00 31.69 ? 238 TRP A CA  1 
ATOM   1144 C C   . TRP A 1 145 ? -2.800  6.156   -13.091 1.00 33.97 ? 238 TRP A C   1 
ATOM   1145 O O   . TRP A 1 145 ? -3.648  6.929   -13.555 1.00 35.97 ? 238 TRP A O   1 
ATOM   1146 C CB  . TRP A 1 145 ? -3.491  4.006   -11.952 1.00 33.31 ? 238 TRP A CB  1 
ATOM   1147 C CG  . TRP A 1 145 ? -4.875  4.448   -11.530 1.00 35.05 ? 238 TRP A CG  1 
ATOM   1148 C CD1 . TRP A 1 145 ? -6.044  3.709   -11.671 1.00 39.60 ? 238 TRP A CD1 1 
ATOM   1149 C CD2 . TRP A 1 145 ? -5.239  5.636   -10.846 1.00 33.72 ? 238 TRP A CD2 1 
ATOM   1150 N NE1 . TRP A 1 145 ? -7.089  4.351   -11.124 1.00 39.52 ? 238 TRP A NE1 1 
ATOM   1151 C CE2 . TRP A 1 145 ? -6.647  5.563   -10.629 1.00 36.67 ? 238 TRP A CE2 1 
ATOM   1152 C CE3 . TRP A 1 145 ? -4.546  6.757   -10.386 1.00 32.66 ? 238 TRP A CE3 1 
ATOM   1153 C CZ2 . TRP A 1 145 ? -7.332  6.536   -9.966  1.00 39.20 ? 238 TRP A CZ2 1 
ATOM   1154 C CZ3 . TRP A 1 145 ? -5.247  7.737   -9.710  1.00 32.90 ? 238 TRP A CZ3 1 
ATOM   1155 C CH2 . TRP A 1 145 ? -6.622  7.634   -9.526  1.00 36.71 ? 238 TRP A CH2 1 
ATOM   1156 N N   . LEU A 1 146 ? -1.679  6.595   -12.532 1.00 30.07 ? 239 LEU A N   1 
ATOM   1157 C CA  . LEU A 1 146 ? -1.449  8.055   -12.320 1.00 32.75 ? 239 LEU A CA  1 
ATOM   1158 C C   . LEU A 1 146 ? -1.275  8.772   -13.698 1.00 38.09 ? 239 LEU A C   1 
ATOM   1159 O O   . LEU A 1 146 ? -1.766  9.864   -13.872 1.00 38.26 ? 239 LEU A O   1 
ATOM   1160 C CB  . LEU A 1 146 ? -0.245  8.343   -11.499 1.00 31.38 ? 239 LEU A CB  1 
ATOM   1161 C CG  . LEU A 1 146 ? -0.442  7.907   -10.030 1.00 30.63 ? 239 LEU A CG  1 
ATOM   1162 C CD1 . LEU A 1 146 ? 0.845   7.879   -9.262  1.00 28.97 ? 239 LEU A CD1 1 
ATOM   1163 C CD2 . LEU A 1 146 ? -1.458  8.808   -9.346  1.00 32.04 ? 239 LEU A CD2 1 
ATOM   1164 N N   . SER A 1 147 ? -0.586  8.099   -14.601 1.00 38.61 ? 240 SER A N   1 
ATOM   1165 C CA  . SER A 1 147 ? -0.420  8.588   -16.021 1.00 42.22 ? 240 SER A CA  1 
ATOM   1166 C C   . SER A 1 147 ? -1.756  8.757   -16.683 1.00 42.57 ? 240 SER A C   1 
ATOM   1167 O O   . SER A 1 147 ? -2.024  9.814   -17.224 1.00 48.99 ? 240 SER A O   1 
ATOM   1168 C CB  . SER A 1 147 ? 0.368   7.577   -16.844 1.00 40.20 ? 240 SER A CB  1 
ATOM   1169 O OG  . SER A 1 147 ? 1.643   7.500   -16.298 1.00 50.14 ? 240 SER A OG  1 
ATOM   1170 N N   . ARG A 1 148 ? -2.603  7.745   -16.657 1.00 44.51 ? 241 ARG A N   1 
ATOM   1171 C CA  . ARG A 1 148 ? -3.929  7.875   -17.270 1.00 48.27 ? 241 ARG A CA  1 
ATOM   1172 C C   . ARG A 1 148 ? -4.844  8.959   -16.601 1.00 61.25 ? 241 ARG A C   1 
ATOM   1173 O O   . ARG A 1 148 ? -5.472  9.760   -17.312 1.00 64.17 ? 241 ARG A O   1 
ATOM   1174 C CB  . ARG A 1 148 ? -4.658  6.531   -17.347 1.00 50.42 ? 241 ARG A CB  1 
ATOM   1175 C CG  . ARG A 1 148 ? -3.943  5.433   -18.138 1.00 58.26 ? 241 ARG A CG  1 
ATOM   1176 N N   . ARG A 1 149 ? -4.896  8.966   -15.267 0.50 58.88 ? 242 ARG A N   1 
ATOM   1177 C CA  . ARG A 1 149 ? -5.772  9.864   -14.502 0.50 61.23 ? 242 ARG A CA  1 
ATOM   1178 C C   . ARG A 1 149 ? -5.337  11.324  -14.495 0.50 65.07 ? 242 ARG A C   1 
ATOM   1179 O O   . ARG A 1 149 ? -6.183  12.213  -14.596 0.50 70.52 ? 242 ARG A O   1 
ATOM   1180 C CB  . ARG A 1 149 ? -5.869  9.392   -13.056 0.50 63.37 ? 242 ARG A CB  1 
ATOM   1181 C CG  . ARG A 1 149 ? -6.327  10.476  -12.091 0.50 62.89 ? 242 ARG A CG  1 
ATOM   1182 C CD  . ARG A 1 149 ? -7.752  10.901  -12.358 0.50 62.59 ? 242 ARG A CD  1 
ATOM   1183 N NE  . ARG A 1 149 ? -8.628  9.761   -12.601 0.50 62.42 ? 242 ARG A NE  1 
ATOM   1184 C CZ  . ARG A 1 149 ? -9.495  9.290   -11.718 0.50 58.72 ? 242 ARG A CZ  1 
ATOM   1185 N NH1 . ARG A 1 149 ? -10.255 8.247   -12.031 0.50 61.57 ? 242 ARG A NH1 1 
ATOM   1186 N NH2 . ARG A 1 149 ? -9.601  9.868   -10.527 0.50 54.24 ? 242 ARG A NH2 1 
ATOM   1187 N N   . PHE A 1 150 ? -4.032  11.567  -14.371 1.00 66.53 ? 243 PHE A N   1 
ATOM   1188 C CA  . PHE A 1 150 ? -3.468  12.934  -14.324 1.00 60.02 ? 243 PHE A CA  1 
ATOM   1189 C C   . PHE A 1 150 ? -2.650  13.289  -15.562 1.00 74.04 ? 243 PHE A C   1 
ATOM   1190 O O   . PHE A 1 150 ? -2.966  14.259  -16.249 1.00 92.63 ? 243 PHE A O   1 
ATOM   1191 C CB  . PHE A 1 150 ? -2.592  13.117  -13.076 1.00 55.94 ? 243 PHE A CB  1 
ATOM   1192 C CG  . PHE A 1 150 ? -3.344  12.950  -11.777 1.00 64.61 ? 243 PHE A CG  1 
ATOM   1193 C CD1 . PHE A 1 150 ? -4.057  14.005  -11.216 1.00 66.05 ? 243 PHE A CD1 1 
ATOM   1194 C CD2 . PHE A 1 150 ? -3.372  11.741  -11.119 1.00 54.32 ? 243 PHE A CD2 1 
ATOM   1195 C CE1 . PHE A 1 150 ? -4.757  13.852  -10.018 1.00 68.92 ? 243 PHE A CE1 1 
ATOM   1196 C CE2 . PHE A 1 150 ? -4.095  11.581  -9.940  1.00 58.25 ? 243 PHE A CE2 1 
ATOM   1197 C CZ  . PHE A 1 150 ? -4.792  12.630  -9.382  1.00 60.38 ? 243 PHE A CZ  1 
ATOM   1198 N N   . GLY A 1 151 ? -1.575  12.539  -15.819 1.00 88.54 ? 244 GLY A N   1 
ATOM   1199 C CA  . GLY A 1 151 ? -0.650  12.806  -16.940 1.00 78.58 ? 244 GLY A CA  1 
ATOM   1200 C C   . GLY A 1 151 ? 0.116   14.104  -16.769 1.00 83.21 ? 244 GLY A C   1 
ATOM   1201 O O   . GLY A 1 151 ? 1.233   14.252  -17.261 1.00 90.49 ? 244 GLY A O   1 
HETATM 1202 C C1  . EDO B 2 .   ? -12.412 4.229   10.338  1.00 64.95 ? 301 EDO A C1  1 
HETATM 1203 O O1  . EDO B 2 .   ? -11.847 4.708   11.579  1.00 68.54 ? 301 EDO A O1  1 
HETATM 1204 C C2  . EDO B 2 .   ? -12.690 5.473   9.490   1.00 66.89 ? 301 EDO A C2  1 
HETATM 1205 O O2  . EDO B 2 .   ? -13.976 5.430   8.860   1.00 65.73 ? 301 EDO A O2  1 
HETATM 1206 C C1  . EDO C 2 .   ? 14.924  -7.263  3.324   1.00 55.84 ? 302 EDO A C1  1 
HETATM 1207 O O1  . EDO C 2 .   ? 13.848  -8.060  2.745   1.00 57.64 ? 302 EDO A O1  1 
HETATM 1208 C C2  . EDO C 2 .   ? 16.256  -7.318  2.581   1.00 58.50 ? 302 EDO A C2  1 
HETATM 1209 O O2  . EDO C 2 .   ? 16.458  -6.221  1.652   1.00 67.58 ? 302 EDO A O2  1 
HETATM 1210 S S   . DMS D 3 .   ? 9.802   12.060  1.048   1.00 70.87 ? 303 DMS A S   1 
HETATM 1211 O O   . DMS D 3 .   ? 9.986   10.768  0.384   1.00 52.74 ? 303 DMS A O   1 
HETATM 1212 C C1  . DMS D 3 .   ? 10.997  12.199  2.261   1.00 63.06 ? 303 DMS A C1  1 
HETATM 1213 C C2  . DMS D 3 .   ? 10.243  13.242  -0.111  1.00 65.23 ? 303 DMS A C2  1 
HETATM 1214 C C   . ACT E 4 .   ? 12.801  -8.939  11.326  1.00 50.91 ? 304 ACT A C   1 
HETATM 1215 O O   . ACT E 4 .   ? 11.980  -9.888  11.289  1.00 61.65 ? 304 ACT A O   1 
HETATM 1216 O OXT . ACT E 4 .   ? 12.350  -7.814  11.242  1.00 59.99 ? 304 ACT A OXT 1 
HETATM 1217 C CH3 . ACT E 4 .   ? 14.297  -9.126  11.551  1.00 57.49 ? 304 ACT A CH3 1 
HETATM 1218 C C   . ACT F 4 .   ? 11.124  -10.768 0.772   1.00 46.75 ? 305 ACT A C   1 
HETATM 1219 O O   . ACT F 4 .   ? 11.719  -10.124 -0.100  1.00 40.50 ? 305 ACT A O   1 
HETATM 1220 O OXT . ACT F 4 .   ? 11.170  -10.327 1.959   1.00 75.08 ? 305 ACT A OXT 1 
HETATM 1221 C CH3 . ACT F 4 .   ? 10.467  -12.093 0.475   1.00 54.64 ? 305 ACT A CH3 1 
HETATM 1222 N N1  . LEJ G 5 .   ? 5.553   -9.327  4.263   0.46 56.46 ? 306 LEJ A N1  1 
HETATM 1223 N N3  . LEJ G 5 .   ? 3.836   -5.677  5.234   0.46 55.80 ? 306 LEJ A N3  1 
HETATM 1224 C C4  . LEJ G 5 .   ? 3.878   -8.012  4.639   0.46 61.24 ? 306 LEJ A C4  1 
HETATM 1225 C C5  . LEJ G 5 .   ? 3.123   -6.747  4.847   0.46 61.10 ? 306 LEJ A C5  1 
HETATM 1226 C C6  . LEJ G 5 .   ? 3.233   -4.356  5.388   0.46 53.84 ? 306 LEJ A C6  1 
HETATM 1227 C C7  . LEJ G 5 .   ? 2.189   -4.308  6.479   0.46 49.62 ? 306 LEJ A C7  1 
HETATM 1228 C C8  . LEJ G 5 .   ? 0.867   -4.002  6.195   0.46 49.19 ? 306 LEJ A C8  1 
HETATM 1229 C C10 . LEJ G 5 .   ? 0.305   -4.226  8.484   0.46 47.89 ? 306 LEJ A C10 1 
HETATM 1230 C C1  . LEJ G 5 .   ? 6.948   -9.693  4.058   0.46 56.83 ? 306 LEJ A C1  1 
HETATM 1231 C C11 . LEJ G 5 .   ? 1.593   -4.533  8.810   0.46 46.77 ? 306 LEJ A C11 1 
HETATM 1232 C C12 . LEJ G 5 .   ? 2.533   -4.566  7.793   0.46 48.39 ? 306 LEJ A C12 1 
HETATM 1233 C C2  . LEJ G 5 .   ? 4.457   -10.127 4.302   0.46 56.94 ? 306 LEJ A C2  1 
HETATM 1234 C C3  . LEJ G 5 .   ? 3.382   -9.320  4.534   0.46 56.39 ? 306 LEJ A C3  1 
HETATM 1235 C C9  . LEJ G 5 .   ? -0.090  -3.965  7.199   0.46 49.11 ? 306 LEJ A C9  1 
HETATM 1236 F F1  . LEJ G 5 .   ? 7.498   -8.913  3.127   0.46 54.50 ? 306 LEJ A F1  1 
HETATM 1237 F F2  . LEJ G 5 .   ? 7.667   -9.504  5.171   0.46 56.13 ? 306 LEJ A F2  1 
HETATM 1238 F F3  . LEJ G 5 .   ? -0.624  -4.198  9.482   0.46 45.49 ? 306 LEJ A F3  1 
HETATM 1239 N N2  . LEJ G 5 .   ? 5.208   -8.025  4.465   0.46 60.79 ? 306 LEJ A N2  1 
HETATM 1240 O O1  . LEJ G 5 .   ? 1.903   -6.695  4.619   0.46 65.16 ? 306 LEJ A O1  1 
HETATM 1241 O O   . HOH H 6 .   ? 6.223   -0.528  17.231  1.00 47.16 ? 401 HOH A O   1 
HETATM 1242 O O   . HOH H 6 .   ? 15.890  -4.218  0.346   1.00 37.11 ? 402 HOH A O   1 
HETATM 1243 O O   . HOH H 6 .   ? 3.861   13.114  7.479   1.00 46.63 ? 403 HOH A O   1 
HETATM 1244 O O   . HOH H 6 .   ? -19.455 -2.013  6.357   1.00 43.03 ? 404 HOH A O   1 
HETATM 1245 O O   . HOH H 6 .   ? -4.759  -3.072  11.056  1.00 50.26 ? 405 HOH A O   1 
HETATM 1246 O O   . HOH H 6 .   ? 4.009   10.484  -9.758  1.00 44.21 ? 406 HOH A O   1 
HETATM 1247 O O   . HOH H 6 .   ? -15.640 9.431   0.120   1.00 45.00 ? 407 HOH A O   1 
HETATM 1248 O O   . HOH H 6 .   ? -15.030 -8.303  0.372   1.00 45.10 ? 408 HOH A O   1 
HETATM 1249 O O   . HOH H 6 .   ? -9.779  2.773   -10.917 1.00 45.60 ? 409 HOH A O   1 
HETATM 1250 O O   . HOH H 6 .   ? 10.110  -4.735  10.920  1.00 29.75 ? 410 HOH A O   1 
HETATM 1251 O O   . HOH H 6 .   ? 18.639  -8.127  -1.310  1.00 48.71 ? 411 HOH A O   1 
HETATM 1252 O O   . HOH H 6 .   ? -16.322 14.630  8.052   1.00 50.08 ? 412 HOH A O   1 
HETATM 1253 O O   . HOH H 6 .   ? 2.318   -18.371 -6.854  1.00 44.03 ? 413 HOH A O   1 
HETATM 1254 O O   . HOH H 6 .   ? 10.445  -8.027  13.080  1.00 37.30 ? 414 HOH A O   1 
HETATM 1255 O O   . HOH H 6 .   ? -15.524 0.785   -4.433  1.00 40.88 ? 415 HOH A O   1 
HETATM 1256 O O   . HOH H 6 .   ? 1.512   -6.493  -10.448 1.00 36.49 ? 416 HOH A O   1 
HETATM 1257 O O   . HOH H 6 .   ? -10.491 -17.342 -4.604  1.00 60.14 ? 417 HOH A O   1 
HETATM 1258 O O   . HOH H 6 .   ? -7.339  0.033   -11.374 1.00 45.78 ? 418 HOH A O   1 
HETATM 1259 O O   . HOH H 6 .   ? 10.716  17.371  -7.295  1.00 43.53 ? 419 HOH A O   1 
HETATM 1260 O O   . HOH H 6 .   ? 11.923  1.859   10.366  1.00 36.68 ? 420 HOH A O   1 
HETATM 1261 O O   . HOH H 6 .   ? -16.196 -1.416  9.476   1.00 57.12 ? 421 HOH A O   1 
HETATM 1262 O O   . HOH H 6 .   ? 9.947   12.263  -4.067  1.00 45.96 ? 422 HOH A O   1 
HETATM 1263 O O   . HOH H 6 .   ? 23.980  -22.654 -11.165 1.00 33.17 ? 423 HOH A O   1 
HETATM 1264 O O   . HOH H 6 .   ? 11.380  7.260   3.457   1.00 37.25 ? 424 HOH A O   1 
HETATM 1265 O O   . HOH H 6 .   ? -3.173  0.593   -13.595 1.00 37.36 ? 425 HOH A O   1 
HETATM 1266 O O   . HOH H 6 .   ? -14.449 2.015   8.580   1.00 38.25 ? 426 HOH A O   1 
HETATM 1267 O O   . HOH H 6 .   ? -17.828 10.274  4.660   1.00 60.51 ? 427 HOH A O   1 
HETATM 1268 O O   . HOH H 6 .   ? 8.729   18.308  -4.311  1.00 52.61 ? 428 HOH A O   1 
HETATM 1269 O O   . HOH H 6 .   ? -15.686 -4.218  11.201  1.00 55.96 ? 429 HOH A O   1 
HETATM 1270 O O   . HOH H 6 .   ? 1.672   -7.625  -2.004  1.00 50.05 ? 430 HOH A O   1 
HETATM 1271 O O   . HOH H 6 .   ? -8.664  5.580   7.151   1.00 31.03 ? 431 HOH A O   1 
HETATM 1272 O O   . HOH H 6 .   ? 0.917   -4.348  2.649   1.00 30.97 ? 432 HOH A O   1 
HETATM 1273 O O   . HOH H 6 .   ? -0.655  4.410   1.462   1.00 22.93 ? 433 HOH A O   1 
HETATM 1274 O O   . HOH H 6 .   ? 3.154   4.748   -16.546 1.00 60.27 ? 434 HOH A O   1 
HETATM 1275 O O   . HOH H 6 .   ? 7.466   -5.686  1.920   1.00 29.34 ? 435 HOH A O   1 
HETATM 1276 O O   . HOH H 6 .   ? -14.182 -12.102 6.486   1.00 54.30 ? 436 HOH A O   1 
HETATM 1277 O O   . HOH H 6 .   ? -9.382  10.172  -3.380  1.00 26.53 ? 437 HOH A O   1 
HETATM 1278 O O   . HOH H 6 .   ? 17.720  -15.332 -10.353 1.00 37.42 ? 438 HOH A O   1 
HETATM 1279 O O   . HOH H 6 .   ? 15.943  3.421   -6.171  1.00 51.71 ? 439 HOH A O   1 
HETATM 1280 O O   . HOH H 6 .   ? -8.942  12.602  7.909   1.00 35.21 ? 440 HOH A O   1 
HETATM 1281 O O   . HOH H 6 .   ? 4.870   -3.374  -10.214 1.00 30.00 ? 441 HOH A O   1 
HETATM 1282 O O   . HOH H 6 .   ? -10.177 6.292   -3.656  1.00 25.25 ? 442 HOH A O   1 
HETATM 1283 O O   . HOH H 6 .   ? 6.753   -8.760  -4.781  1.00 48.44 ? 443 HOH A O   1 
HETATM 1284 O O   . HOH H 6 .   ? 11.841  -14.954 -2.597  1.00 54.91 ? 444 HOH A O   1 
HETATM 1285 O O   . HOH H 6 .   ? 14.596  -4.141  -7.990  1.00 48.86 ? 445 HOH A O   1 
HETATM 1286 O O   . HOH H 6 .   ? -15.482 -10.670 10.943  1.00 53.30 ? 446 HOH A O   1 
HETATM 1287 O O   . HOH H 6 .   ? -8.789  9.145   -5.888  1.00 31.28 ? 447 HOH A O   1 
HETATM 1288 O O   . HOH H 6 .   ? 8.327   9.982   -7.593  1.00 31.82 ? 448 HOH A O   1 
HETATM 1289 O O   . HOH H 6 .   ? -12.064 11.235  6.310   1.00 33.42 ? 449 HOH A O   1 
HETATM 1290 O O   . HOH H 6 .   ? -17.600 -0.544  -0.742  1.00 45.71 ? 450 HOH A O   1 
HETATM 1291 O O   . HOH H 6 .   ? 3.846   14.798  -10.158 1.00 46.56 ? 451 HOH A O   1 
HETATM 1292 O O   . HOH H 6 .   ? -9.694  -12.949 -1.820  1.00 45.44 ? 452 HOH A O   1 
HETATM 1293 O O   . HOH H 6 .   ? -3.826  15.964  6.451   1.00 51.12 ? 453 HOH A O   1 
HETATM 1294 O O   . HOH H 6 .   ? 13.709  0.373   6.241   1.00 33.33 ? 454 HOH A O   1 
HETATM 1295 O O   . HOH H 6 .   ? -15.935 6.223   2.929   1.00 45.71 ? 455 HOH A O   1 
HETATM 1296 O O   . HOH H 6 .   ? -7.400  -2.667  -10.593 1.00 46.50 ? 456 HOH A O   1 
HETATM 1297 O O   . HOH H 6 .   ? 9.062   15.196  -2.850  1.00 59.12 ? 457 HOH A O   1 
HETATM 1298 O O   . HOH H 6 .   ? 12.872  -16.390 -5.010  1.00 41.47 ? 458 HOH A O   1 
HETATM 1299 O O   . HOH H 6 .   ? 12.896  2.749   -9.529  1.00 39.53 ? 459 HOH A O   1 
HETATM 1300 O O   . HOH H 6 .   ? -17.088 7.665   -4.400  1.00 42.58 ? 460 HOH A O   1 
HETATM 1301 O O   . HOH H 6 .   ? 0.386   -2.006  -14.871 1.00 58.67 ? 461 HOH A O   1 
HETATM 1302 O O   . HOH H 6 .   ? 3.097   7.859   -13.417 1.00 36.21 ? 462 HOH A O   1 
HETATM 1303 O O   . HOH H 6 .   ? -15.007 4.368   4.098   1.00 42.59 ? 463 HOH A O   1 
HETATM 1304 O O   . HOH H 6 .   ? 8.405   10.064  5.860   1.00 34.75 ? 464 HOH A O   1 
HETATM 1305 O O   . HOH H 6 .   ? 13.654  3.503   7.724   1.00 55.43 ? 465 HOH A O   1 
HETATM 1306 O O   . HOH H 6 .   ? -2.159  -3.611  12.291  1.00 49.44 ? 466 HOH A O   1 
HETATM 1307 O O   . HOH H 6 .   ? -4.166  -9.568  -10.500 1.00 42.94 ? 467 HOH A O   1 
HETATM 1308 O O   . HOH H 6 .   ? 6.796   -7.172  -10.097 1.00 59.70 ? 468 HOH A O   1 
HETATM 1309 O O   . HOH H 6 .   ? -15.755 4.329   6.832   1.00 51.02 ? 469 HOH A O   1 
HETATM 1310 O O   . HOH H 6 .   ? -5.452  -8.330  8.339   1.00 45.07 ? 470 HOH A O   1 
HETATM 1311 O O   . HOH H 6 .   ? -1.007  4.600   -18.516 1.00 55.79 ? 471 HOH A O   1 
HETATM 1312 O O   . HOH H 6 .   ? -7.492  11.737  10.020  1.00 35.13 ? 472 HOH A O   1 
HETATM 1313 O O   . HOH H 6 .   ? 1.292   -3.586  0.011   1.00 28.43 ? 473 HOH A O   1 
HETATM 1314 O O   . HOH H 6 .   ? 12.205  7.598   -1.139  1.00 26.99 ? 474 HOH A O   1 
HETATM 1315 O O   . HOH H 6 .   ? 17.247  -8.210  -11.845 1.00 65.86 ? 475 HOH A O   1 
HETATM 1316 O O   . HOH H 6 .   ? 12.146  -3.742  6.285   1.00 51.38 ? 476 HOH A O   1 
HETATM 1317 O O   . HOH H 6 .   ? 0.331   18.682  10.669  1.00 55.38 ? 477 HOH A O   1 
HETATM 1318 O O   . HOH H 6 .   ? -1.797  16.063  11.199  1.00 48.02 ? 478 HOH A O   1 
HETATM 1319 O O   . HOH H 6 .   ? -8.129  -15.287 -14.414 1.00 33.98 ? 479 HOH A O   1 
HETATM 1320 O O   . HOH H 6 .   ? -4.209  -3.523  -11.294 1.00 57.50 ? 480 HOH A O   1 
HETATM 1321 O O   . HOH H 6 .   ? 13.548  3.538   -2.194  1.00 45.73 ? 481 HOH A O   1 
HETATM 1322 O O   . HOH H 6 .   ? -11.859 0.396   -11.775 1.00 63.97 ? 482 HOH A O   1 
HETATM 1323 O O   . HOH H 6 .   ? -2.172  -1.335  -15.137 1.00 49.69 ? 483 HOH A O   1 
HETATM 1324 O O   . HOH H 6 .   ? -5.071  13.051  10.730  1.00 49.51 ? 484 HOH A O   1 
HETATM 1325 O O   . HOH H 6 .   ? -4.538  -0.762  -12.504 1.00 50.36 ? 485 HOH A O   1 
HETATM 1326 O O   . HOH H 6 .   ? -9.232  11.572  12.381  1.00 45.39 ? 486 HOH A O   1 
# 
